data_9GZR
#
_entry.id   9GZR
#
_cell.length_a   1.00
_cell.length_b   1.00
_cell.length_c   1.00
_cell.angle_alpha   90.00
_cell.angle_beta   90.00
_cell.angle_gamma   90.00
#
_symmetry.space_group_name_H-M   'P 1'
#
_entity_poly.entity_id   1
_entity_poly.type   'polypeptide(L)'
_entity_poly.pdbx_seq_one_letter_code
;MNAHAPSVAPASATVDASLEKLERKPVLVASRDLPALAVIGRDDLSVELLRTAPVGSYDRPEALLGKRVWVAVPAGSILS
AATLEPGGPLARTIRPDERAMAIAVDEVVGGGGFVLPGDYVDVMLFVRDERDGESTPLAQLVLPGVRVLTYGERIAVGSD
GQDRSNQEKDPRPPRTAVLAVPEDGVARLMLASQAGSLRLAIRSKDEELYRREQEGALLQASLGAPSAALSLDQLLERRK
PTAPSVRSAAPRVPVANGVTVYRGSAMTHEAPLEHHHHHH
;
_entity_poly.pdbx_strand_id   A,B,C,D,E,F,G,H,I,J,K,L
#
# COMPACT_ATOMS: atom_id res chain seq x y z
N LYS A 25 -43.74 26.89 36.43
CA LYS A 25 -43.72 27.89 37.50
C LYS A 25 -43.53 27.30 38.91
N PRO A 26 -44.36 26.34 39.32
CA PRO A 26 -44.26 25.85 40.71
C PRO A 26 -42.95 25.10 40.95
N VAL A 27 -42.31 25.43 42.08
CA VAL A 27 -41.02 24.87 42.45
C VAL A 27 -41.03 24.55 43.94
N LEU A 28 -40.39 23.46 44.31
CA LEU A 28 -40.37 22.97 45.68
C LEU A 28 -39.08 23.40 46.36
N VAL A 29 -39.21 23.95 47.58
CA VAL A 29 -38.08 24.41 48.36
C VAL A 29 -38.16 23.81 49.76
N ALA A 30 -37.05 23.92 50.49
CA ALA A 30 -36.99 23.44 51.86
C ALA A 30 -37.37 24.56 52.83
N SER A 31 -38.05 24.18 53.91
CA SER A 31 -38.50 25.12 54.91
C SER A 31 -37.63 25.15 56.16
N ARG A 32 -36.84 24.10 56.40
CA ARG A 32 -35.98 24.04 57.56
C ARG A 32 -34.66 23.39 57.15
N ASP A 33 -33.66 23.53 58.02
CA ASP A 33 -32.38 22.89 57.79
C ASP A 33 -32.51 21.38 57.88
N LEU A 34 -32.33 20.71 56.75
CA LEU A 34 -32.44 19.26 56.69
C LEU A 34 -31.05 18.64 56.82
N PRO A 35 -30.79 17.87 57.85
CA PRO A 35 -29.47 17.26 58.03
C PRO A 35 -29.28 16.11 57.04
N ALA A 36 -28.07 15.55 57.04
CA ALA A 36 -27.75 14.45 56.15
C ALA A 36 -28.49 13.17 56.57
N LEU A 37 -28.90 12.39 55.57
CA LEU A 37 -29.57 11.11 55.77
C LEU A 37 -30.85 11.29 56.59
N ALA A 38 -31.77 12.07 56.04
CA ALA A 38 -33.04 12.36 56.69
C ALA A 38 -34.17 12.17 55.70
N VAL A 39 -35.26 11.54 56.16
CA VAL A 39 -36.42 11.37 55.30
C VAL A 39 -37.23 12.66 55.26
N ILE A 40 -38.06 12.78 54.23
CA ILE A 40 -38.75 14.03 53.91
C ILE A 40 -40.22 13.88 54.28
N GLY A 41 -40.72 14.81 55.09
CA GLY A 41 -42.13 14.88 55.40
C GLY A 41 -42.79 16.12 54.81
N ARG A 42 -44.06 16.30 55.13
CA ARG A 42 -44.81 17.44 54.62
C ARG A 42 -44.43 18.74 55.32
N ASP A 43 -43.86 18.65 56.53
CA ASP A 43 -43.48 19.86 57.25
C ASP A 43 -42.21 20.47 56.69
N ASP A 44 -41.33 19.67 56.10
CA ASP A 44 -40.03 20.16 55.67
C ASP A 44 -40.10 20.90 54.34
N LEU A 45 -41.18 20.75 53.60
CA LEU A 45 -41.26 21.29 52.24
C LEU A 45 -42.14 22.53 52.18
N SER A 46 -41.94 23.30 51.11
CA SER A 46 -42.76 24.45 50.78
C SER A 46 -42.80 24.59 49.26
N VAL A 47 -43.79 25.32 48.77
CA VAL A 47 -43.98 25.52 47.34
C VAL A 47 -43.89 27.02 47.06
N GLU A 48 -43.06 27.39 46.10
CA GLU A 48 -42.92 28.78 45.66
C GLU A 48 -43.03 28.84 44.14
N LEU A 49 -43.73 29.86 43.65
CA LEU A 49 -43.96 30.03 42.22
C LEU A 49 -42.88 30.96 41.68
N LEU A 50 -42.04 30.43 40.80
CA LEU A 50 -40.94 31.16 40.19
C LEU A 50 -41.16 31.28 38.69
N ARG A 51 -40.59 32.34 38.12
CA ARG A 51 -40.74 32.57 36.68
C ARG A 51 -40.07 31.46 35.87
N THR A 52 -38.88 31.04 36.29
CA THR A 52 -38.14 29.98 35.62
C THR A 52 -37.87 28.83 36.58
N ALA A 53 -38.18 27.61 36.13
CA ALA A 53 -37.98 26.41 36.93
C ALA A 53 -36.68 25.73 36.53
N PRO A 54 -35.72 25.60 37.43
CA PRO A 54 -34.44 24.99 37.05
C PRO A 54 -34.58 23.51 36.71
N VAL A 55 -33.62 23.02 35.93
CA VAL A 55 -33.58 21.60 35.60
C VAL A 55 -33.27 20.80 36.86
N GLY A 56 -34.09 19.79 37.13
CA GLY A 56 -33.98 19.00 38.34
C GLY A 56 -35.00 19.33 39.40
N SER A 57 -35.81 20.37 39.20
CA SER A 57 -36.81 20.76 40.17
C SER A 57 -37.98 19.80 40.15
N TYR A 58 -38.73 19.76 41.25
CA TYR A 58 -39.91 18.92 41.41
C TYR A 58 -41.12 19.82 41.62
N ASP A 59 -42.23 19.48 40.97
CA ASP A 59 -43.38 20.39 40.93
C ASP A 59 -44.34 20.14 42.08
N ARG A 60 -44.58 18.88 42.44
CA ARG A 60 -45.59 18.61 43.45
C ARG A 60 -44.99 18.03 44.72
N PRO A 61 -45.59 18.29 45.88
CA PRO A 61 -45.01 17.80 47.14
C PRO A 61 -44.93 16.29 47.23
N GLU A 62 -45.89 15.56 46.66
CA GLU A 62 -45.90 14.11 46.79
C GLU A 62 -44.80 13.43 46.00
N ALA A 63 -44.09 14.18 45.14
CA ALA A 63 -43.00 13.59 44.38
C ALA A 63 -41.79 13.32 45.23
N LEU A 64 -41.69 13.96 46.40
CA LEU A 64 -40.51 13.81 47.26
C LEU A 64 -40.85 13.26 48.64
N LEU A 65 -42.09 12.82 48.87
CA LEU A 65 -42.45 12.28 50.17
C LEU A 65 -41.93 10.86 50.33
N GLY A 66 -41.16 10.63 51.39
CA GLY A 66 -40.57 9.34 51.67
C GLY A 66 -39.13 9.20 51.18
N LYS A 67 -38.69 10.08 50.30
CA LYS A 67 -37.32 10.02 49.81
C LYS A 67 -36.36 10.56 50.86
N ARG A 68 -35.07 10.36 50.61
CA ARG A 68 -34.02 10.70 51.56
C ARG A 68 -33.03 11.65 50.89
N VAL A 69 -32.59 12.66 51.64
CA VAL A 69 -31.57 13.57 51.17
C VAL A 69 -30.21 13.08 51.64
N TRP A 70 -29.25 13.01 50.72
CA TRP A 70 -27.95 12.44 51.01
C TRP A 70 -26.87 13.48 51.26
N VAL A 71 -27.21 14.77 51.15
CA VAL A 71 -26.34 15.86 51.58
C VAL A 71 -27.19 16.88 52.32
N ALA A 72 -26.55 17.69 53.15
CA ALA A 72 -27.28 18.67 53.94
C ALA A 72 -27.87 19.75 53.05
N VAL A 73 -29.14 20.06 53.28
CA VAL A 73 -29.87 21.06 52.50
C VAL A 73 -30.21 22.24 53.41
N PRO A 74 -29.58 23.40 53.26
CA PRO A 74 -29.93 24.55 54.08
C PRO A 74 -31.32 25.09 53.74
N ALA A 75 -31.84 25.92 54.63
CA ALA A 75 -33.20 26.42 54.53
C ALA A 75 -33.36 27.34 53.33
N GLY A 76 -34.52 27.24 52.68
CA GLY A 76 -34.85 28.08 51.55
C GLY A 76 -34.29 27.59 50.23
N SER A 77 -33.53 26.50 50.23
CA SER A 77 -32.86 26.04 49.02
C SER A 77 -33.83 25.31 48.09
N ILE A 78 -33.64 25.49 46.79
CA ILE A 78 -34.38 24.71 45.81
C ILE A 78 -33.90 23.27 45.84
N LEU A 79 -34.85 22.34 45.94
CA LEU A 79 -34.54 20.93 46.14
C LEU A 79 -34.31 20.27 44.78
N SER A 80 -33.10 19.80 44.55
CA SER A 80 -32.73 19.10 43.31
C SER A 80 -31.36 18.48 43.51
N ALA A 81 -31.24 17.24 43.04
CA ALA A 81 -29.97 16.51 42.97
C ALA A 81 -29.43 16.15 44.35
N ALA A 82 -30.09 16.62 45.41
CA ALA A 82 -29.74 16.15 46.75
C ALA A 82 -30.57 14.94 47.13
N THR A 83 -31.53 14.56 46.28
CA THR A 83 -32.39 13.42 46.50
C THR A 83 -32.04 12.23 45.61
N LEU A 84 -30.77 12.10 45.24
CA LEU A 84 -30.34 11.05 44.31
C LEU A 84 -29.38 10.11 45.02
N GLU A 85 -29.63 8.83 44.89
CA GLU A 85 -28.77 7.81 45.50
C GLU A 85 -27.37 7.84 44.87
N PRO A 86 -26.32 7.93 45.67
CA PRO A 86 -24.97 7.71 45.15
C PRO A 86 -24.65 6.21 45.13
N GLY A 87 -24.38 5.68 43.96
CA GLY A 87 -24.02 4.28 43.85
C GLY A 87 -24.36 3.73 42.47
N GLY A 88 -24.02 2.46 42.30
CA GLY A 88 -24.30 1.74 41.08
C GLY A 88 -25.01 0.44 41.33
N PRO A 89 -25.38 -0.27 40.25
CA PRO A 89 -26.12 -1.52 40.42
C PRO A 89 -25.29 -2.65 41.00
N LEU A 90 -24.03 -2.80 40.57
CA LEU A 90 -23.22 -3.96 40.96
C LEU A 90 -23.10 -4.08 42.47
N ALA A 91 -22.90 -2.97 43.17
CA ALA A 91 -22.73 -2.99 44.62
C ALA A 91 -23.94 -3.52 45.35
N ARG A 92 -25.10 -3.59 44.70
CA ARG A 92 -26.29 -4.12 45.33
C ARG A 92 -26.44 -5.62 45.16
N THR A 93 -25.50 -6.29 44.50
CA THR A 93 -25.63 -7.71 44.19
C THR A 93 -24.62 -8.59 44.91
N ILE A 94 -23.80 -8.03 45.80
CA ILE A 94 -22.76 -8.78 46.47
C ILE A 94 -22.89 -8.58 47.98
N ARG A 95 -21.98 -9.24 48.71
CA ARG A 95 -21.98 -9.26 50.17
C ARG A 95 -20.68 -8.63 50.68
N PRO A 96 -20.61 -8.28 51.96
CA PRO A 96 -19.38 -7.65 52.48
C PRO A 96 -18.12 -8.48 52.34
N ASP A 97 -18.23 -9.79 52.19
CA ASP A 97 -17.07 -10.66 52.07
C ASP A 97 -16.74 -11.00 50.63
N GLU A 98 -17.35 -10.33 49.66
CA GLU A 98 -17.09 -10.57 48.24
C GLU A 98 -16.79 -9.26 47.54
N ARG A 99 -16.23 -9.39 46.33
CA ARG A 99 -15.95 -8.26 45.45
C ARG A 99 -16.47 -8.59 44.06
N ALA A 100 -16.54 -7.57 43.21
CA ALA A 100 -16.96 -7.74 41.82
C ALA A 100 -15.80 -7.39 40.90
N MET A 101 -15.44 -8.31 40.00
CA MET A 101 -14.36 -8.06 39.05
C MET A 101 -14.79 -8.52 37.67
N ALA A 102 -14.33 -7.81 36.64
CA ALA A 102 -14.65 -8.18 35.27
C ALA A 102 -13.47 -8.89 34.59
N ILE A 103 -13.81 -9.84 33.72
CA ILE A 103 -12.84 -10.56 32.92
C ILE A 103 -13.28 -10.52 31.47
N ALA A 104 -12.32 -10.69 30.56
CA ALA A 104 -12.59 -10.63 29.14
C ALA A 104 -13.00 -12.01 28.61
N VAL A 105 -14.06 -12.02 27.79
CA VAL A 105 -14.64 -13.27 27.32
C VAL A 105 -14.81 -13.21 25.81
N ASP A 106 -14.80 -14.39 25.19
CA ASP A 106 -15.26 -14.62 23.83
C ASP A 106 -16.19 -15.83 23.84
N GLU A 107 -16.52 -16.33 22.66
CA GLU A 107 -17.42 -17.47 22.58
C GLU A 107 -16.78 -18.75 23.13
N VAL A 108 -15.48 -18.92 22.92
CA VAL A 108 -14.80 -20.12 23.42
C VAL A 108 -14.73 -20.09 24.95
N VAL A 109 -14.44 -18.91 25.52
CA VAL A 109 -14.31 -18.81 26.97
C VAL A 109 -15.64 -19.02 27.67
N GLY A 110 -16.73 -18.47 27.13
CA GLY A 110 -17.99 -18.47 27.83
C GLY A 110 -19.04 -19.43 27.31
N GLY A 111 -18.62 -20.65 26.96
CA GLY A 111 -19.55 -21.71 26.63
C GLY A 111 -20.43 -21.45 25.43
N GLY A 112 -19.88 -20.85 24.38
CA GLY A 112 -20.63 -20.63 23.15
C GLY A 112 -21.83 -19.72 23.30
N GLY A 113 -21.77 -18.75 24.20
CA GLY A 113 -22.86 -17.81 24.35
C GLY A 113 -24.10 -18.37 25.00
N PHE A 114 -23.98 -19.46 25.75
CA PHE A 114 -25.12 -20.04 26.47
C PHE A 114 -25.01 -19.84 27.97
N VAL A 115 -24.24 -18.84 28.41
CA VAL A 115 -24.05 -18.53 29.82
C VAL A 115 -24.87 -17.29 30.15
N LEU A 116 -25.69 -17.39 31.19
CA LEU A 116 -26.54 -16.31 31.65
C LEU A 116 -26.17 -15.92 33.08
N PRO A 117 -26.52 -14.70 33.50
CA PRO A 117 -26.37 -14.35 34.92
C PRO A 117 -27.18 -15.28 35.80
N GLY A 118 -26.62 -15.62 36.95
CA GLY A 118 -27.19 -16.59 37.87
C GLY A 118 -26.51 -17.95 37.81
N ASP A 119 -25.68 -18.18 36.80
CA ASP A 119 -24.95 -19.43 36.67
C ASP A 119 -23.73 -19.45 37.58
N TYR A 120 -23.23 -20.66 37.83
CA TYR A 120 -22.03 -20.88 38.62
C TYR A 120 -20.99 -21.55 37.75
N VAL A 121 -19.74 -21.09 37.84
CA VAL A 121 -18.69 -21.49 36.93
C VAL A 121 -17.42 -21.84 37.71
N ASP A 122 -16.56 -22.60 37.07
CA ASP A 122 -15.21 -22.88 37.51
C ASP A 122 -14.24 -22.23 36.53
N VAL A 123 -13.18 -21.61 37.07
CA VAL A 123 -12.22 -20.88 36.26
C VAL A 123 -10.98 -21.74 36.09
N MET A 124 -10.58 -21.99 34.84
CA MET A 124 -9.40 -22.77 34.52
C MET A 124 -8.39 -21.90 33.79
N LEU A 125 -7.12 -22.20 34.01
CA LEU A 125 -6.01 -21.39 33.52
C LEU A 125 -5.03 -22.23 32.74
N PHE A 126 -4.58 -21.72 31.60
CA PHE A 126 -3.47 -22.29 30.85
C PHE A 126 -2.34 -21.27 30.82
N VAL A 127 -1.15 -21.69 31.25
CA VAL A 127 0.01 -20.82 31.30
C VAL A 127 1.24 -21.60 30.82
N ARG A 128 2.19 -20.87 30.24
CA ARG A 128 3.47 -21.43 29.81
C ARG A 128 4.52 -20.91 30.77
N ASP A 129 4.80 -21.67 31.83
CA ASP A 129 5.64 -21.19 32.90
C ASP A 129 7.12 -21.40 32.54
N GLU A 130 7.95 -20.40 32.88
CA GLU A 130 9.36 -20.38 32.49
C GLU A 130 10.22 -20.01 33.71
N ARG A 131 10.65 -21.02 34.48
CA ARG A 131 11.63 -20.81 35.55
C ARG A 131 12.62 -21.97 35.55
N ASP A 132 13.68 -21.83 34.72
CA ASP A 132 14.78 -22.78 34.58
C ASP A 132 15.44 -22.61 33.22
N GLY A 133 14.89 -21.71 32.41
CA GLY A 133 15.28 -21.60 31.02
C GLY A 133 14.55 -22.54 30.09
N GLU A 134 13.61 -23.33 30.61
CA GLU A 134 12.80 -24.23 29.80
C GLU A 134 11.34 -23.92 30.03
N SER A 135 10.54 -23.96 28.95
CA SER A 135 9.13 -23.63 29.02
C SER A 135 8.31 -24.90 29.20
N THR A 136 7.31 -24.84 30.09
CA THR A 136 6.48 -26.00 30.42
C THR A 136 5.03 -25.56 30.45
N PRO A 137 4.20 -25.97 29.49
CA PRO A 137 2.78 -25.65 29.56
C PRO A 137 2.09 -26.36 30.71
N LEU A 138 1.07 -25.71 31.28
CA LEU A 138 0.40 -26.20 32.48
C LEU A 138 -1.07 -25.81 32.43
N ALA A 139 -1.87 -26.53 33.22
CA ALA A 139 -3.29 -26.24 33.38
C ALA A 139 -3.69 -26.49 34.83
N GLN A 140 -4.57 -25.65 35.35
CA GLN A 140 -4.90 -25.67 36.77
C GLN A 140 -6.24 -24.99 36.99
N LEU A 141 -6.95 -25.44 38.03
CA LEU A 141 -8.21 -24.85 38.45
C LEU A 141 -7.90 -23.72 39.44
N VAL A 142 -8.38 -22.51 39.13
CA VAL A 142 -8.08 -21.35 39.96
C VAL A 142 -9.18 -21.12 40.99
N LEU A 143 -10.41 -20.91 40.53
CA LEU A 143 -11.51 -20.60 41.41
C LEU A 143 -12.70 -21.53 41.14
N PRO A 144 -13.18 -22.25 42.16
CA PRO A 144 -14.38 -23.09 41.98
C PRO A 144 -15.66 -22.39 42.39
N GLY A 145 -16.75 -22.66 41.67
CA GLY A 145 -18.07 -22.20 42.06
C GLY A 145 -18.22 -20.71 42.25
N VAL A 146 -18.12 -19.95 41.16
CA VAL A 146 -18.19 -18.49 41.21
C VAL A 146 -19.47 -18.05 40.50
N ARG A 147 -20.26 -17.24 41.19
CA ARG A 147 -21.48 -16.71 40.60
C ARG A 147 -21.16 -15.74 39.47
N VAL A 148 -22.05 -15.70 38.48
CA VAL A 148 -21.92 -14.80 37.34
C VAL A 148 -22.92 -13.68 37.54
N LEU A 149 -22.42 -12.45 37.68
CA LEU A 149 -23.31 -11.31 37.89
C LEU A 149 -23.77 -10.71 36.57
N THR A 150 -22.83 -10.43 35.66
CA THR A 150 -23.19 -9.86 34.37
C THR A 150 -22.52 -10.64 33.26
N TYR A 151 -23.30 -11.05 32.27
CA TYR A 151 -22.80 -11.30 30.94
C TYR A 151 -23.08 -10.06 30.09
N GLY A 152 -22.30 -9.90 29.02
CA GLY A 152 -22.27 -8.66 28.27
C GLY A 152 -23.63 -8.03 28.01
N GLU A 153 -23.85 -6.86 28.60
CA GLU A 153 -25.07 -6.05 28.54
C GLU A 153 -26.25 -6.69 29.27
N ARG A 154 -26.02 -7.72 30.09
CA ARG A 154 -27.10 -8.40 30.80
C ARG A 154 -26.80 -8.38 32.30
N ILE A 155 -27.78 -7.95 33.09
CA ILE A 155 -27.62 -7.79 34.54
C ILE A 155 -28.95 -8.12 35.21
N ALA A 156 -28.87 -8.70 36.39
CA ALA A 156 -30.05 -9.03 37.21
C ALA A 156 -29.83 -8.44 38.60
N VAL A 157 -30.41 -7.27 38.83
CA VAL A 157 -30.22 -6.57 40.10
C VAL A 157 -31.47 -6.66 40.97
N PRO A 171 -27.76 -7.76 17.43
CA PRO A 171 -27.09 -6.96 18.46
C PRO A 171 -25.57 -6.96 18.29
N ARG A 172 -24.86 -6.94 19.42
CA ARG A 172 -23.40 -6.88 19.43
C ARG A 172 -22.84 -7.98 20.31
N PRO A 173 -21.80 -8.69 19.85
CA PRO A 173 -21.27 -9.82 20.63
C PRO A 173 -20.72 -9.36 21.97
N PRO A 174 -20.89 -10.16 23.02
CA PRO A 174 -20.38 -9.79 24.34
C PRO A 174 -18.87 -9.75 24.37
N ARG A 175 -18.32 -8.90 25.25
CA ARG A 175 -16.88 -8.77 25.41
C ARG A 175 -16.38 -9.00 26.83
N THR A 176 -17.20 -8.74 27.84
CA THR A 176 -16.78 -8.87 29.23
C THR A 176 -17.85 -9.58 30.04
N ALA A 177 -17.43 -10.16 31.16
CA ALA A 177 -18.33 -10.75 32.13
C ALA A 177 -17.83 -10.41 33.53
N VAL A 178 -18.78 -10.09 34.42
CA VAL A 178 -18.46 -9.69 35.79
C VAL A 178 -18.78 -10.83 36.74
N LEU A 179 -17.84 -11.14 37.63
CA LEU A 179 -17.93 -12.24 38.57
C LEU A 179 -17.85 -11.72 40.00
N ALA A 180 -18.50 -12.46 40.90
CA ALA A 180 -18.48 -12.18 42.33
C ALA A 180 -17.42 -13.07 42.97
N VAL A 181 -16.25 -12.50 43.20
CA VAL A 181 -15.09 -13.23 43.70
C VAL A 181 -15.04 -13.15 45.22
N PRO A 182 -14.55 -14.18 45.91
CA PRO A 182 -14.24 -14.02 47.34
C PRO A 182 -13.10 -13.03 47.55
N GLU A 183 -13.07 -12.46 48.75
CA GLU A 183 -12.12 -11.38 49.02
C GLU A 183 -10.67 -11.87 49.00
N ASP A 184 -10.45 -13.14 49.33
CA ASP A 184 -9.09 -13.67 49.35
C ASP A 184 -8.60 -14.12 47.98
N GLY A 185 -9.49 -14.25 47.00
CA GLY A 185 -9.12 -14.70 45.68
C GLY A 185 -8.97 -13.63 44.62
N VAL A 186 -9.28 -12.37 44.94
CA VAL A 186 -9.23 -11.29 43.96
C VAL A 186 -7.89 -11.29 43.23
N ALA A 187 -6.79 -11.16 43.98
CA ALA A 187 -5.47 -11.17 43.37
C ALA A 187 -5.25 -12.44 42.55
N ARG A 188 -5.67 -13.59 43.07
CA ARG A 188 -5.49 -14.84 42.34
C ARG A 188 -6.11 -14.79 40.96
N LEU A 189 -7.25 -14.09 40.83
CA LEU A 189 -7.83 -13.93 39.51
C LEU A 189 -6.97 -13.05 38.62
N MET A 190 -6.51 -11.91 39.15
CA MET A 190 -5.81 -10.93 38.33
C MET A 190 -4.60 -11.54 37.64
N LEU A 191 -3.74 -12.20 38.41
CA LEU A 191 -2.59 -12.90 37.83
C LEU A 191 -3.04 -13.84 36.72
N ALA A 192 -4.04 -14.69 37.02
CA ALA A 192 -4.49 -15.67 36.04
C ALA A 192 -5.05 -15.00 34.80
N SER A 193 -5.55 -13.78 34.95
CA SER A 193 -6.13 -13.09 33.79
C SER A 193 -5.05 -12.56 32.86
N GLN A 194 -3.86 -12.30 33.40
CA GLN A 194 -2.80 -11.67 32.61
C GLN A 194 -1.62 -12.59 32.34
N ALA A 195 -1.38 -13.59 33.19
CA ALA A 195 -0.28 -14.50 32.97
C ALA A 195 -0.57 -15.55 31.91
N GLY A 196 -1.82 -15.75 31.55
CA GLY A 196 -2.15 -16.79 30.59
C GLY A 196 -3.58 -16.66 30.11
N SER A 197 -4.11 -17.79 29.63
CA SER A 197 -5.46 -17.84 29.10
C SER A 197 -6.42 -18.44 30.11
N LEU A 198 -7.67 -17.97 30.06
CA LEU A 198 -8.71 -18.39 30.98
C LEU A 198 -9.83 -19.08 30.22
N ARG A 199 -10.48 -20.04 30.89
CA ARG A 199 -11.68 -20.67 30.36
C ARG A 199 -12.66 -20.95 31.50
N LEU A 200 -13.93 -21.06 31.14
CA LEU A 200 -15.03 -21.22 32.09
C LEU A 200 -15.68 -22.57 31.90
N ALA A 201 -15.96 -23.26 33.01
CA ALA A 201 -16.67 -24.53 33.00
C ALA A 201 -17.96 -24.39 33.81
N ILE A 202 -19.10 -24.68 33.18
CA ILE A 202 -20.39 -24.47 33.82
C ILE A 202 -20.74 -25.66 34.71
N ARG A 203 -21.31 -25.38 35.87
CA ARG A 203 -21.73 -26.38 36.84
C ARG A 203 -23.23 -26.65 36.71
N SER A 204 -23.65 -27.79 37.23
CA SER A 204 -25.02 -28.26 37.06
C SER A 204 -25.99 -27.52 37.98
N LYS A 205 -27.24 -27.43 37.55
CA LYS A 205 -28.29 -26.84 38.37
C LYS A 205 -28.76 -27.75 39.49
N ASP A 206 -28.55 -29.06 39.36
CA ASP A 206 -28.97 -30.01 40.38
C ASP A 206 -28.08 -30.00 41.61
N GLU A 207 -26.93 -29.33 41.56
CA GLU A 207 -26.07 -29.20 42.72
C GLU A 207 -26.62 -28.25 43.77
N GLU A 208 -27.49 -27.31 43.36
CA GLU A 208 -28.17 -26.40 44.27
C GLU A 208 -27.17 -25.58 45.09
N LEU A 209 -26.31 -24.85 44.38
CA LEU A 209 -25.34 -23.99 45.05
C LEU A 209 -25.94 -22.67 45.50
N TYR A 210 -27.02 -22.21 44.86
CA TYR A 210 -27.65 -20.97 45.29
C TYR A 210 -28.26 -21.11 46.68
N ARG A 211 -28.87 -22.27 46.96
CA ARG A 211 -29.39 -22.51 48.30
C ARG A 211 -28.26 -22.59 49.32
N ARG A 212 -27.13 -23.18 48.93
CA ARG A 212 -25.99 -23.25 49.82
C ARG A 212 -25.45 -21.86 50.14
N GLU A 213 -25.45 -20.97 49.15
CA GLU A 213 -25.00 -19.60 49.39
C GLU A 213 -25.92 -18.86 50.36
N GLN A 214 -27.19 -19.22 50.38
CA GLN A 214 -28.14 -18.58 51.29
C GLN A 214 -28.17 -19.29 52.64
N GLU A 215 -27.24 -20.23 52.83
CA GLU A 215 -27.11 -20.98 54.08
C GLU A 215 -28.41 -21.73 54.40
N SER A 227 -6.37 -28.58 42.55
CA SER A 227 -5.37 -29.58 42.94
C SER A 227 -4.04 -29.30 42.26
N ALA A 228 -3.24 -30.36 42.10
CA ALA A 228 -1.95 -30.22 41.46
C ALA A 228 -2.11 -29.88 39.98
N ALA A 229 -1.19 -29.06 39.46
CA ALA A 229 -1.22 -28.70 38.06
C ALA A 229 -0.89 -29.91 37.18
N LEU A 230 -1.45 -29.92 35.99
CA LEU A 230 -1.24 -30.98 35.02
C LEU A 230 -0.35 -30.48 33.89
N SER A 231 0.74 -31.20 33.64
CA SER A 231 1.69 -30.85 32.60
C SER A 231 1.57 -31.81 31.42
N LEU A 232 2.28 -31.48 30.35
CA LEU A 232 2.26 -32.30 29.14
C LEU A 232 2.88 -33.67 29.35
N ASP A 233 3.78 -33.84 30.32
CA ASP A 233 4.34 -35.15 30.60
C ASP A 233 3.28 -36.10 31.14
N GLN A 234 2.36 -35.61 31.97
CA GLN A 234 1.30 -36.46 32.48
C GLN A 234 0.30 -36.84 31.38
N LEU A 235 0.02 -35.92 30.46
CA LEU A 235 -0.90 -36.22 29.37
C LEU A 235 -0.28 -37.19 28.38
N LEU A 236 0.96 -36.95 27.97
CA LEU A 236 1.65 -37.81 27.02
C LEU A 236 2.48 -38.83 27.79
N GLU A 237 1.86 -39.98 28.06
CA GLU A 237 2.55 -41.07 28.72
C GLU A 237 1.83 -42.39 28.46
N GLU B 23 -62.11 -31.36 39.64
CA GLU B 23 -62.05 -32.12 38.37
C GLU B 23 -61.12 -31.38 37.40
N ARG B 24 -61.54 -30.23 36.90
CA ARG B 24 -60.70 -29.44 35.97
C ARG B 24 -59.96 -28.37 36.78
N LYS B 25 -58.66 -28.57 37.02
CA LYS B 25 -57.88 -27.64 37.87
C LYS B 25 -57.37 -26.42 37.09
N PRO B 26 -57.10 -25.28 37.75
CA PRO B 26 -56.50 -24.11 37.08
C PRO B 26 -54.98 -24.19 37.08
N VAL B 27 -54.38 -23.76 35.98
CA VAL B 27 -52.93 -23.74 35.80
C VAL B 27 -52.55 -22.43 35.12
N LEU B 28 -51.48 -21.81 35.58
CA LEU B 28 -51.04 -20.54 35.04
C LEU B 28 -50.04 -20.75 33.91
N VAL B 29 -50.24 -20.01 32.82
CA VAL B 29 -49.38 -20.08 31.63
C VAL B 29 -48.99 -18.66 31.25
N ALA B 30 -48.03 -18.58 30.33
CA ALA B 30 -47.51 -17.29 29.86
C ALA B 30 -48.30 -16.84 28.65
N SER B 31 -48.74 -15.57 28.68
CA SER B 31 -49.51 -15.00 27.58
C SER B 31 -48.65 -14.31 26.55
N ARG B 32 -47.35 -14.20 26.76
CA ARG B 32 -46.46 -13.53 25.81
C ARG B 32 -45.06 -14.10 25.98
N ASP B 33 -44.13 -13.60 25.17
CA ASP B 33 -42.75 -14.08 25.17
C ASP B 33 -41.98 -13.33 26.25
N LEU B 34 -41.82 -13.97 27.39
CA LEU B 34 -41.05 -13.38 28.49
C LEU B 34 -39.56 -13.54 28.22
N PRO B 35 -38.79 -12.47 28.17
CA PRO B 35 -37.35 -12.61 27.94
C PRO B 35 -36.64 -13.19 29.15
N ALA B 36 -35.34 -13.43 29.03
CA ALA B 36 -34.56 -13.86 30.16
C ALA B 36 -34.36 -12.71 31.14
N LEU B 37 -34.34 -13.06 32.43
CA LEU B 37 -34.15 -12.09 33.51
C LEU B 37 -35.24 -11.02 33.49
N ALA B 38 -36.48 -11.47 33.56
CA ALA B 38 -37.64 -10.60 33.54
C ALA B 38 -38.47 -10.80 34.79
N VAL B 39 -39.21 -9.76 35.16
CA VAL B 39 -40.04 -9.76 36.36
C VAL B 39 -41.49 -9.82 35.94
N ILE B 40 -42.25 -10.73 36.53
CA ILE B 40 -43.60 -11.04 36.08
C ILE B 40 -44.58 -10.01 36.61
N GLY B 41 -45.43 -9.51 35.71
CA GLY B 41 -46.55 -8.68 36.08
C GLY B 41 -47.86 -9.38 35.79
N ARG B 42 -48.96 -8.69 36.10
CA ARG B 42 -50.28 -9.26 35.87
C ARG B 42 -50.61 -9.38 34.38
N ASP B 43 -49.94 -8.63 33.51
CA ASP B 43 -50.24 -8.70 32.09
C ASP B 43 -49.66 -9.94 31.44
N ASP B 44 -48.53 -10.46 31.97
CA ASP B 44 -47.85 -11.57 31.32
C ASP B 44 -48.59 -12.89 31.56
N LEU B 45 -49.28 -13.02 32.68
CA LEU B 45 -49.86 -14.30 33.07
C LEU B 45 -51.25 -14.48 32.47
N SER B 46 -51.64 -15.75 32.33
CA SER B 46 -53.00 -16.12 31.96
C SER B 46 -53.33 -17.44 32.64
N VAL B 47 -54.63 -17.71 32.78
CA VAL B 47 -55.11 -18.89 33.50
C VAL B 47 -55.80 -19.82 32.51
N GLU B 48 -55.60 -21.13 32.70
CA GLU B 48 -56.22 -22.13 31.85
C GLU B 48 -56.76 -23.25 32.73
N LEU B 49 -57.76 -23.97 32.22
CA LEU B 49 -58.37 -25.07 32.94
C LEU B 49 -58.09 -26.37 32.21
N LEU B 50 -57.48 -27.33 32.91
CA LEU B 50 -57.03 -28.57 32.31
C LEU B 50 -57.57 -29.74 33.11
N ARG B 51 -57.23 -30.96 32.67
CA ARG B 51 -57.59 -32.17 33.39
C ARG B 51 -56.56 -32.56 34.44
N THR B 52 -55.28 -32.38 34.15
CA THR B 52 -54.20 -32.73 35.06
C THR B 52 -53.30 -31.52 35.27
N ALA B 53 -52.92 -31.30 36.52
CA ALA B 53 -52.03 -30.21 36.89
C ALA B 53 -50.62 -30.75 37.08
N PRO B 54 -49.64 -30.31 36.29
CA PRO B 54 -48.27 -30.83 36.44
C PRO B 54 -47.70 -30.47 37.80
N VAL B 55 -46.81 -31.33 38.30
CA VAL B 55 -46.10 -31.03 39.53
C VAL B 55 -45.15 -29.87 39.29
N GLY B 56 -45.30 -28.81 40.08
CA GLY B 56 -44.54 -27.59 39.94
C GLY B 56 -45.33 -26.41 39.41
N SER B 57 -46.60 -26.61 39.04
CA SER B 57 -47.42 -25.53 38.54
C SER B 57 -48.00 -24.71 39.69
N TYR B 58 -48.67 -23.62 39.34
CA TYR B 58 -49.22 -22.69 40.31
C TYR B 58 -50.70 -22.46 40.00
N ASP B 59 -51.47 -22.14 41.04
CA ASP B 59 -52.92 -22.03 40.88
C ASP B 59 -53.39 -20.59 40.80
N ARG B 60 -52.79 -19.68 41.56
CA ARG B 60 -53.26 -18.31 41.58
C ARG B 60 -52.19 -17.35 41.09
N PRO B 61 -52.59 -16.25 40.43
CA PRO B 61 -51.59 -15.30 39.93
C PRO B 61 -50.74 -14.66 41.01
N GLU B 62 -51.25 -14.54 42.23
CA GLU B 62 -50.55 -13.81 43.27
C GLU B 62 -49.28 -14.51 43.73
N ALA B 63 -49.13 -15.80 43.43
CA ALA B 63 -47.94 -16.52 43.86
C ALA B 63 -46.74 -16.20 42.97
N LEU B 64 -46.97 -15.73 41.76
CA LEU B 64 -45.90 -15.51 40.79
C LEU B 64 -45.61 -14.03 40.55
N LEU B 65 -46.36 -13.12 41.16
CA LEU B 65 -46.16 -11.71 40.89
C LEU B 65 -44.92 -11.19 41.60
N GLY B 66 -44.03 -10.56 40.84
CA GLY B 66 -42.80 -10.01 41.37
C GLY B 66 -41.61 -10.94 41.30
N LYS B 67 -41.82 -12.21 40.97
CA LYS B 67 -40.72 -13.16 40.86
C LYS B 67 -40.01 -12.98 39.52
N ARG B 68 -38.80 -13.52 39.43
CA ARG B 68 -37.94 -13.37 38.26
C ARG B 68 -37.82 -14.70 37.54
N VAL B 69 -38.02 -14.68 36.22
CA VAL B 69 -37.77 -15.85 35.38
C VAL B 69 -36.30 -15.82 34.97
N TRP B 70 -35.57 -16.88 35.28
CA TRP B 70 -34.14 -16.92 35.05
C TRP B 70 -33.76 -17.51 33.70
N VAL B 71 -34.75 -17.92 32.90
CA VAL B 71 -34.53 -18.40 31.54
C VAL B 71 -35.75 -18.01 30.72
N ALA B 72 -35.55 -17.95 29.40
CA ALA B 72 -36.61 -17.48 28.51
C ALA B 72 -37.79 -18.44 28.51
N VAL B 73 -39.00 -17.88 28.47
CA VAL B 73 -40.24 -18.63 28.50
C VAL B 73 -41.00 -18.35 27.22
N PRO B 74 -41.10 -19.32 26.30
CA PRO B 74 -41.92 -19.12 25.10
C PRO B 74 -43.39 -18.96 25.43
N ALA B 75 -44.11 -18.29 24.53
CA ALA B 75 -45.52 -18.02 24.75
C ALA B 75 -46.31 -19.32 24.82
N GLY B 76 -47.24 -19.37 25.78
CA GLY B 76 -48.05 -20.54 26.00
C GLY B 76 -47.46 -21.56 26.95
N SER B 77 -46.22 -21.38 27.36
CA SER B 77 -45.57 -22.36 28.23
C SER B 77 -46.22 -22.37 29.60
N ILE B 78 -46.26 -23.56 30.21
CA ILE B 78 -46.76 -23.70 31.57
C ILE B 78 -45.66 -23.23 32.52
N LEU B 79 -45.99 -22.26 33.38
CA LEU B 79 -45.02 -21.76 34.35
C LEU B 79 -44.70 -22.84 35.36
N SER B 80 -43.42 -23.03 35.64
CA SER B 80 -42.96 -24.07 36.54
C SER B 80 -42.02 -23.47 37.59
N ALA B 81 -41.87 -24.20 38.69
CA ALA B 81 -41.01 -23.73 39.78
C ALA B 81 -39.55 -23.65 39.34
N ALA B 82 -39.09 -24.64 38.57
CA ALA B 82 -37.70 -24.68 38.15
C ALA B 82 -37.34 -23.51 37.24
N THR B 83 -38.32 -22.87 36.60
CA THR B 83 -38.04 -21.69 35.79
C THR B 83 -37.75 -20.46 36.63
N LEU B 84 -38.02 -20.50 37.94
CA LEU B 84 -37.80 -19.37 38.83
C LEU B 84 -36.60 -19.58 39.74
N GLU B 85 -35.63 -20.37 39.31
CA GLU B 85 -34.44 -20.65 40.08
C GLU B 85 -33.20 -20.36 39.26
N PRO B 86 -32.10 -19.98 39.90
CA PRO B 86 -30.88 -19.63 39.16
C PRO B 86 -30.35 -20.78 38.32
N GLY B 87 -30.11 -20.51 37.04
CA GLY B 87 -29.58 -21.50 36.13
C GLY B 87 -29.66 -20.99 34.71
N GLY B 88 -28.88 -21.64 33.84
CA GLY B 88 -28.86 -21.29 32.44
C GLY B 88 -29.25 -22.46 31.56
N PRO B 89 -29.36 -22.22 30.26
CA PRO B 89 -29.70 -23.32 29.34
C PRO B 89 -28.69 -24.46 29.37
N LEU B 90 -27.41 -24.14 29.53
CA LEU B 90 -26.38 -25.18 29.56
C LEU B 90 -26.40 -25.94 30.88
N ALA B 91 -26.65 -25.25 31.99
CA ALA B 91 -26.61 -25.89 33.31
C ALA B 91 -27.80 -26.81 33.54
N ARG B 92 -28.83 -26.74 32.70
CA ARG B 92 -30.01 -27.57 32.86
C ARG B 92 -29.94 -28.87 32.06
N THR B 93 -28.80 -29.18 31.43
CA THR B 93 -28.67 -30.36 30.59
C THR B 93 -27.49 -31.24 31.00
N ILE B 94 -26.98 -31.09 32.22
CA ILE B 94 -25.86 -31.88 32.70
C ILE B 94 -26.21 -32.46 34.07
N ARG B 95 -25.23 -33.15 34.65
CA ARG B 95 -25.37 -33.85 35.92
C ARG B 95 -24.33 -33.34 36.92
N PRO B 96 -24.53 -33.56 38.22
CA PRO B 96 -23.60 -33.00 39.21
C PRO B 96 -22.17 -33.50 39.09
N ASP B 97 -21.92 -34.60 38.40
CA ASP B 97 -20.58 -35.13 38.22
C ASP B 97 -19.97 -34.76 36.87
N GLU B 98 -20.54 -33.77 36.18
CA GLU B 98 -20.04 -33.34 34.89
C GLU B 98 -19.91 -31.83 34.86
N ARG B 99 -19.13 -31.35 33.89
CA ARG B 99 -18.97 -29.94 33.59
C ARG B 99 -19.19 -29.72 32.10
N ALA B 100 -19.41 -28.46 31.73
CA ALA B 100 -19.60 -28.07 30.34
C ALA B 100 -18.50 -27.10 29.95
N MET B 101 -17.70 -27.47 28.96
CA MET B 101 -16.65 -26.62 28.43
C MET B 101 -16.67 -26.65 26.90
N ALA B 102 -16.20 -25.55 26.31
CA ALA B 102 -16.27 -25.34 24.87
C ALA B 102 -14.89 -25.42 24.24
N ILE B 103 -14.85 -25.88 22.99
CA ILE B 103 -13.62 -25.97 22.21
C ILE B 103 -13.85 -25.32 20.85
N ALA B 104 -12.78 -24.83 20.25
CA ALA B 104 -12.84 -24.24 18.92
C ALA B 104 -12.91 -25.32 17.86
N VAL B 105 -13.84 -25.16 16.91
CA VAL B 105 -14.11 -26.19 15.93
C VAL B 105 -14.13 -25.59 14.53
N ASP B 106 -13.82 -26.42 13.54
CA ASP B 106 -14.00 -26.09 12.14
C ASP B 106 -14.59 -27.29 11.42
N GLU B 107 -14.62 -27.25 10.09
CA GLU B 107 -15.21 -28.37 9.34
C GLU B 107 -14.36 -29.63 9.45
N VAL B 108 -13.04 -29.48 9.52
CA VAL B 108 -12.18 -30.65 9.64
C VAL B 108 -12.32 -31.27 11.03
N VAL B 109 -12.38 -30.43 12.07
CA VAL B 109 -12.44 -30.93 13.44
C VAL B 109 -13.79 -31.60 13.72
N GLY B 110 -14.88 -31.05 13.17
CA GLY B 110 -16.20 -31.52 13.52
C GLY B 110 -16.87 -32.40 12.48
N GLY B 111 -16.13 -33.31 11.87
CA GLY B 111 -16.74 -34.28 10.97
C GLY B 111 -17.43 -33.68 9.77
N GLY B 112 -16.84 -32.63 9.20
CA GLY B 112 -17.43 -32.00 8.02
C GLY B 112 -18.76 -31.35 8.28
N GLY B 113 -18.97 -30.82 9.48
CA GLY B 113 -20.23 -30.19 9.81
C GLY B 113 -21.41 -31.14 9.95
N PHE B 114 -21.16 -32.41 10.24
CA PHE B 114 -22.21 -33.41 10.34
C PHE B 114 -22.39 -33.93 11.76
N VAL B 115 -21.91 -33.19 12.76
CA VAL B 115 -22.05 -33.56 14.16
C VAL B 115 -23.23 -32.80 14.72
N LEU B 116 -24.18 -33.52 15.30
CA LEU B 116 -25.33 -32.92 15.95
C LEU B 116 -25.32 -33.25 17.44
N PRO B 117 -25.99 -32.44 18.27
CA PRO B 117 -26.03 -32.73 19.70
C PRO B 117 -26.66 -34.09 19.97
N GLY B 118 -26.11 -34.78 20.97
CA GLY B 118 -26.48 -36.15 21.27
C GLY B 118 -25.47 -37.19 20.81
N ASP B 119 -24.54 -36.81 19.94
CA ASP B 119 -23.51 -37.71 19.47
C ASP B 119 -22.46 -37.95 20.54
N TYR B 120 -21.78 -39.09 20.43
CA TYR B 120 -20.67 -39.44 21.30
C TYR B 120 -19.39 -39.48 20.48
N VAL B 121 -18.35 -38.82 20.97
CA VAL B 121 -17.14 -38.59 20.20
C VAL B 121 -15.91 -38.95 21.03
N ASP B 122 -14.80 -39.19 20.31
CA ASP B 122 -13.49 -39.36 20.90
C ASP B 122 -12.62 -38.19 20.48
N VAL B 123 -11.85 -37.65 21.43
CA VAL B 123 -11.01 -36.49 21.19
C VAL B 123 -9.58 -36.95 20.96
N MET B 124 -9.01 -36.58 19.81
CA MET B 124 -7.65 -36.93 19.45
C MET B 124 -6.81 -35.67 19.38
N LEU B 125 -5.57 -35.77 19.86
CA LEU B 125 -4.66 -34.65 19.99
C LEU B 125 -3.39 -34.87 19.17
N PHE B 126 -2.98 -33.84 18.45
CA PHE B 126 -1.69 -33.81 17.77
C PHE B 126 -0.84 -32.71 18.39
N VAL B 127 0.32 -33.07 18.92
CA VAL B 127 1.24 -32.13 19.52
C VAL B 127 2.64 -32.43 19.01
N ARG B 128 3.51 -31.42 19.06
CA ARG B 128 4.89 -31.55 18.65
C ARG B 128 5.76 -31.23 19.87
N ASP B 129 6.16 -32.28 20.58
CA ASP B 129 6.92 -32.12 21.82
C ASP B 129 8.33 -31.60 21.53
N GLU B 130 8.84 -30.78 22.45
CA GLU B 130 10.16 -30.18 22.32
C GLU B 130 10.97 -30.34 23.59
N ARG B 131 10.80 -31.46 24.30
CA ARG B 131 11.40 -31.64 25.62
C ARG B 131 12.93 -31.67 25.61
N ASP B 132 13.51 -32.71 25.02
CA ASP B 132 14.95 -32.95 25.14
C ASP B 132 15.76 -32.35 24.00
N GLY B 133 15.60 -31.05 23.74
CA GLY B 133 16.37 -30.39 22.70
C GLY B 133 16.06 -30.83 21.29
N GLU B 134 15.04 -31.66 21.08
CA GLU B 134 14.66 -32.12 19.76
C GLU B 134 13.15 -32.15 19.66
N SER B 135 12.63 -32.02 18.43
CA SER B 135 11.20 -31.95 18.19
C SER B 135 10.68 -33.27 17.66
N THR B 136 9.52 -33.69 18.15
CA THR B 136 8.95 -34.99 17.82
C THR B 136 7.43 -34.87 17.66
N PRO B 137 6.88 -35.08 16.48
CA PRO B 137 5.42 -35.12 16.33
C PRO B 137 4.83 -36.33 17.03
N LEU B 138 3.59 -36.20 17.48
CA LEU B 138 2.96 -37.24 18.27
C LEU B 138 1.45 -37.16 18.11
N ALA B 139 0.77 -38.26 18.45
CA ALA B 139 -0.69 -38.33 18.39
C ALA B 139 -1.18 -39.25 19.49
N GLN B 140 -2.30 -38.88 20.13
CA GLN B 140 -2.81 -39.62 21.27
C GLN B 140 -4.32 -39.45 21.36
N LEU B 141 -4.95 -40.32 22.16
CA LEU B 141 -6.36 -40.23 22.50
C LEU B 141 -6.46 -39.72 23.94
N VAL B 142 -7.18 -38.61 24.13
CA VAL B 142 -7.19 -37.95 25.43
C VAL B 142 -8.51 -38.20 26.16
N LEU B 143 -9.63 -38.15 25.43
CA LEU B 143 -10.95 -38.27 26.04
C LEU B 143 -11.81 -39.22 25.22
N PRO B 144 -12.18 -40.39 25.76
CA PRO B 144 -13.10 -41.29 25.06
C PRO B 144 -14.55 -41.05 25.46
N GLY B 145 -15.44 -41.33 24.51
CA GLY B 145 -16.87 -41.36 24.74
C GLY B 145 -17.44 -40.15 25.44
N VAL B 146 -17.44 -38.99 24.77
CA VAL B 146 -17.90 -37.74 25.35
C VAL B 146 -19.14 -37.29 24.60
N ARG B 147 -20.22 -36.98 25.34
CA ARG B 147 -21.44 -36.49 24.73
C ARG B 147 -21.26 -35.05 24.26
N VAL B 148 -21.94 -34.71 23.16
CA VAL B 148 -21.90 -33.39 22.58
C VAL B 148 -23.17 -32.66 22.99
N LEU B 149 -23.01 -31.50 23.62
CA LEU B 149 -24.18 -30.74 24.06
C LEU B 149 -24.60 -29.69 23.03
N THR B 150 -23.66 -28.91 22.51
CA THR B 150 -23.98 -27.92 21.50
C THR B 150 -23.02 -28.07 20.34
N TYR B 151 -23.53 -27.93 19.11
CA TYR B 151 -22.71 -27.76 17.92
C TYR B 151 -23.24 -26.53 17.17
N GLY B 152 -22.50 -25.43 17.26
CA GLY B 152 -22.93 -24.20 16.63
C GLY B 152 -24.00 -23.50 17.44
N GLU B 153 -25.19 -23.37 16.87
CA GLU B 153 -26.31 -22.70 17.53
C GLU B 153 -27.40 -23.68 17.95
N ARG B 154 -27.08 -24.97 17.99
CA ARG B 154 -28.03 -26.02 18.35
C ARG B 154 -27.62 -26.60 19.70
N ILE B 155 -28.61 -26.87 20.56
CA ILE B 155 -28.35 -27.36 21.90
C ILE B 155 -29.21 -28.59 22.16
N ALA B 156 -28.78 -29.39 23.14
CA ALA B 156 -29.45 -30.64 23.47
C ALA B 156 -30.73 -30.37 24.25
N VAL B 157 -31.43 -31.44 24.59
CA VAL B 157 -32.68 -31.39 25.32
C VAL B 157 -32.47 -32.06 26.68
N GLY B 158 -32.83 -31.36 27.75
CA GLY B 158 -32.66 -31.87 29.09
C GLY B 158 -33.92 -32.55 29.61
N SER B 159 -33.92 -32.80 30.93
CA SER B 159 -35.06 -33.46 31.55
C SER B 159 -36.32 -32.61 31.54
N ASP B 160 -36.18 -31.31 31.32
CA ASP B 160 -37.35 -30.43 31.25
C ASP B 160 -38.11 -30.58 29.95
N GLY B 161 -37.52 -31.20 28.93
CA GLY B 161 -38.20 -31.38 27.67
C GLY B 161 -38.35 -30.14 26.84
N GLN B 162 -37.47 -29.16 27.01
CA GLN B 162 -37.55 -27.89 26.29
C GLN B 162 -36.30 -27.71 25.45
N ASP B 163 -36.48 -27.19 24.23
CA ASP B 163 -35.39 -26.91 23.32
C ASP B 163 -35.13 -25.41 23.29
N ARG B 164 -33.88 -25.03 23.50
CA ARG B 164 -33.49 -23.62 23.63
C ARG B 164 -32.40 -23.31 22.61
N SER B 165 -32.63 -23.73 21.37
CA SER B 165 -31.70 -23.49 20.27
C SER B 165 -31.99 -22.11 19.69
N ASN B 166 -30.94 -21.30 19.54
CA ASN B 166 -31.10 -19.96 18.98
C ASN B 166 -31.38 -20.04 17.48
N GLN B 167 -32.63 -19.82 17.10
CA GLN B 167 -33.03 -19.84 15.69
C GLN B 167 -32.85 -18.44 15.13
N GLU B 168 -31.88 -18.28 14.22
CA GLU B 168 -31.58 -16.99 13.62
C GLU B 168 -31.37 -17.15 12.13
N LYS B 169 -31.62 -16.07 11.40
CA LYS B 169 -31.40 -16.07 9.95
C LYS B 169 -29.94 -15.79 9.65
N ASP B 170 -29.59 -15.79 8.36
CA ASP B 170 -28.21 -15.63 7.88
C ASP B 170 -27.31 -16.67 8.58
N PRO B 171 -27.42 -17.94 8.22
CA PRO B 171 -26.68 -18.98 8.95
C PRO B 171 -25.18 -18.93 8.70
N ARG B 172 -24.44 -18.44 9.68
CA ARG B 172 -23.00 -18.41 9.61
C ARG B 172 -22.46 -19.81 9.93
N PRO B 173 -21.29 -20.17 9.38
CA PRO B 173 -20.72 -21.48 9.68
C PRO B 173 -20.42 -21.60 11.17
N PRO B 174 -20.59 -22.79 11.75
CA PRO B 174 -20.35 -22.97 13.19
C PRO B 174 -18.90 -22.78 13.54
N ARG B 175 -18.66 -22.30 14.77
CA ARG B 175 -17.30 -22.01 15.25
C ARG B 175 -17.00 -22.58 16.62
N THR B 176 -18.00 -23.12 17.33
CA THR B 176 -17.77 -23.63 18.67
C THR B 176 -18.65 -24.85 18.93
N ALA B 177 -18.18 -25.71 19.82
CA ALA B 177 -18.91 -26.87 20.29
C ALA B 177 -18.64 -27.06 21.77
N VAL B 178 -19.68 -27.46 22.52
CA VAL B 178 -19.61 -27.62 23.96
C VAL B 178 -19.79 -29.09 24.30
N LEU B 179 -18.90 -29.62 25.14
CA LEU B 179 -18.88 -31.03 25.49
C LEU B 179 -19.17 -31.21 26.98
N ALA B 180 -19.75 -32.36 27.31
CA ALA B 180 -20.00 -32.74 28.71
C ALA B 180 -18.83 -33.59 29.17
N VAL B 181 -18.01 -33.02 30.05
CA VAL B 181 -16.74 -33.63 30.45
C VAL B 181 -16.86 -34.07 31.91
N PRO B 182 -16.33 -35.24 32.28
CA PRO B 182 -16.26 -35.59 33.70
C PRO B 182 -15.36 -34.61 34.45
N GLU B 183 -15.51 -34.58 35.77
CA GLU B 183 -14.78 -33.62 36.59
C GLU B 183 -13.27 -33.81 36.47
N ASP B 184 -12.80 -35.05 36.43
CA ASP B 184 -11.38 -35.32 36.45
C ASP B 184 -10.68 -34.96 35.13
N GLY B 185 -11.44 -34.71 34.07
CA GLY B 185 -10.83 -34.47 32.77
C GLY B 185 -10.84 -33.04 32.29
N VAL B 186 -11.47 -32.14 33.05
CA VAL B 186 -11.62 -30.75 32.61
C VAL B 186 -10.26 -30.12 32.37
N ALA B 187 -9.29 -30.41 33.24
CA ALA B 187 -7.94 -29.91 33.00
C ALA B 187 -7.33 -30.53 31.76
N ARG B 188 -7.49 -31.84 31.58
CA ARG B 188 -6.81 -32.55 30.49
C ARG B 188 -7.25 -32.00 29.13
N LEU B 189 -8.54 -31.70 28.99
CA LEU B 189 -9.01 -31.06 27.76
C LEU B 189 -8.35 -29.71 27.56
N MET B 190 -8.28 -28.90 28.61
CA MET B 190 -7.77 -27.53 28.47
C MET B 190 -6.36 -27.53 27.91
N LEU B 191 -5.47 -28.32 28.50
CA LEU B 191 -4.12 -28.50 27.96
C LEU B 191 -4.18 -28.88 26.50
N ALA B 192 -4.98 -29.90 26.16
CA ALA B 192 -5.03 -30.39 24.79
C ALA B 192 -5.55 -29.31 23.84
N SER B 193 -6.33 -28.37 24.36
CA SER B 193 -6.89 -27.33 23.50
C SER B 193 -5.82 -26.32 23.11
N GLN B 194 -4.79 -26.17 23.93
CA GLN B 194 -3.83 -25.09 23.70
C GLN B 194 -2.44 -25.58 23.38
N ALA B 195 -2.10 -26.81 23.76
CA ALA B 195 -0.79 -27.35 23.45
C ALA B 195 -0.66 -27.81 22.00
N GLY B 196 -1.76 -28.09 21.33
CA GLY B 196 -1.70 -28.58 19.98
C GLY B 196 -3.04 -28.53 19.29
N SER B 197 -3.20 -29.39 18.29
CA SER B 197 -4.42 -29.44 17.51
C SER B 197 -5.31 -30.59 17.96
N LEU B 198 -6.62 -30.42 17.74
CA LEU B 198 -7.62 -31.36 18.21
C LEU B 198 -8.48 -31.82 17.05
N ARG B 199 -8.99 -33.06 17.14
CA ARG B 199 -9.95 -33.57 16.17
C ARG B 199 -10.92 -34.50 16.87
N LEU B 200 -12.09 -34.68 16.26
CA LEU B 200 -13.18 -35.45 16.82
C LEU B 200 -13.47 -36.66 15.93
N ALA B 201 -13.61 -37.84 16.56
CA ALA B 201 -13.96 -39.07 15.86
C ALA B 201 -15.31 -39.55 16.38
N ILE B 202 -16.27 -39.75 15.48
CA ILE B 202 -17.62 -40.13 15.90
C ILE B 202 -17.69 -41.63 16.16
N ARG B 203 -18.52 -42.01 17.13
CA ARG B 203 -18.73 -43.39 17.51
C ARG B 203 -20.11 -43.86 17.04
N SER B 204 -20.24 -45.17 16.86
CA SER B 204 -21.42 -45.74 16.22
C SER B 204 -22.65 -45.61 17.10
N LYS B 205 -23.82 -45.54 16.44
CA LYS B 205 -25.09 -45.50 17.15
C LYS B 205 -25.50 -46.86 17.71
N ASP B 206 -24.96 -47.94 17.17
CA ASP B 206 -25.33 -49.28 17.63
C ASP B 206 -24.70 -49.65 18.95
N GLU B 207 -23.76 -48.86 19.46
CA GLU B 207 -23.20 -49.10 20.79
C GLU B 207 -24.17 -48.70 21.90
N GLU B 208 -25.17 -47.86 21.59
CA GLU B 208 -26.19 -47.45 22.54
C GLU B 208 -25.59 -46.87 23.82
N LEU B 209 -24.63 -45.96 23.63
CA LEU B 209 -24.07 -45.25 24.78
C LEU B 209 -25.10 -44.32 25.41
N TYR B 210 -26.05 -43.82 24.62
CA TYR B 210 -27.10 -42.95 25.14
C TYR B 210 -28.00 -43.72 26.10
N ARG B 211 -28.45 -44.90 25.69
CA ARG B 211 -29.32 -45.71 26.54
C ARG B 211 -28.60 -46.14 27.81
N ARG B 212 -27.33 -46.54 27.68
CA ARG B 212 -26.59 -47.02 28.83
C ARG B 212 -26.32 -45.90 29.84
N GLU B 213 -26.29 -44.65 29.37
CA GLU B 213 -26.07 -43.53 30.27
C GLU B 213 -27.36 -43.06 30.94
N GLN B 214 -28.50 -43.54 30.46
CA GLN B 214 -29.79 -43.17 31.06
C GLN B 214 -30.21 -44.18 32.11
N GLU B 215 -29.25 -44.94 32.62
CA GLU B 215 -29.52 -45.95 33.65
C GLU B 215 -28.24 -46.37 34.36
N SER B 227 -4.32 -43.61 25.89
CA SER B 227 -3.66 -44.73 25.21
C SER B 227 -2.18 -44.42 24.99
N ALA B 228 -1.44 -45.43 24.53
CA ALA B 228 -0.02 -45.23 24.24
C ALA B 228 0.15 -44.28 23.06
N ALA B 229 1.08 -43.34 23.21
CA ALA B 229 1.31 -42.34 22.19
C ALA B 229 2.07 -42.91 21.01
N LEU B 230 1.71 -42.46 19.81
CA LEU B 230 2.26 -42.96 18.57
C LEU B 230 3.16 -41.91 17.93
N SER B 231 4.39 -42.29 17.64
CA SER B 231 5.38 -41.40 17.04
C SER B 231 5.56 -41.70 15.56
N LEU B 232 6.25 -40.78 14.87
CA LEU B 232 6.54 -40.95 13.45
C LEU B 232 7.52 -42.08 13.18
N ASP B 233 8.36 -42.43 14.15
CA ASP B 233 9.26 -43.57 13.99
C ASP B 233 8.49 -44.88 13.89
N GLN B 234 7.40 -45.00 14.65
CA GLN B 234 6.60 -46.22 14.59
C GLN B 234 5.74 -46.27 13.33
N LEU B 235 5.25 -45.11 12.87
CA LEU B 235 4.47 -45.05 11.64
C LEU B 235 5.34 -45.36 10.42
N LEU B 236 6.50 -44.70 10.32
CA LEU B 236 7.40 -44.91 9.20
C LEU B 236 8.29 -46.11 9.43
N GLU B 237 7.80 -47.30 9.07
CA GLU B 237 8.54 -48.57 9.16
C GLU B 237 9.48 -48.67 10.36
N LYS C 25 -55.25 -23.89 18.57
CA LYS C 25 -55.89 -24.15 19.85
C LYS C 25 -55.67 -25.58 20.41
N PRO C 26 -55.80 -26.63 19.59
CA PRO C 26 -55.58 -27.99 20.12
C PRO C 26 -54.13 -28.22 20.47
N VAL C 27 -53.88 -28.92 21.58
CA VAL C 27 -52.54 -29.23 22.05
C VAL C 27 -52.58 -30.58 22.76
N LEU C 28 -51.56 -31.40 22.49
CA LEU C 28 -51.44 -32.73 23.05
C LEU C 28 -50.80 -32.66 24.43
N VAL C 29 -51.26 -33.52 25.33
CA VAL C 29 -50.81 -33.53 26.72
C VAL C 29 -50.66 -34.98 27.16
N ALA C 30 -49.65 -35.23 28.00
CA ALA C 30 -49.44 -36.57 28.55
C ALA C 30 -50.47 -36.84 29.64
N SER C 31 -51.24 -37.92 29.48
CA SER C 31 -52.29 -38.24 30.45
C SER C 31 -51.71 -38.86 31.71
N ARG C 32 -50.67 -39.67 31.58
CA ARG C 32 -50.02 -40.32 32.71
C ARG C 32 -48.52 -40.09 32.61
N ASP C 33 -47.78 -40.64 33.57
CA ASP C 33 -46.32 -40.54 33.54
C ASP C 33 -45.76 -41.46 32.47
N LEU C 34 -44.94 -40.89 31.58
CA LEU C 34 -44.29 -41.67 30.54
C LEU C 34 -42.82 -41.85 30.90
N PRO C 35 -42.35 -43.08 31.16
CA PRO C 35 -40.94 -43.27 31.51
C PRO C 35 -40.02 -43.08 30.32
N ALA C 36 -38.72 -43.07 30.58
CA ALA C 36 -37.73 -42.90 29.52
C ALA C 36 -37.74 -44.10 28.58
N LEU C 37 -37.60 -43.82 27.29
CA LEU C 37 -37.54 -44.83 26.23
C LEU C 37 -38.81 -45.68 26.23
N ALA C 38 -39.92 -45.00 25.97
CA ALA C 38 -41.22 -45.65 25.94
C ALA C 38 -41.97 -45.24 24.68
N VAL C 39 -42.68 -46.19 24.09
CA VAL C 39 -43.46 -45.94 22.88
C VAL C 39 -44.80 -45.36 23.30
N ILE C 40 -45.50 -44.71 22.37
CA ILE C 40 -46.70 -43.95 22.67
C ILE C 40 -47.92 -44.65 22.11
N GLY C 41 -48.93 -44.82 22.96
CA GLY C 41 -50.23 -45.30 22.55
C GLY C 41 -51.30 -44.23 22.74
N ARG C 42 -52.53 -44.61 22.39
CA ARG C 42 -53.65 -43.67 22.50
C ARG C 42 -54.07 -43.44 23.95
N ASP C 43 -53.72 -44.34 24.87
CA ASP C 43 -54.08 -44.14 26.26
C ASP C 43 -53.20 -43.07 26.91
N ASP C 44 -52.01 -42.83 26.35
CA ASP C 44 -51.06 -41.93 26.98
C ASP C 44 -51.40 -40.47 26.71
N LEU C 45 -52.05 -40.17 25.60
CA LEU C 45 -52.25 -38.80 25.15
C LEU C 45 -53.66 -38.30 25.42
N SER C 46 -53.78 -36.98 25.53
CA SER C 46 -55.05 -36.29 25.67
C SER C 46 -54.98 -34.99 24.88
N VAL C 47 -56.14 -34.44 24.53
CA VAL C 47 -56.22 -33.23 23.73
C VAL C 47 -56.85 -32.14 24.59
N GLU C 48 -56.19 -30.98 24.66
CA GLU C 48 -56.70 -29.84 25.40
C GLU C 48 -56.68 -28.60 24.51
N LEU C 49 -57.69 -27.75 24.69
CA LEU C 49 -57.84 -26.54 23.90
C LEU C 49 -57.28 -25.37 24.70
N LEU C 50 -56.17 -24.80 24.23
CA LEU C 50 -55.51 -23.67 24.87
C LEU C 50 -55.59 -22.45 23.99
N ARG C 51 -55.54 -21.27 24.61
CA ARG C 51 -55.64 -20.02 23.86
C ARG C 51 -54.44 -19.84 22.93
N THR C 52 -53.24 -20.18 23.40
CA THR C 52 -52.03 -20.09 22.60
C THR C 52 -51.31 -21.43 22.60
N ALA C 53 -50.83 -21.84 21.42
CA ALA C 53 -50.14 -23.11 21.25
C ALA C 53 -48.64 -22.88 21.17
N PRO C 54 -47.84 -23.45 22.06
CA PRO C 54 -46.39 -23.21 22.03
C PRO C 54 -45.75 -23.82 20.80
N VAL C 55 -44.57 -23.29 20.46
CA VAL C 55 -43.79 -23.86 19.36
C VAL C 55 -43.33 -25.26 19.74
N GLY C 56 -43.55 -26.21 18.83
CA GLY C 56 -43.23 -27.60 19.06
C GLY C 56 -44.43 -28.46 19.39
N SER C 57 -45.59 -27.86 19.62
CA SER C 57 -46.78 -28.62 19.95
C SER C 57 -47.32 -29.35 18.72
N TYR C 58 -48.07 -30.43 18.98
CA TYR C 58 -48.66 -31.26 17.95
C TYR C 58 -50.17 -31.21 18.08
N ASP C 59 -50.87 -31.19 16.93
CA ASP C 59 -52.32 -31.00 16.95
C ASP C 59 -53.07 -32.32 17.01
N ARG C 60 -52.87 -33.21 16.00
CA ARG C 60 -53.66 -34.44 16.05
C ARG C 60 -52.94 -35.53 16.83
N PRO C 61 -53.69 -36.43 17.46
CA PRO C 61 -53.05 -37.55 18.18
C PRO C 61 -52.27 -38.48 17.27
N GLU C 62 -52.67 -38.64 16.01
CA GLU C 62 -52.00 -39.56 15.10
C GLU C 62 -50.58 -39.11 14.78
N ALA C 63 -50.24 -37.85 15.02
CA ALA C 63 -48.90 -37.37 14.71
C ALA C 63 -47.85 -37.85 15.68
N LEU C 64 -48.25 -38.44 16.81
CA LEU C 64 -47.32 -38.88 17.84
C LEU C 64 -47.57 -40.33 18.22
N LEU C 65 -48.20 -41.08 17.33
CA LEU C 65 -48.52 -42.48 17.58
C LEU C 65 -47.44 -43.38 17.01
N GLY C 66 -46.81 -44.17 17.88
CA GLY C 66 -45.72 -45.03 17.51
C GLY C 66 -44.35 -44.46 17.80
N LYS C 67 -44.26 -43.15 18.02
CA LYS C 67 -42.99 -42.53 18.30
C LYS C 67 -42.55 -42.80 19.74
N ARG C 68 -41.30 -42.48 20.03
CA ARG C 68 -40.68 -42.82 21.30
C ARG C 68 -40.16 -41.57 21.98
N VAL C 69 -40.44 -41.44 23.27
CA VAL C 69 -39.95 -40.32 24.06
C VAL C 69 -38.58 -40.67 24.63
N TRP C 70 -37.65 -39.73 24.58
CA TRP C 70 -36.28 -39.97 24.98
C TRP C 70 -35.91 -39.35 26.32
N VAL C 71 -36.84 -38.65 26.96
CA VAL C 71 -36.69 -38.20 28.34
C VAL C 71 -38.01 -38.43 29.06
N ALA C 72 -37.95 -38.50 30.39
CA ALA C 72 -39.15 -38.70 31.19
C ALA C 72 -40.09 -37.51 31.06
N VAL C 73 -41.37 -37.80 30.88
CA VAL C 73 -42.41 -36.78 30.73
C VAL C 73 -43.39 -36.91 31.89
N PRO C 74 -43.41 -35.99 32.84
CA PRO C 74 -44.38 -36.05 33.93
C PRO C 74 -45.79 -35.81 33.43
N ALA C 75 -46.76 -36.21 34.25
CA ALA C 75 -48.16 -36.20 33.87
C ALA C 75 -48.68 -34.77 33.68
N GLY C 76 -49.51 -34.59 32.66
CA GLY C 76 -50.10 -33.30 32.36
C GLY C 76 -49.23 -32.37 31.56
N SER C 77 -48.02 -32.78 31.19
CA SER C 77 -47.09 -31.88 30.53
C SER C 77 -47.43 -31.75 29.04
N ILE C 78 -47.23 -30.54 28.50
CA ILE C 78 -47.35 -30.35 27.06
C ILE C 78 -46.21 -31.09 26.37
N LEU C 79 -46.56 -31.87 25.35
CA LEU C 79 -45.61 -32.75 24.68
C LEU C 79 -44.94 -32.02 23.53
N SER C 80 -43.63 -31.82 23.63
CA SER C 80 -42.84 -31.18 22.60
C SER C 80 -41.37 -31.35 22.94
N ALA C 81 -40.55 -31.57 21.91
CA ALA C 81 -39.10 -31.61 22.02
C ALA C 81 -38.60 -32.80 22.82
N ALA C 82 -39.50 -33.59 23.39
CA ALA C 82 -39.14 -34.85 23.99
C ALA C 82 -39.28 -36.02 23.03
N THR C 83 -39.80 -35.77 21.82
CA THR C 83 -39.99 -36.79 20.80
C THR C 83 -38.95 -36.69 19.68
N LEU C 84 -37.85 -36.00 19.93
CA LEU C 84 -36.81 -35.79 18.92
C LEU C 84 -35.61 -36.68 19.24
N GLU C 85 -35.15 -37.40 18.24
CA GLU C 85 -34.06 -38.36 18.42
C GLU C 85 -32.73 -37.65 18.60
N PRO C 86 -32.00 -37.89 19.69
CA PRO C 86 -30.64 -37.32 19.81
C PRO C 86 -29.66 -38.09 18.95
N GLY C 87 -28.89 -37.36 18.15
CA GLY C 87 -27.87 -37.98 17.35
C GLY C 87 -27.70 -37.26 16.02
N GLY C 88 -26.79 -37.78 15.23
CA GLY C 88 -26.52 -37.27 13.91
C GLY C 88 -26.50 -38.36 12.86
N PRO C 89 -26.42 -37.98 11.58
CA PRO C 89 -26.44 -38.99 10.52
C PRO C 89 -25.16 -39.81 10.42
N LEU C 90 -24.00 -39.21 10.67
CA LEU C 90 -22.73 -39.93 10.50
C LEU C 90 -22.66 -41.16 11.38
N ALA C 91 -23.25 -41.12 12.57
CA ALA C 91 -23.22 -42.24 13.50
C ALA C 91 -24.09 -43.40 13.05
N ARG C 92 -24.91 -43.21 12.02
CA ARG C 92 -25.79 -44.28 11.54
C ARG C 92 -25.20 -45.07 10.39
N THR C 93 -23.97 -44.79 9.97
CA THR C 93 -23.39 -45.39 8.79
C THR C 93 -22.11 -46.18 9.06
N ILE C 94 -21.76 -46.40 10.33
CA ILE C 94 -20.56 -47.13 10.69
C ILE C 94 -20.94 -48.26 11.64
N ARG C 95 -19.93 -49.01 12.05
CA ARG C 95 -20.09 -50.19 12.90
C ARG C 95 -19.36 -49.97 14.22
N PRO C 96 -19.65 -50.77 15.25
CA PRO C 96 -19.03 -50.54 16.56
C PRO C 96 -17.51 -50.62 16.57
N ASP C 97 -16.89 -51.27 15.59
CA ASP C 97 -15.44 -51.36 15.52
C ASP C 97 -14.83 -50.32 14.61
N GLU C 98 -15.60 -49.31 14.20
CA GLU C 98 -15.12 -48.26 13.31
C GLU C 98 -15.37 -46.90 13.92
N ARG C 99 -14.71 -45.90 13.36
CA ARG C 99 -14.91 -44.49 13.71
C ARG C 99 -15.05 -43.70 12.41
N ALA C 100 -15.60 -42.51 12.52
CA ALA C 100 -15.76 -41.61 11.38
C ALA C 100 -14.89 -40.38 11.61
N MET C 101 -13.95 -40.12 10.70
CA MET C 101 -13.07 -38.97 10.83
C MET C 101 -12.91 -38.25 9.49
N ALA C 102 -12.65 -36.96 9.57
CA ALA C 102 -12.58 -36.10 8.40
C ALA C 102 -11.14 -35.66 8.12
N ILE C 103 -10.83 -35.50 6.83
CA ILE C 103 -9.54 -35.01 6.37
C ILE C 103 -9.78 -33.90 5.36
N ALA C 104 -8.75 -33.07 5.18
CA ALA C 104 -8.81 -31.97 4.23
C ALA C 104 -8.54 -32.47 2.82
N VAL C 105 -9.30 -31.94 1.86
CA VAL C 105 -9.27 -32.44 0.49
C VAL C 105 -9.17 -31.28 -0.49
N ASP C 106 -8.48 -31.53 -1.60
CA ASP C 106 -8.50 -30.63 -2.74
C ASP C 106 -8.70 -31.47 -4.00
N GLU C 107 -8.58 -30.85 -5.18
CA GLU C 107 -8.79 -31.61 -6.41
C GLU C 107 -7.66 -32.60 -6.68
N VAL C 108 -6.43 -32.25 -6.32
CA VAL C 108 -5.32 -33.18 -6.49
C VAL C 108 -5.43 -34.35 -5.52
N VAL C 109 -5.81 -34.07 -4.27
CA VAL C 109 -5.86 -35.12 -3.26
C VAL C 109 -6.90 -36.17 -3.61
N GLY C 110 -8.13 -35.75 -3.92
CA GLY C 110 -9.14 -36.73 -4.25
C GLY C 110 -9.53 -36.81 -5.70
N GLY C 111 -8.98 -37.80 -6.41
CA GLY C 111 -9.41 -38.24 -7.73
C GLY C 111 -9.92 -37.20 -8.71
N GLY C 112 -9.29 -36.02 -8.74
CA GLY C 112 -9.67 -34.99 -9.68
C GLY C 112 -11.14 -34.60 -9.62
N GLY C 113 -11.74 -34.67 -8.43
CA GLY C 113 -13.15 -34.35 -8.29
C GLY C 113 -14.09 -35.41 -8.81
N PHE C 114 -13.65 -36.66 -8.89
CA PHE C 114 -14.47 -37.77 -9.37
C PHE C 114 -14.71 -38.83 -8.30
N VAL C 115 -14.52 -38.48 -7.04
CA VAL C 115 -14.73 -39.40 -5.92
C VAL C 115 -16.12 -39.15 -5.34
N LEU C 116 -16.89 -40.22 -5.20
CA LEU C 116 -18.23 -40.16 -4.64
C LEU C 116 -18.31 -41.02 -3.38
N PRO C 117 -19.27 -40.73 -2.49
CA PRO C 117 -19.50 -41.62 -1.36
C PRO C 117 -19.85 -43.03 -1.82
N GLY C 118 -19.38 -44.02 -1.07
CA GLY C 118 -19.55 -45.40 -1.46
C GLY C 118 -18.37 -46.00 -2.20
N ASP C 119 -17.23 -45.31 -2.20
CA ASP C 119 -16.02 -45.77 -2.88
C ASP C 119 -15.03 -46.28 -1.84
N TYR C 120 -13.95 -46.87 -2.33
CA TYR C 120 -12.88 -47.39 -1.49
C TYR C 120 -11.56 -46.81 -1.94
N VAL C 121 -10.78 -46.29 -1.00
CA VAL C 121 -9.56 -45.56 -1.31
C VAL C 121 -8.41 -46.07 -0.45
N ASP C 122 -7.20 -45.81 -0.93
CA ASP C 122 -5.97 -46.06 -0.21
C ASP C 122 -5.33 -44.72 0.11
N VAL C 123 -4.82 -44.56 1.33
CA VAL C 123 -4.25 -43.31 1.79
C VAL C 123 -2.74 -43.41 1.71
N MET C 124 -2.10 -42.46 1.02
CA MET C 124 -0.66 -42.41 0.89
C MET C 124 -0.13 -41.11 1.47
N LEU C 125 1.08 -41.18 2.02
CA LEU C 125 1.67 -40.09 2.78
C LEU C 125 3.04 -39.72 2.22
N PHE C 126 3.29 -38.42 2.11
CA PHE C 126 4.61 -37.87 1.82
C PHE C 126 5.06 -37.06 3.01
N VAL C 127 6.25 -37.35 3.53
CA VAL C 127 6.79 -36.69 4.71
C VAL C 127 8.30 -36.54 4.54
N ARG C 128 8.86 -35.59 5.28
CA ARG C 128 10.30 -35.39 5.36
C ARG C 128 10.73 -35.75 6.78
N ASP C 129 11.65 -36.71 6.89
CA ASP C 129 11.89 -37.39 8.16
C ASP C 129 12.49 -36.44 9.21
N GLU C 130 13.56 -35.73 8.84
CA GLU C 130 14.23 -34.80 9.74
C GLU C 130 14.73 -35.48 11.02
N ARG C 131 15.55 -36.51 10.87
CA ARG C 131 16.20 -37.18 11.98
C ARG C 131 17.70 -37.26 11.72
N ASP C 132 18.49 -37.12 12.79
CA ASP C 132 19.95 -37.13 12.72
C ASP C 132 20.47 -35.92 11.95
N GLY C 133 19.64 -34.89 11.84
CA GLY C 133 20.04 -33.63 11.25
C GLY C 133 20.06 -33.59 9.74
N GLU C 134 19.71 -34.72 9.10
CA GLU C 134 19.58 -34.78 7.65
C GLU C 134 18.11 -34.97 7.31
N SER C 135 17.64 -34.24 6.30
CA SER C 135 16.27 -34.38 5.84
C SER C 135 16.21 -35.38 4.69
N THR C 136 15.16 -36.20 4.66
CA THR C 136 15.03 -37.27 3.68
C THR C 136 13.56 -37.40 3.29
N PRO C 137 13.20 -37.21 2.02
CA PRO C 137 11.82 -37.44 1.60
C PRO C 137 11.46 -38.93 1.64
N LEU C 138 10.18 -39.21 1.85
CA LEU C 138 9.69 -40.58 1.91
C LEU C 138 8.27 -40.63 1.39
N ALA C 139 7.84 -41.82 0.97
CA ALA C 139 6.47 -42.08 0.57
C ALA C 139 6.06 -43.46 1.08
N GLN C 140 4.83 -43.58 1.58
CA GLN C 140 4.39 -44.81 2.21
C GLN C 140 2.87 -44.86 2.22
N LEU C 141 2.33 -46.08 2.16
CA LEU C 141 0.90 -46.35 2.27
C LEU C 141 0.56 -46.52 3.75
N VAL C 142 -0.44 -45.77 4.23
CA VAL C 142 -0.74 -45.79 5.65
C VAL C 142 -1.98 -46.62 5.94
N LEU C 143 -3.05 -46.44 5.15
CA LEU C 143 -4.29 -47.18 5.37
C LEU C 143 -4.86 -47.67 4.05
N PRO C 144 -5.07 -48.98 3.90
CA PRO C 144 -5.68 -49.52 2.67
C PRO C 144 -7.19 -49.72 2.77
N GLY C 145 -7.90 -49.52 1.67
CA GLY C 145 -9.27 -49.95 1.56
C GLY C 145 -10.25 -49.27 2.51
N VAL C 146 -10.15 -47.96 2.67
CA VAL C 146 -11.08 -47.24 3.54
C VAL C 146 -12.30 -46.81 2.73
N ARG C 147 -13.47 -46.93 3.35
CA ARG C 147 -14.73 -46.56 2.73
C ARG C 147 -14.98 -45.07 2.91
N VAL C 148 -15.32 -44.39 1.82
CA VAL C 148 -15.62 -42.96 1.86
C VAL C 148 -17.06 -42.78 2.29
N LEU C 149 -17.27 -42.07 3.39
CA LEU C 149 -18.63 -41.80 3.86
C LEU C 149 -19.19 -40.50 3.33
N THR C 150 -18.41 -39.42 3.32
CA THR C 150 -18.90 -38.16 2.77
C THR C 150 -17.81 -37.52 1.93
N TYR C 151 -18.17 -37.11 0.71
CA TYR C 151 -17.47 -36.05 0.01
C TYR C 151 -18.23 -34.75 0.23
N GLY C 152 -17.54 -33.64 0.02
CA GLY C 152 -18.05 -32.33 0.41
C GLY C 152 -19.51 -32.07 0.08
N GLU C 153 -20.33 -31.95 1.12
CA GLU C 153 -21.78 -31.73 1.04
C GLU C 153 -22.53 -32.88 0.42
N ARG C 154 -21.93 -34.07 0.35
CA ARG C 154 -22.58 -35.25 -0.23
C ARG C 154 -22.51 -36.39 0.77
N ILE C 155 -23.66 -36.97 1.09
CA ILE C 155 -23.75 -38.04 2.08
C ILE C 155 -24.82 -39.04 1.64
N ALA C 156 -24.61 -40.31 1.97
CA ALA C 156 -25.54 -41.38 1.68
C ALA C 156 -26.00 -41.99 3.00
N VAL C 157 -27.24 -41.70 3.39
CA VAL C 157 -27.80 -42.15 4.66
C VAL C 157 -26.93 -41.72 5.82
N PRO C 171 -22.26 -25.51 -6.04
CA PRO C 171 -21.38 -24.67 -6.86
C PRO C 171 -20.14 -24.20 -6.11
N ARG C 172 -19.87 -24.82 -4.96
CA ARG C 172 -18.71 -24.49 -4.16
C ARG C 172 -17.75 -25.68 -4.12
N PRO C 173 -16.46 -25.46 -4.26
CA PRO C 173 -15.50 -26.57 -4.25
C PRO C 173 -15.55 -27.33 -2.94
N PRO C 174 -15.46 -28.65 -2.97
CA PRO C 174 -15.40 -29.43 -1.73
C PRO C 174 -14.14 -29.11 -0.94
N ARG C 175 -14.26 -29.16 0.39
CA ARG C 175 -13.15 -28.83 1.27
C ARG C 175 -12.71 -29.96 2.18
N THR C 176 -13.59 -30.90 2.50
CA THR C 176 -13.26 -31.99 3.41
C THR C 176 -13.89 -33.29 2.92
N ALA C 177 -13.39 -34.40 3.45
CA ALA C 177 -13.97 -35.71 3.18
C ALA C 177 -13.93 -36.55 4.45
N VAL C 178 -15.02 -37.25 4.72
CA VAL C 178 -15.17 -38.05 5.93
C VAL C 178 -15.10 -39.53 5.56
N LEU C 179 -14.20 -40.24 6.24
CA LEU C 179 -13.91 -41.64 6.01
C LEU C 179 -14.24 -42.48 7.25
N ALA C 180 -14.42 -43.77 7.01
CA ALA C 180 -14.71 -44.75 8.05
C ALA C 180 -13.45 -45.55 8.34
N VAL C 181 -12.79 -45.22 9.44
CA VAL C 181 -11.48 -45.76 9.80
C VAL C 181 -11.65 -46.88 10.81
N PRO C 182 -10.85 -47.95 10.75
CA PRO C 182 -10.82 -48.91 11.84
C PRO C 182 -10.32 -48.27 13.13
N GLU C 183 -10.75 -48.85 14.25
CA GLU C 183 -10.49 -48.24 15.55
C GLU C 183 -9.02 -48.20 15.92
N ASP C 184 -8.18 -49.01 15.28
CA ASP C 184 -6.76 -49.00 15.56
C ASP C 184 -5.97 -48.06 14.66
N GLY C 185 -6.62 -47.40 13.70
CA GLY C 185 -5.94 -46.52 12.77
C GLY C 185 -6.27 -45.06 12.87
N VAL C 186 -6.99 -44.62 13.91
CA VAL C 186 -7.35 -43.21 14.03
C VAL C 186 -6.12 -42.36 14.31
N ALA C 187 -5.28 -42.80 15.27
CA ALA C 187 -4.08 -42.05 15.60
C ALA C 187 -3.11 -42.01 14.42
N ARG C 188 -3.02 -43.11 13.68
CA ARG C 188 -2.15 -43.14 12.50
C ARG C 188 -2.59 -42.12 11.47
N LEU C 189 -3.90 -42.03 11.19
CA LEU C 189 -4.38 -41.05 10.24
C LEU C 189 -4.18 -39.63 10.73
N MET C 190 -4.39 -39.38 12.03
CA MET C 190 -4.15 -38.05 12.56
C MET C 190 -2.69 -37.64 12.39
N LEU C 191 -1.77 -38.53 12.75
CA LEU C 191 -0.35 -38.23 12.63
C LEU C 191 0.04 -38.01 11.17
N ALA C 192 -0.48 -38.84 10.26
CA ALA C 192 -0.15 -38.69 8.86
C ALA C 192 -0.69 -37.39 8.30
N SER C 193 -1.91 -37.02 8.68
CA SER C 193 -2.53 -35.80 8.16
C SER C 193 -1.78 -34.56 8.64
N GLN C 194 -1.33 -34.58 9.90
CA GLN C 194 -0.68 -33.37 10.43
C GLN C 194 0.82 -33.32 10.14
N ALA C 195 1.45 -34.46 9.88
CA ALA C 195 2.90 -34.47 9.73
C ALA C 195 3.34 -34.17 8.31
N GLY C 196 2.58 -34.59 7.32
CA GLY C 196 2.96 -34.42 5.92
C GLY C 196 1.77 -34.16 5.03
N SER C 197 1.85 -34.70 3.81
CA SER C 197 0.80 -34.54 2.82
C SER C 197 0.17 -35.88 2.50
N LEU C 198 -1.14 -35.85 2.21
CA LEU C 198 -1.93 -37.05 1.99
C LEU C 198 -2.48 -37.07 0.57
N ARG C 199 -2.58 -38.26 0.00
CA ARG C 199 -3.25 -38.45 -1.28
C ARG C 199 -4.09 -39.73 -1.25
N LEU C 200 -5.11 -39.76 -2.10
CA LEU C 200 -6.03 -40.88 -2.18
C LEU C 200 -5.89 -41.60 -3.51
N ALA C 201 -5.83 -42.92 -3.48
CA ALA C 201 -5.81 -43.76 -4.67
C ALA C 201 -7.07 -44.59 -4.73
N ILE C 202 -7.80 -44.49 -5.84
CA ILE C 202 -9.10 -45.15 -5.94
C ILE C 202 -8.92 -46.60 -6.39
N ARG C 203 -9.66 -47.50 -5.76
CA ARG C 203 -9.62 -48.92 -6.06
C ARG C 203 -10.79 -49.31 -6.95
N SER C 204 -10.64 -50.44 -7.64
CA SER C 204 -11.58 -50.83 -8.67
C SER C 204 -12.89 -51.34 -8.08
N LYS C 205 -13.96 -51.21 -8.87
CA LYS C 205 -15.27 -51.73 -8.49
C LYS C 205 -15.36 -53.24 -8.64
N ASP C 206 -14.50 -53.85 -9.44
CA ASP C 206 -14.55 -55.29 -9.69
C ASP C 206 -13.88 -56.10 -8.60
N GLU C 207 -13.31 -55.46 -7.58
CA GLU C 207 -12.73 -56.17 -6.46
C GLU C 207 -13.76 -56.64 -5.44
N GLU C 208 -14.97 -56.09 -5.49
CA GLU C 208 -16.06 -56.46 -4.58
C GLU C 208 -15.64 -56.31 -3.12
N LEU C 209 -15.26 -55.08 -2.76
CA LEU C 209 -14.88 -54.80 -1.38
C LEU C 209 -16.07 -54.48 -0.47
N TYR C 210 -17.26 -54.30 -1.03
CA TYR C 210 -18.44 -54.07 -0.20
C TYR C 210 -19.04 -55.39 0.28
N ARG C 211 -19.00 -56.41 -0.58
CA ARG C 211 -19.50 -57.73 -0.18
C ARG C 211 -18.66 -58.32 0.95
N ARG C 212 -17.34 -58.20 0.84
CA ARG C 212 -16.49 -58.74 1.90
C ARG C 212 -16.71 -57.99 3.21
N GLU C 213 -17.07 -56.71 3.12
CA GLU C 213 -17.42 -55.95 4.32
C GLU C 213 -18.72 -56.48 4.92
N GLN C 214 -19.76 -56.61 4.10
CA GLN C 214 -21.00 -57.20 4.57
C GLN C 214 -21.03 -58.70 4.31
N GLU C 215 -19.95 -59.38 4.69
CA GLU C 215 -19.76 -60.84 4.63
C GLU C 215 -21.00 -61.67 4.33
N SER C 227 5.62 -53.62 1.17
CA SER C 227 5.70 -52.78 2.36
C SER C 227 6.86 -51.80 2.26
N ALA C 228 7.40 -51.43 3.44
CA ALA C 228 8.53 -50.52 3.54
C ALA C 228 8.18 -49.12 3.03
N ALA C 229 9.11 -48.19 3.16
CA ALA C 229 8.92 -46.81 2.72
C ALA C 229 9.93 -46.47 1.64
N LEU C 230 9.45 -45.97 0.52
CA LEU C 230 10.32 -45.62 -0.59
C LEU C 230 11.02 -44.30 -0.33
N SER C 231 12.34 -44.27 -0.53
CA SER C 231 13.13 -43.07 -0.40
C SER C 231 13.66 -42.63 -1.77
N LEU C 232 14.25 -41.45 -1.81
CA LEU C 232 14.78 -40.93 -3.06
C LEU C 232 15.98 -41.73 -3.54
N ASP C 233 16.70 -42.36 -2.63
CA ASP C 233 17.82 -43.23 -3.02
C ASP C 233 17.34 -44.40 -3.85
N GLN C 234 16.23 -45.02 -3.46
CA GLN C 234 15.70 -46.16 -4.20
C GLN C 234 15.19 -45.74 -5.57
N LEU C 235 14.54 -44.58 -5.64
CA LEU C 235 13.97 -44.13 -6.91
C LEU C 235 15.06 -43.68 -7.88
N LEU C 236 16.02 -42.88 -7.42
CA LEU C 236 16.99 -42.29 -8.33
C LEU C 236 17.98 -43.33 -8.85
N GLU C 237 18.51 -44.15 -7.96
CA GLU C 237 19.49 -45.15 -8.37
C GLU C 237 19.11 -46.53 -7.86
N GLU D 23 -42.87 -54.71 -28.04
CA GLU D 23 -42.72 -55.68 -29.11
C GLU D 23 -42.58 -57.09 -28.56
N ARG D 24 -42.00 -57.20 -27.37
CA ARG D 24 -41.88 -58.51 -26.72
C ARG D 24 -41.65 -58.36 -25.22
N LYS D 25 -40.38 -58.38 -24.79
CA LYS D 25 -40.07 -58.39 -23.37
C LYS D 25 -40.11 -56.98 -22.78
N PRO D 26 -40.50 -56.86 -21.50
CA PRO D 26 -40.51 -55.54 -20.86
C PRO D 26 -39.22 -55.22 -20.13
N VAL D 27 -38.77 -53.97 -20.20
CA VAL D 27 -37.53 -53.52 -19.57
C VAL D 27 -37.81 -52.19 -18.88
N LEU D 28 -37.26 -52.03 -17.68
CA LEU D 28 -37.45 -50.81 -16.89
C LEU D 28 -36.39 -49.79 -17.26
N VAL D 29 -36.83 -48.55 -17.54
CA VAL D 29 -35.95 -47.46 -17.92
C VAL D 29 -36.30 -46.24 -17.08
N ALA D 30 -35.37 -45.28 -17.05
CA ALA D 30 -35.54 -44.05 -16.29
C ALA D 30 -36.37 -43.04 -17.09
N SER D 31 -37.15 -42.23 -16.37
CA SER D 31 -37.98 -41.21 -16.98
C SER D 31 -37.49 -39.79 -16.73
N ARG D 32 -36.45 -39.62 -15.92
CA ARG D 32 -35.91 -38.30 -15.63
C ARG D 32 -34.45 -38.46 -15.23
N ASP D 33 -33.81 -37.34 -14.91
CA ASP D 33 -32.38 -37.32 -14.60
C ASP D 33 -32.22 -37.56 -13.11
N LEU D 34 -31.95 -38.81 -12.75
CA LEU D 34 -31.71 -39.13 -11.34
C LEU D 34 -30.30 -38.74 -10.96
N PRO D 35 -30.11 -37.90 -9.94
CA PRO D 35 -28.76 -37.51 -9.54
C PRO D 35 -28.02 -38.64 -8.85
N ALA D 36 -26.77 -38.39 -8.47
CA ALA D 36 -26.03 -39.36 -7.70
C ALA D 36 -26.63 -39.49 -6.30
N LEU D 37 -26.63 -40.72 -5.79
CA LEU D 37 -27.11 -41.04 -4.45
C LEU D 37 -28.58 -40.63 -4.28
N ALA D 38 -29.43 -41.27 -5.07
CA ALA D 38 -30.86 -41.00 -5.06
C ALA D 38 -31.62 -42.29 -4.79
N VAL D 39 -32.82 -42.14 -4.23
CA VAL D 39 -33.69 -43.28 -3.90
C VAL D 39 -34.83 -43.29 -4.90
N ILE D 40 -35.08 -44.46 -5.50
CA ILE D 40 -36.02 -44.56 -6.61
C ILE D 40 -37.45 -44.61 -6.09
N GLY D 41 -38.34 -43.89 -6.77
CA GLY D 41 -39.76 -43.95 -6.49
C GLY D 41 -40.53 -44.32 -7.76
N ARG D 42 -41.85 -44.38 -7.60
CA ARG D 42 -42.71 -44.73 -8.73
C ARG D 42 -42.72 -43.68 -9.82
N ASP D 43 -42.34 -42.44 -9.52
CA ASP D 43 -42.36 -41.38 -10.52
C ASP D 43 -41.04 -41.24 -11.28
N ASP D 44 -40.06 -42.09 -10.97
CA ASP D 44 -38.76 -42.06 -11.62
C ASP D 44 -38.56 -43.19 -12.61
N LEU D 45 -39.63 -43.91 -12.98
CA LEU D 45 -39.49 -45.15 -13.72
C LEU D 45 -40.53 -45.23 -14.82
N SER D 46 -40.20 -45.98 -15.86
CA SER D 46 -41.13 -46.28 -16.95
C SER D 46 -40.78 -47.64 -17.52
N VAL D 47 -41.74 -48.24 -18.22
CA VAL D 47 -41.58 -49.58 -18.80
C VAL D 47 -41.62 -49.46 -20.32
N GLU D 48 -40.72 -50.16 -20.99
CA GLU D 48 -40.66 -50.17 -22.44
C GLU D 48 -40.56 -51.60 -22.94
N LEU D 49 -41.23 -51.88 -24.06
CA LEU D 49 -41.28 -53.22 -24.63
C LEU D 49 -40.31 -53.31 -25.80
N LEU D 50 -39.34 -54.22 -25.69
CA LEU D 50 -38.27 -54.36 -26.67
C LEU D 50 -38.21 -55.80 -27.15
N ARG D 51 -37.47 -56.01 -28.24
CA ARG D 51 -37.30 -57.36 -28.76
C ARG D 51 -36.40 -58.19 -27.85
N THR D 52 -35.35 -57.58 -27.31
CA THR D 52 -34.36 -58.29 -26.50
C THR D 52 -34.10 -57.52 -25.22
N ALA D 53 -33.83 -58.26 -24.14
CA ALA D 53 -33.63 -57.68 -22.83
C ALA D 53 -32.19 -57.86 -22.40
N PRO D 54 -31.47 -56.78 -22.11
CA PRO D 54 -30.06 -56.92 -21.70
C PRO D 54 -29.91 -57.63 -20.38
N VAL D 55 -28.75 -58.27 -20.21
CA VAL D 55 -28.44 -58.91 -18.93
C VAL D 55 -28.26 -57.84 -17.86
N GLY D 56 -28.99 -58.00 -16.76
CA GLY D 56 -28.98 -57.05 -15.67
C GLY D 56 -30.20 -56.16 -15.58
N SER D 57 -31.11 -56.25 -16.54
CA SER D 57 -32.31 -55.44 -16.52
C SER D 57 -33.36 -56.05 -15.59
N TYR D 58 -34.40 -55.27 -15.32
CA TYR D 58 -35.49 -55.69 -14.44
C TYR D 58 -36.82 -55.59 -15.18
N ASP D 59 -37.77 -56.42 -14.80
CA ASP D 59 -39.05 -56.54 -15.49
C ASP D 59 -40.16 -55.72 -14.82
N ARG D 60 -40.26 -55.75 -13.49
CA ARG D 60 -41.34 -55.08 -12.80
C ARG D 60 -40.81 -53.91 -11.98
N PRO D 61 -41.62 -52.86 -11.78
CA PRO D 61 -41.16 -51.72 -10.97
C PRO D 61 -40.96 -52.05 -9.50
N GLU D 62 -41.54 -53.15 -9.00
CA GLU D 62 -41.52 -53.44 -7.58
C GLU D 62 -40.17 -53.91 -7.07
N ALA D 63 -39.29 -54.38 -7.96
CA ALA D 63 -37.96 -54.78 -7.53
C ALA D 63 -37.00 -53.61 -7.46
N LEU D 64 -37.45 -52.41 -7.83
CA LEU D 64 -36.58 -51.25 -7.89
C LEU D 64 -37.17 -50.07 -7.10
N LEU D 65 -37.66 -50.33 -5.90
CA LEU D 65 -38.26 -49.30 -5.06
C LEU D 65 -37.51 -49.23 -3.74
N GLY D 66 -37.02 -48.04 -3.41
CA GLY D 66 -36.25 -47.83 -2.21
C GLY D 66 -34.77 -48.09 -2.36
N LYS D 67 -34.35 -48.64 -3.50
CA LYS D 67 -32.93 -48.85 -3.73
C LYS D 67 -32.25 -47.54 -4.13
N ARG D 68 -30.94 -47.51 -3.99
CA ARG D 68 -30.16 -46.30 -4.20
C ARG D 68 -29.29 -46.44 -5.45
N VAL D 69 -29.35 -45.44 -6.31
CA VAL D 69 -28.47 -45.37 -7.47
C VAL D 69 -27.17 -44.68 -7.05
N TRP D 70 -26.05 -45.36 -7.26
CA TRP D 70 -24.77 -44.87 -6.77
C TRP D 70 -24.01 -44.06 -7.81
N VAL D 71 -24.55 -43.91 -9.01
CA VAL D 71 -24.03 -42.99 -10.02
C VAL D 71 -25.20 -42.31 -10.69
N ALA D 72 -24.91 -41.18 -11.34
CA ALA D 72 -25.95 -40.43 -12.03
C ALA D 72 -26.49 -41.21 -13.21
N VAL D 73 -27.81 -41.19 -13.38
CA VAL D 73 -28.50 -41.92 -14.43
C VAL D 73 -29.13 -40.90 -15.38
N PRO D 74 -28.61 -40.72 -16.58
CA PRO D 74 -29.25 -39.81 -17.55
C PRO D 74 -30.61 -40.33 -17.98
N ALA D 75 -31.43 -39.40 -18.47
CA ALA D 75 -32.79 -39.74 -18.87
C ALA D 75 -32.81 -40.75 -20.00
N GLY D 76 -33.72 -41.71 -19.89
CA GLY D 76 -33.87 -42.74 -20.89
C GLY D 76 -32.94 -43.92 -20.76
N SER D 77 -32.03 -43.92 -19.79
CA SER D 77 -31.08 -45.00 -19.65
C SER D 77 -31.77 -46.26 -19.16
N ILE D 78 -31.28 -47.42 -19.59
CA ILE D 78 -31.79 -48.69 -19.12
C ILE D 78 -31.22 -48.96 -17.74
N LEU D 79 -32.09 -49.20 -16.76
CA LEU D 79 -31.64 -49.47 -15.40
C LEU D 79 -30.94 -50.81 -15.35
N SER D 80 -29.76 -50.83 -14.73
CA SER D 80 -28.93 -52.01 -14.69
C SER D 80 -28.58 -52.36 -13.25
N ALA D 81 -28.15 -53.60 -13.05
CA ALA D 81 -27.78 -54.06 -11.70
C ALA D 81 -26.52 -53.39 -11.20
N ALA D 82 -25.58 -53.07 -12.09
CA ALA D 82 -24.34 -52.44 -11.67
C ALA D 82 -24.54 -51.01 -11.21
N THR D 83 -25.63 -50.36 -11.62
CA THR D 83 -25.91 -49.00 -11.17
C THR D 83 -26.25 -48.97 -9.69
N LEU D 84 -26.81 -50.05 -9.16
CA LEU D 84 -27.24 -50.13 -7.77
C LEU D 84 -26.18 -50.71 -6.86
N GLU D 85 -24.91 -50.53 -7.18
CA GLU D 85 -23.83 -51.08 -6.37
C GLU D 85 -22.83 -49.98 -6.05
N PRO D 86 -22.16 -50.07 -4.90
CA PRO D 86 -21.23 -49.02 -4.50
C PRO D 86 -20.04 -48.86 -5.43
N GLY D 87 -19.90 -47.67 -6.01
CA GLY D 87 -18.78 -47.38 -6.89
C GLY D 87 -18.94 -46.00 -7.49
N GLY D 88 -17.85 -45.52 -8.07
CA GLY D 88 -17.83 -44.21 -8.69
C GLY D 88 -17.40 -44.26 -10.14
N PRO D 89 -17.44 -43.11 -10.82
CA PRO D 89 -17.00 -43.08 -12.23
C PRO D 89 -15.57 -43.53 -12.43
N LEU D 90 -14.66 -43.16 -11.52
CA LEU D 90 -13.27 -43.58 -11.67
C LEU D 90 -13.11 -45.07 -11.40
N ALA D 91 -13.81 -45.59 -10.38
CA ALA D 91 -13.69 -46.99 -10.01
C ALA D 91 -14.27 -47.93 -11.06
N ARG D 92 -15.03 -47.41 -12.01
CA ARG D 92 -15.66 -48.23 -13.03
C ARG D 92 -14.86 -48.31 -14.33
N THR D 93 -13.67 -47.70 -14.38
CA THR D 93 -12.87 -47.67 -15.60
C THR D 93 -11.47 -48.23 -15.40
N ILE D 94 -11.25 -49.04 -14.37
CA ILE D 94 -9.95 -49.62 -14.10
C ILE D 94 -10.11 -51.10 -13.77
N ARG D 95 -8.98 -51.73 -13.45
CA ARG D 95 -8.89 -53.17 -13.23
C ARG D 95 -8.36 -53.46 -11.83
N PRO D 96 -8.57 -54.66 -11.29
CA PRO D 96 -8.22 -54.92 -9.88
C PRO D 96 -6.75 -54.76 -9.54
N ASP D 97 -5.86 -54.81 -10.53
CA ASP D 97 -4.44 -54.65 -10.27
C ASP D 97 -3.92 -53.26 -10.60
N GLU D 98 -4.82 -52.28 -10.72
CA GLU D 98 -4.45 -50.89 -10.96
C GLU D 98 -5.18 -49.99 -9.97
N ARG D 99 -4.60 -48.81 -9.76
CA ARG D 99 -5.18 -47.77 -8.94
C ARG D 99 -5.25 -46.49 -9.75
N ALA D 100 -6.07 -45.55 -9.31
CA ALA D 100 -6.22 -44.26 -9.99
C ALA D 100 -5.70 -43.16 -9.08
N MET D 101 -4.74 -42.38 -9.57
CA MET D 101 -4.17 -41.30 -8.78
C MET D 101 -3.98 -40.05 -9.63
N ALA D 102 -4.15 -38.89 -9.01
CA ALA D 102 -4.16 -37.61 -9.72
C ALA D 102 -2.85 -36.86 -9.54
N ILE D 103 -2.47 -36.10 -10.56
CA ILE D 103 -1.29 -35.25 -10.55
C ILE D 103 -1.66 -33.88 -11.09
N ALA D 104 -0.90 -32.87 -10.68
CA ALA D 104 -1.14 -31.50 -11.11
C ALA D 104 -0.58 -31.27 -12.51
N VAL D 105 -1.31 -30.53 -13.32
CA VAL D 105 -1.03 -30.39 -14.74
C VAL D 105 -1.13 -28.92 -15.14
N ASP D 106 -0.18 -28.47 -15.95
CA ASP D 106 -0.25 -27.20 -16.66
C ASP D 106 -0.05 -27.48 -18.15
N GLU D 107 0.07 -26.42 -18.94
CA GLU D 107 0.23 -26.60 -20.38
C GLU D 107 1.58 -27.19 -20.74
N VAL D 108 2.64 -26.83 -20.01
CA VAL D 108 3.95 -27.40 -20.29
C VAL D 108 3.98 -28.88 -19.90
N VAL D 109 3.36 -29.23 -18.77
CA VAL D 109 3.39 -30.62 -18.30
C VAL D 109 2.58 -31.53 -19.21
N GLY D 110 1.42 -31.06 -19.66
CA GLY D 110 0.50 -31.94 -20.36
C GLY D 110 0.46 -31.78 -21.86
N GLY D 111 1.62 -31.61 -22.48
CA GLY D 111 1.70 -31.59 -23.93
C GLY D 111 0.94 -30.47 -24.59
N GLY D 112 0.95 -29.28 -24.00
CA GLY D 112 0.28 -28.14 -24.59
C GLY D 112 -1.23 -28.21 -24.57
N GLY D 113 -1.81 -29.02 -23.70
CA GLY D 113 -3.25 -29.16 -23.65
C GLY D 113 -3.84 -30.05 -24.72
N PHE D 114 -3.01 -30.83 -25.42
CA PHE D 114 -3.47 -31.71 -26.48
C PHE D 114 -3.58 -33.16 -26.04
N VAL D 115 -3.43 -33.44 -24.75
CA VAL D 115 -3.58 -34.80 -24.24
C VAL D 115 -5.05 -35.07 -23.95
N LEU D 116 -5.56 -36.17 -24.49
CA LEU D 116 -6.93 -36.59 -24.27
C LEU D 116 -6.95 -37.95 -23.57
N PRO D 117 -8.04 -38.29 -22.88
CA PRO D 117 -8.12 -39.60 -22.25
C PRO D 117 -8.00 -40.72 -23.27
N GLY D 118 -7.30 -41.79 -22.88
CA GLY D 118 -6.99 -42.89 -23.76
C GLY D 118 -5.57 -42.91 -24.26
N ASP D 119 -4.83 -41.81 -24.10
CA ASP D 119 -3.44 -41.75 -24.52
C ASP D 119 -2.55 -42.55 -23.57
N TYR D 120 -1.35 -42.87 -24.04
CA TYR D 120 -0.33 -43.51 -23.24
C TYR D 120 0.88 -42.60 -23.15
N VAL D 121 1.39 -42.42 -21.93
CA VAL D 121 2.40 -41.41 -21.65
C VAL D 121 3.54 -42.04 -20.84
N ASP D 122 4.67 -41.35 -20.88
CA ASP D 122 5.82 -41.63 -20.03
C ASP D 122 5.99 -40.46 -19.08
N VAL D 123 6.32 -40.77 -17.83
CA VAL D 123 6.46 -39.75 -16.78
C VAL D 123 7.94 -39.50 -16.55
N MET D 124 8.37 -38.25 -16.67
CA MET D 124 9.75 -37.86 -16.47
C MET D 124 9.84 -36.89 -15.29
N LEU D 125 10.96 -36.98 -14.57
CA LEU D 125 11.14 -36.26 -13.32
C LEU D 125 12.43 -35.45 -13.35
N PHE D 126 12.36 -34.22 -12.84
CA PHE D 126 13.54 -33.39 -12.61
C PHE D 126 13.62 -33.12 -11.11
N VAL D 127 14.75 -33.48 -10.51
CA VAL D 127 14.99 -33.30 -9.08
C VAL D 127 16.38 -32.73 -8.88
N ARG D 128 16.59 -32.11 -7.73
CA ARG D 128 17.87 -31.53 -7.35
C ARG D 128 18.32 -32.20 -6.06
N ASP D 129 19.12 -33.26 -6.19
CA ASP D 129 19.54 -34.04 -5.04
C ASP D 129 20.65 -33.35 -4.27
N GLU D 130 20.48 -33.24 -2.96
CA GLU D 130 21.52 -32.65 -2.12
C GLU D 130 22.43 -33.71 -1.53
N ARG D 131 21.88 -34.57 -0.68
CA ARG D 131 22.56 -35.74 -0.14
C ARG D 131 23.91 -35.41 0.50
N ASP D 132 24.98 -35.39 -0.31
CA ASP D 132 26.34 -35.36 0.20
C ASP D 132 26.87 -33.95 0.45
N GLY D 133 26.00 -32.95 0.56
CA GLY D 133 26.45 -31.59 0.77
C GLY D 133 26.60 -30.76 -0.50
N GLU D 134 26.49 -31.36 -1.68
CA GLU D 134 26.51 -30.65 -2.94
C GLU D 134 25.25 -30.97 -3.72
N SER D 135 24.63 -29.95 -4.28
CA SER D 135 23.41 -30.13 -5.07
C SER D 135 23.77 -30.57 -6.49
N THR D 136 22.90 -31.37 -7.10
CA THR D 136 23.14 -31.92 -8.44
C THR D 136 21.81 -32.10 -9.16
N PRO D 137 21.58 -31.39 -10.26
CA PRO D 137 20.36 -31.62 -11.05
C PRO D 137 20.39 -32.99 -11.72
N LEU D 138 19.21 -33.58 -11.89
CA LEU D 138 19.08 -34.93 -12.43
C LEU D 138 17.77 -35.05 -13.19
N ALA D 139 17.71 -36.05 -14.07
CA ALA D 139 16.50 -36.35 -14.82
C ALA D 139 16.41 -37.85 -15.02
N GLN D 140 15.19 -38.39 -14.90
CA GLN D 140 14.98 -39.83 -14.93
C GLN D 140 13.58 -40.13 -15.44
N LEU D 141 13.41 -41.34 -15.99
CA LEU D 141 12.12 -41.88 -16.38
C LEU D 141 11.62 -42.76 -15.23
N VAL D 142 10.42 -42.45 -14.71
CA VAL D 142 9.93 -43.14 -13.52
C VAL D 142 8.84 -44.15 -13.88
N LEU D 143 7.93 -43.77 -14.79
CA LEU D 143 6.82 -44.64 -15.16
C LEU D 143 6.66 -44.68 -16.68
N PRO D 144 6.89 -45.82 -17.33
CA PRO D 144 6.62 -45.95 -18.75
C PRO D 144 5.24 -46.52 -19.05
N GLY D 145 4.68 -46.07 -20.16
CA GLY D 145 3.43 -46.60 -20.67
C GLY D 145 2.28 -46.59 -19.69
N VAL D 146 1.79 -45.39 -19.33
CA VAL D 146 0.72 -45.22 -18.37
C VAL D 146 -0.50 -44.65 -19.08
N ARG D 147 -1.65 -45.28 -18.92
CA ARG D 147 -2.87 -44.80 -19.52
C ARG D 147 -3.37 -43.55 -18.81
N VAL D 148 -4.11 -42.72 -19.55
CA VAL D 148 -4.66 -41.47 -19.04
C VAL D 148 -6.16 -41.66 -18.90
N LEU D 149 -6.68 -41.45 -17.68
CA LEU D 149 -8.11 -41.63 -17.45
C LEU D 149 -8.86 -40.32 -17.57
N THR D 150 -8.39 -39.26 -16.91
CA THR D 150 -9.04 -37.96 -16.98
C THR D 150 -8.01 -36.90 -17.34
N TYR D 151 -8.42 -35.94 -18.17
CA TYR D 151 -7.68 -34.71 -18.40
C TYR D 151 -8.67 -33.56 -18.32
N GLY D 152 -8.63 -32.82 -17.22
CA GLY D 152 -9.59 -31.76 -16.99
C GLY D 152 -10.94 -32.28 -16.56
N GLU D 153 -11.96 -32.05 -17.39
CA GLU D 153 -13.32 -32.49 -17.09
C GLU D 153 -13.76 -33.66 -17.96
N ARG D 154 -12.83 -34.31 -18.65
CA ARG D 154 -13.13 -35.44 -19.51
C ARG D 154 -12.68 -36.74 -18.86
N ILE D 155 -13.43 -37.81 -19.10
CA ILE D 155 -13.17 -39.11 -18.52
C ILE D 155 -13.20 -40.17 -19.62
N ALA D 156 -12.55 -41.30 -19.34
CA ALA D 156 -12.50 -42.41 -20.27
C ALA D 156 -13.80 -43.21 -20.22
N VAL D 157 -14.01 -44.03 -21.24
CA VAL D 157 -15.20 -44.87 -21.35
C VAL D 157 -14.85 -46.26 -20.84
N GLY D 158 -15.64 -46.76 -19.89
CA GLY D 158 -15.39 -48.04 -19.28
C GLY D 158 -16.11 -49.17 -20.00
N SER D 159 -16.11 -50.33 -19.34
CA SER D 159 -16.75 -51.52 -19.92
C SER D 159 -18.26 -51.39 -20.02
N ASP D 160 -18.85 -50.46 -19.28
CA ASP D 160 -20.30 -50.25 -19.35
C ASP D 160 -20.70 -49.39 -20.54
N GLY D 161 -19.74 -48.78 -21.24
CA GLY D 161 -20.04 -47.98 -22.40
C GLY D 161 -20.79 -46.71 -22.13
N GLN D 162 -20.49 -46.04 -21.02
CA GLN D 162 -21.13 -44.77 -20.66
C GLN D 162 -20.06 -43.70 -20.45
N ASP D 163 -20.34 -42.50 -20.94
CA ASP D 163 -19.42 -41.38 -20.83
C ASP D 163 -19.91 -40.43 -19.76
N ARG D 164 -19.16 -40.34 -18.66
CA ARG D 164 -19.50 -39.49 -17.52
C ARG D 164 -18.49 -38.34 -17.47
N SER D 165 -18.76 -37.30 -18.24
CA SER D 165 -17.87 -36.16 -18.36
C SER D 165 -18.61 -34.90 -17.95
N ASN D 166 -17.97 -34.07 -17.12
CA ASN D 166 -18.59 -32.85 -16.63
C ASN D 166 -18.65 -31.82 -17.76
N GLN D 167 -19.82 -31.68 -18.37
CA GLN D 167 -20.03 -30.67 -19.40
C GLN D 167 -20.48 -29.38 -18.72
N GLU D 168 -19.63 -28.36 -18.77
CA GLU D 168 -19.89 -27.13 -18.04
C GLU D 168 -19.61 -25.93 -18.93
N LYS D 169 -20.29 -24.82 -18.62
CA LYS D 169 -20.07 -23.56 -19.30
C LYS D 169 -18.86 -22.86 -18.68
N ASP D 170 -18.32 -21.86 -19.37
CA ASP D 170 -17.13 -21.11 -18.98
C ASP D 170 -15.94 -22.07 -18.82
N PRO D 171 -15.42 -22.61 -19.91
CA PRO D 171 -14.34 -23.60 -19.80
C PRO D 171 -13.07 -22.97 -19.23
N ARG D 172 -12.64 -23.49 -18.09
CA ARG D 172 -11.41 -23.08 -17.42
C ARG D 172 -10.28 -24.01 -17.82
N PRO D 173 -9.04 -23.51 -17.83
CA PRO D 173 -7.92 -24.38 -18.18
C PRO D 173 -7.81 -25.54 -17.22
N PRO D 174 -7.44 -26.73 -17.72
CA PRO D 174 -7.34 -27.91 -16.85
C PRO D 174 -6.26 -27.72 -15.79
N ARG D 175 -6.47 -28.36 -14.63
CA ARG D 175 -5.54 -28.28 -13.52
C ARG D 175 -5.08 -29.64 -13.01
N THR D 176 -5.77 -30.72 -13.34
CA THR D 176 -5.43 -32.04 -12.82
C THR D 176 -5.56 -33.09 -13.92
N ALA D 177 -4.82 -34.19 -13.75
CA ALA D 177 -4.95 -35.34 -14.63
C ALA D 177 -4.80 -36.61 -13.80
N VAL D 178 -5.69 -37.57 -14.03
CA VAL D 178 -5.73 -38.81 -13.27
C VAL D 178 -5.17 -39.93 -14.14
N LEU D 179 -4.26 -40.72 -13.57
CA LEU D 179 -3.57 -41.80 -14.25
C LEU D 179 -3.88 -43.13 -13.59
N ALA D 180 -3.85 -44.18 -14.40
CA ALA D 180 -4.05 -45.56 -13.95
C ALA D 180 -2.68 -46.19 -13.73
N VAL D 181 -2.26 -46.24 -12.47
CA VAL D 181 -0.94 -46.73 -12.07
C VAL D 181 -1.05 -48.20 -11.67
N PRO D 182 -0.04 -49.03 -11.91
CA PRO D 182 -0.03 -50.35 -11.28
C PRO D 182 0.11 -50.23 -9.77
N GLU D 183 -0.18 -51.34 -9.08
CA GLU D 183 -0.16 -51.31 -7.62
C GLU D 183 1.21 -50.94 -7.07
N ASP D 184 2.27 -51.51 -7.62
CA ASP D 184 3.60 -51.36 -7.06
C ASP D 184 4.26 -50.03 -7.43
N GLY D 185 3.61 -49.20 -8.24
CA GLY D 185 4.13 -47.90 -8.60
C GLY D 185 3.48 -46.71 -7.94
N VAL D 186 2.41 -46.89 -7.16
CA VAL D 186 1.68 -45.77 -6.60
C VAL D 186 2.56 -44.92 -5.70
N ALA D 187 3.44 -45.55 -4.93
CA ALA D 187 4.40 -44.79 -4.14
C ALA D 187 5.37 -44.02 -5.01
N ARG D 188 5.87 -44.63 -6.09
CA ARG D 188 6.88 -44.00 -6.92
C ARG D 188 6.39 -42.67 -7.48
N LEU D 189 5.13 -42.63 -7.93
CA LEU D 189 4.57 -41.37 -8.40
C LEU D 189 4.56 -40.32 -7.30
N MET D 190 4.13 -40.70 -6.10
CA MET D 190 3.96 -39.72 -5.02
C MET D 190 5.25 -38.97 -4.75
N LEU D 191 6.34 -39.72 -4.53
CA LEU D 191 7.65 -39.10 -4.37
C LEU D 191 7.95 -38.16 -5.53
N ALA D 192 7.78 -38.66 -6.76
CA ALA D 192 8.11 -37.85 -7.93
C ALA D 192 7.22 -36.62 -8.01
N SER D 193 6.02 -36.70 -7.44
CA SER D 193 5.11 -35.56 -7.51
C SER D 193 5.54 -34.47 -6.54
N GLN D 194 6.24 -34.82 -5.47
CA GLN D 194 6.55 -33.85 -4.44
C GLN D 194 8.04 -33.56 -4.31
N ALA D 195 8.90 -34.49 -4.73
CA ALA D 195 10.34 -34.26 -4.64
C ALA D 195 10.85 -33.32 -5.72
N GLY D 196 10.11 -33.16 -6.82
CA GLY D 196 10.58 -32.33 -7.90
C GLY D 196 9.49 -32.05 -8.91
N SER D 197 9.91 -31.76 -10.13
CA SER D 197 8.98 -31.41 -11.21
C SER D 197 8.74 -32.62 -12.11
N LEU D 198 7.54 -32.66 -12.69
CA LEU D 198 7.11 -33.76 -13.54
C LEU D 198 6.74 -33.26 -14.93
N ARG D 199 6.98 -34.10 -15.93
CA ARG D 199 6.53 -33.83 -17.29
C ARG D 199 6.08 -35.13 -17.94
N LEU D 200 5.25 -34.98 -18.97
CA LEU D 200 4.63 -36.09 -19.66
C LEU D 200 5.11 -36.14 -21.11
N ALA D 201 5.41 -37.34 -21.60
CA ALA D 201 5.83 -37.55 -22.98
C ALA D 201 4.85 -38.51 -23.65
N ILE D 202 4.28 -38.09 -24.79
CA ILE D 202 3.24 -38.88 -25.43
C ILE D 202 3.86 -39.94 -26.35
N ARG D 203 3.29 -41.14 -26.32
CA ARG D 203 3.75 -42.25 -27.13
C ARG D 203 2.84 -42.43 -28.34
N SER D 204 3.39 -43.04 -29.38
CA SER D 204 2.72 -43.12 -30.67
C SER D 204 1.53 -44.07 -30.63
N LYS D 205 0.55 -43.80 -31.49
CA LYS D 205 -0.62 -44.66 -31.62
C LYS D 205 -0.31 -45.95 -32.38
N ASP D 206 0.65 -45.91 -33.30
CA ASP D 206 0.99 -47.09 -34.08
C ASP D 206 1.57 -48.22 -33.22
N GLU D 207 1.97 -47.93 -31.99
CA GLU D 207 2.39 -48.99 -31.08
C GLU D 207 1.23 -49.87 -30.65
N GLU D 208 0.00 -49.37 -30.75
CA GLU D 208 -1.21 -50.14 -30.47
C GLU D 208 -1.20 -50.76 -29.07
N LEU D 209 -0.75 -49.95 -28.09
CA LEU D 209 -0.76 -50.42 -26.71
C LEU D 209 -2.17 -50.64 -26.20
N TYR D 210 -3.16 -49.95 -26.77
CA TYR D 210 -4.54 -50.11 -26.34
C TYR D 210 -5.02 -51.54 -26.61
N ARG D 211 -4.65 -52.09 -27.77
CA ARG D 211 -5.02 -53.46 -28.10
C ARG D 211 -4.36 -54.45 -27.16
N ARG D 212 -3.06 -54.27 -26.90
CA ARG D 212 -2.36 -55.15 -25.97
C ARG D 212 -2.98 -55.10 -24.58
N GLU D 213 -3.46 -53.93 -24.18
CA GLU D 213 -4.20 -53.84 -22.92
C GLU D 213 -5.52 -54.60 -23.02
N GLN D 214 -6.26 -54.40 -24.11
CA GLN D 214 -7.50 -55.15 -24.31
C GLN D 214 -7.24 -56.45 -25.06
N GLU D 215 -6.21 -57.18 -24.63
CA GLU D 215 -6.02 -58.58 -25.02
C GLU D 215 -5.40 -59.36 -23.86
N SER D 227 15.34 -46.31 -15.90
CA SER D 227 16.52 -45.97 -16.69
C SER D 227 17.57 -45.28 -15.84
N ALA D 228 18.82 -45.28 -16.32
CA ALA D 228 19.90 -44.63 -15.60
C ALA D 228 19.69 -43.12 -15.58
N ALA D 229 19.97 -42.52 -14.42
CA ALA D 229 19.80 -41.08 -14.27
C ALA D 229 20.87 -40.32 -15.03
N LEU D 230 20.48 -39.16 -15.56
CA LEU D 230 21.35 -38.32 -16.37
C LEU D 230 21.67 -37.04 -15.62
N SER D 231 22.95 -36.72 -15.50
CA SER D 231 23.40 -35.53 -14.80
C SER D 231 23.96 -34.50 -15.78
N LEU D 232 24.20 -33.29 -15.26
CA LEU D 232 24.79 -32.23 -16.08
C LEU D 232 26.22 -32.54 -16.49
N ASP D 233 26.94 -33.34 -15.70
CA ASP D 233 28.31 -33.71 -16.06
C ASP D 233 28.36 -34.61 -17.27
N GLN D 234 27.25 -35.21 -17.66
CA GLN D 234 27.20 -36.05 -18.85
C GLN D 234 26.55 -35.35 -20.03
N LEU D 235 25.65 -34.40 -19.77
CA LEU D 235 25.10 -33.58 -20.84
C LEU D 235 26.13 -32.54 -21.29
N LEU D 236 26.80 -31.90 -20.35
CA LEU D 236 27.76 -30.82 -20.64
C LEU D 236 29.14 -31.44 -20.92
N GLU D 237 29.24 -32.08 -22.08
CA GLU D 237 30.46 -32.72 -22.58
C GLU D 237 31.31 -33.38 -21.49
N LYS E 25 -37.35 -40.20 -30.79
CA LYS E 25 -37.98 -41.49 -30.60
C LYS E 25 -37.18 -42.70 -31.13
N PRO E 26 -36.64 -42.63 -32.35
CA PRO E 26 -35.87 -43.78 -32.85
C PRO E 26 -34.51 -43.87 -32.16
N VAL E 27 -34.14 -45.09 -31.77
CA VAL E 27 -32.90 -45.34 -31.05
C VAL E 27 -32.32 -46.67 -31.51
N LEU E 28 -31.01 -46.70 -31.69
CA LEU E 28 -30.32 -47.87 -32.21
C LEU E 28 -29.84 -48.75 -31.05
N VAL E 29 -30.05 -50.05 -31.20
CA VAL E 29 -29.64 -51.04 -30.21
C VAL E 29 -28.87 -52.14 -30.93
N ALA E 30 -28.15 -52.94 -30.15
CA ALA E 30 -27.38 -54.04 -30.71
C ALA E 30 -28.24 -55.31 -30.72
N SER E 31 -28.43 -55.88 -31.92
CA SER E 31 -29.25 -57.07 -32.04
C SER E 31 -28.60 -58.28 -31.38
N ARG E 32 -27.27 -58.38 -31.42
CA ARG E 32 -26.56 -59.51 -30.85
C ARG E 32 -25.25 -59.02 -30.24
N ASP E 33 -24.56 -59.95 -29.56
CA ASP E 33 -23.33 -59.62 -28.87
C ASP E 33 -22.28 -59.12 -29.86
N LEU E 34 -21.61 -58.03 -29.49
CA LEU E 34 -20.54 -57.45 -30.31
C LEU E 34 -19.24 -57.49 -29.53
N PRO E 35 -18.22 -58.20 -30.00
CA PRO E 35 -16.94 -58.26 -29.28
C PRO E 35 -16.15 -56.97 -29.46
N ALA E 36 -15.03 -56.90 -28.75
CA ALA E 36 -14.17 -55.73 -28.83
C ALA E 36 -13.47 -55.65 -30.18
N LEU E 37 -13.32 -54.42 -30.67
CA LEU E 37 -12.63 -54.13 -31.93
C LEU E 37 -13.30 -54.85 -33.10
N ALA E 38 -14.56 -54.49 -33.32
CA ALA E 38 -15.37 -55.12 -34.36
C ALA E 38 -16.07 -54.03 -35.16
N VAL E 39 -16.16 -54.24 -36.48
CA VAL E 39 -16.82 -53.31 -37.38
C VAL E 39 -18.31 -53.60 -37.34
N ILE E 40 -19.12 -52.66 -37.81
CA ILE E 40 -20.57 -52.70 -37.64
C ILE E 40 -21.21 -52.94 -39.00
N GLY E 41 -22.04 -53.99 -39.10
CA GLY E 41 -22.86 -54.22 -40.26
C GLY E 41 -24.34 -54.07 -39.97
N ARG E 42 -25.15 -54.34 -41.00
CA ARG E 42 -26.61 -54.22 -40.84
C ARG E 42 -27.21 -55.38 -40.06
N ASP E 43 -26.50 -56.50 -39.94
CA ASP E 43 -27.00 -57.62 -39.17
C ASP E 43 -26.71 -57.48 -37.67
N ASP E 44 -25.98 -56.44 -37.27
CA ASP E 44 -25.62 -56.23 -35.88
C ASP E 44 -26.38 -55.06 -35.24
N LEU E 45 -27.38 -54.53 -35.93
CA LEU E 45 -28.08 -53.35 -35.46
C LEU E 45 -29.59 -53.56 -35.52
N SER E 46 -30.31 -52.89 -34.64
CA SER E 46 -31.77 -52.88 -34.64
C SER E 46 -32.25 -51.49 -34.23
N VAL E 47 -33.48 -51.18 -34.60
CA VAL E 47 -34.08 -49.88 -34.34
C VAL E 47 -35.28 -50.09 -33.41
N GLU E 48 -35.34 -49.32 -32.34
CA GLU E 48 -36.44 -49.37 -31.39
C GLU E 48 -36.97 -47.97 -31.15
N LEU E 49 -38.28 -47.88 -30.91
CA LEU E 49 -38.95 -46.61 -30.69
C LEU E 49 -39.17 -46.43 -29.19
N LEU E 50 -38.44 -45.48 -28.60
CA LEU E 50 -38.50 -45.20 -27.18
C LEU E 50 -39.07 -43.81 -26.94
N ARG E 51 -39.72 -43.64 -25.79
CA ARG E 51 -40.34 -42.35 -25.48
C ARG E 51 -39.30 -41.26 -25.29
N THR E 52 -38.17 -41.58 -24.66
CA THR E 52 -37.08 -40.64 -24.48
C THR E 52 -35.79 -41.23 -25.02
N ALA E 53 -35.03 -40.41 -25.74
CA ALA E 53 -33.79 -40.84 -26.39
C ALA E 53 -32.60 -40.28 -25.62
N PRO E 54 -31.71 -41.12 -25.11
CA PRO E 54 -30.61 -40.62 -24.28
C PRO E 54 -29.60 -39.81 -25.07
N VAL E 55 -28.82 -39.02 -24.34
CA VAL E 55 -27.75 -38.27 -24.97
C VAL E 55 -26.67 -39.23 -25.45
N GLY E 56 -26.25 -39.06 -26.70
CA GLY E 56 -25.30 -39.96 -27.33
C GLY E 56 -25.92 -41.00 -28.23
N SER E 57 -27.25 -41.06 -28.30
CA SER E 57 -27.93 -42.04 -29.14
C SER E 57 -27.84 -41.64 -30.61
N TYR E 58 -28.07 -42.62 -31.48
CA TYR E 58 -28.02 -42.42 -32.92
C TYR E 58 -29.35 -42.84 -33.53
N ASP E 59 -29.87 -41.99 -34.42
CA ASP E 59 -31.21 -42.21 -34.96
C ASP E 59 -31.21 -43.21 -36.12
N ARG E 60 -30.50 -42.89 -37.20
CA ARG E 60 -30.52 -43.70 -38.41
C ARG E 60 -29.46 -44.80 -38.36
N PRO E 61 -29.72 -45.94 -39.00
CA PRO E 61 -28.69 -46.98 -39.07
C PRO E 61 -27.46 -46.54 -39.85
N GLU E 62 -27.61 -45.66 -40.83
CA GLU E 62 -26.49 -45.28 -41.69
C GLU E 62 -25.43 -44.49 -40.93
N ALA E 63 -25.71 -44.06 -39.70
CA ALA E 63 -24.75 -43.28 -38.94
C ALA E 63 -23.60 -44.16 -38.43
N LEU E 64 -23.83 -45.47 -38.31
CA LEU E 64 -22.90 -46.32 -37.59
C LEU E 64 -22.25 -47.42 -38.43
N LEU E 65 -22.72 -47.69 -39.65
CA LEU E 65 -22.03 -48.70 -40.45
C LEU E 65 -20.63 -48.21 -40.82
N GLY E 66 -19.65 -49.09 -40.67
CA GLY E 66 -18.26 -48.80 -40.94
C GLY E 66 -17.47 -48.43 -39.70
N LYS E 67 -18.14 -48.01 -38.63
CA LYS E 67 -17.46 -47.65 -37.40
C LYS E 67 -17.05 -48.91 -36.63
N ARG E 68 -16.28 -48.70 -35.57
CA ARG E 68 -15.71 -49.79 -34.80
C ARG E 68 -15.99 -49.57 -33.32
N VAL E 69 -16.46 -50.62 -32.65
CA VAL E 69 -16.71 -50.56 -31.21
C VAL E 69 -15.41 -50.88 -30.48
N TRP E 70 -15.10 -50.09 -29.45
CA TRP E 70 -13.84 -50.23 -28.72
C TRP E 70 -14.01 -50.91 -27.37
N VAL E 71 -15.24 -51.23 -26.97
CA VAL E 71 -15.50 -52.06 -25.81
C VAL E 71 -16.60 -53.05 -26.19
N ALA E 72 -16.69 -54.13 -25.42
CA ALA E 72 -17.73 -55.12 -25.68
C ALA E 72 -19.11 -54.55 -25.41
N VAL E 73 -20.04 -54.81 -26.32
CA VAL E 73 -21.40 -54.30 -26.24
C VAL E 73 -22.34 -55.49 -26.12
N PRO E 74 -22.93 -55.74 -24.95
CA PRO E 74 -23.88 -56.85 -24.79
C PRO E 74 -25.15 -56.59 -25.60
N ALA E 75 -25.87 -57.68 -25.87
CA ALA E 75 -27.04 -57.62 -26.73
C ALA E 75 -28.17 -56.84 -26.07
N GLY E 76 -28.86 -56.03 -26.87
CA GLY E 76 -29.95 -55.22 -26.40
C GLY E 76 -29.54 -53.86 -25.87
N SER E 77 -28.25 -53.59 -25.77
CA SER E 77 -27.79 -52.34 -25.18
C SER E 77 -27.95 -51.19 -26.16
N ILE E 78 -28.34 -50.02 -25.63
CA ILE E 78 -28.36 -48.82 -26.44
C ILE E 78 -26.92 -48.44 -26.79
N LEU E 79 -26.70 -48.16 -28.07
CA LEU E 79 -25.36 -47.91 -28.60
C LEU E 79 -25.02 -46.44 -28.45
N SER E 80 -24.05 -46.14 -27.59
CA SER E 80 -23.60 -44.78 -27.34
C SER E 80 -22.28 -44.83 -26.58
N ALA E 81 -21.35 -43.97 -26.96
CA ALA E 81 -20.08 -43.76 -26.26
C ALA E 81 -19.16 -44.96 -26.36
N ALA E 82 -19.63 -46.05 -26.96
CA ALA E 82 -18.77 -47.18 -27.26
C ALA E 82 -18.20 -47.12 -28.67
N THR E 83 -18.62 -46.14 -29.46
CA THR E 83 -18.14 -45.93 -30.81
C THR E 83 -17.20 -44.73 -30.92
N LEU E 84 -16.66 -44.28 -29.79
CA LEU E 84 -15.74 -43.16 -29.74
C LEU E 84 -14.33 -43.68 -29.54
N GLU E 85 -13.41 -43.23 -30.37
CA GLU E 85 -12.06 -43.77 -30.39
C GLU E 85 -11.21 -43.09 -29.32
N PRO E 86 -10.62 -43.85 -28.40
CA PRO E 86 -9.69 -43.26 -27.43
C PRO E 86 -8.45 -42.74 -28.12
N GLY E 87 -7.89 -41.67 -27.59
CA GLY E 87 -6.65 -41.12 -28.11
C GLY E 87 -6.77 -39.63 -28.32
N GLY E 88 -5.63 -39.03 -28.65
CA GLY E 88 -5.56 -37.63 -28.97
C GLY E 88 -4.84 -37.39 -30.29
N PRO E 89 -4.85 -36.15 -30.77
CA PRO E 89 -4.19 -35.86 -32.06
C PRO E 89 -2.68 -36.01 -32.02
N LEU E 90 -2.04 -35.66 -30.90
CA LEU E 90 -0.59 -35.67 -30.85
C LEU E 90 -0.02 -37.05 -31.15
N ALA E 91 -0.69 -38.11 -30.71
CA ALA E 91 -0.21 -39.47 -30.90
C ALA E 91 -0.29 -39.92 -32.35
N ARG E 92 -0.97 -39.16 -33.22
CA ARG E 92 -1.10 -39.53 -34.62
C ARG E 92 -0.03 -38.91 -35.50
N THR E 93 0.91 -38.16 -34.93
CA THR E 93 1.89 -37.41 -35.70
C THR E 93 3.32 -37.89 -35.48
N ILE E 94 3.52 -38.93 -34.67
CA ILE E 94 4.88 -39.39 -34.39
C ILE E 94 5.02 -40.86 -34.76
N ARG E 95 6.22 -41.40 -34.57
CA ARG E 95 6.55 -42.77 -34.91
C ARG E 95 6.90 -43.55 -33.65
N PRO E 96 6.96 -44.88 -33.70
CA PRO E 96 7.24 -45.65 -32.47
C PRO E 96 8.59 -45.37 -31.85
N ASP E 97 9.53 -44.77 -32.57
CA ASP E 97 10.84 -44.45 -32.01
C ASP E 97 10.97 -43.01 -31.56
N GLU E 98 9.86 -42.28 -31.48
CA GLU E 98 9.87 -40.89 -31.06
C GLU E 98 8.90 -40.69 -29.90
N ARG E 99 9.00 -39.51 -29.28
CA ARG E 99 8.10 -39.06 -28.23
C ARG E 99 7.71 -37.62 -28.50
N ALA E 100 6.68 -37.16 -27.81
CA ALA E 100 6.19 -35.79 -27.92
C ALA E 100 6.25 -35.12 -26.56
N MET E 101 7.08 -34.10 -26.43
CA MET E 101 7.21 -33.31 -25.22
C MET E 101 7.06 -31.83 -25.55
N ALA E 102 6.79 -31.03 -24.52
CA ALA E 102 6.52 -29.61 -24.68
C ALA E 102 7.54 -28.78 -23.91
N ILE E 103 7.86 -27.61 -24.47
CA ILE E 103 8.77 -26.66 -23.84
C ILE E 103 8.11 -25.29 -23.82
N ALA E 104 8.57 -24.44 -22.91
CA ALA E 104 8.03 -23.09 -22.77
C ALA E 104 8.75 -22.13 -23.72
N VAL E 105 7.99 -21.31 -24.43
CA VAL E 105 8.53 -20.46 -25.48
C VAL E 105 8.10 -19.02 -25.24
N ASP E 106 8.91 -18.09 -25.74
CA ASP E 106 8.56 -16.67 -25.84
C ASP E 106 8.95 -16.17 -27.23
N GLU E 107 8.88 -14.86 -27.44
CA GLU E 107 9.22 -14.31 -28.76
C GLU E 107 10.72 -14.36 -29.03
N VAL E 108 11.54 -14.60 -28.00
CA VAL E 108 12.97 -14.71 -28.22
C VAL E 108 13.38 -16.17 -28.44
N VAL E 109 12.72 -17.09 -27.73
CA VAL E 109 13.04 -18.51 -27.89
C VAL E 109 12.71 -18.98 -29.29
N GLY E 110 11.49 -18.67 -29.76
CA GLY E 110 11.12 -18.91 -31.14
C GLY E 110 11.18 -17.60 -31.90
N GLY E 111 11.88 -17.62 -33.02
CA GLY E 111 12.24 -16.39 -33.70
C GLY E 111 11.09 -15.50 -34.09
N GLY E 112 10.94 -14.39 -33.39
CA GLY E 112 9.92 -13.38 -33.63
C GLY E 112 8.53 -13.89 -33.94
N GLY E 113 8.16 -15.02 -33.35
CA GLY E 113 6.87 -15.61 -33.66
C GLY E 113 6.70 -15.99 -35.12
N PHE E 114 7.79 -16.32 -35.80
CA PHE E 114 7.77 -16.68 -37.21
C PHE E 114 7.98 -18.17 -37.42
N VAL E 115 7.77 -18.98 -36.39
CA VAL E 115 7.95 -20.42 -36.44
C VAL E 115 6.58 -21.07 -36.62
N LEU E 116 6.45 -21.90 -37.62
CA LEU E 116 5.23 -22.63 -37.90
C LEU E 116 5.45 -24.13 -37.75
N PRO E 117 4.39 -24.90 -37.48
CA PRO E 117 4.53 -26.36 -37.47
C PRO E 117 5.00 -26.88 -38.83
N GLY E 118 5.83 -27.91 -38.78
CA GLY E 118 6.49 -28.41 -39.97
C GLY E 118 7.92 -27.93 -40.16
N ASP E 119 8.44 -27.15 -39.23
CA ASP E 119 9.79 -26.61 -39.31
C ASP E 119 10.75 -27.46 -38.48
N TYR E 120 12.03 -27.37 -38.83
CA TYR E 120 13.08 -28.11 -38.15
C TYR E 120 13.99 -27.13 -37.42
N VAL E 121 14.33 -27.45 -36.18
CA VAL E 121 15.04 -26.52 -35.30
C VAL E 121 16.23 -27.20 -34.64
N ASP E 122 17.16 -26.38 -34.19
CA ASP E 122 18.26 -26.79 -33.32
C ASP E 122 18.06 -26.15 -31.96
N VAL E 123 18.22 -26.93 -30.90
CA VAL E 123 18.01 -26.47 -29.54
C VAL E 123 19.36 -26.12 -28.93
N MET E 124 19.48 -24.91 -28.39
CA MET E 124 20.71 -24.44 -27.76
C MET E 124 20.43 -24.11 -26.30
N LEU E 125 21.41 -24.37 -25.45
CA LEU E 125 21.27 -24.26 -24.00
C LEU E 125 22.32 -23.31 -23.43
N PHE E 126 21.91 -22.48 -22.48
CA PHE E 126 22.81 -21.66 -21.68
C PHE E 126 22.66 -22.04 -20.22
N VAL E 127 23.78 -22.28 -19.55
CA VAL E 127 23.79 -22.73 -18.17
C VAL E 127 25.07 -22.23 -17.50
N ARG E 128 24.95 -21.88 -16.22
CA ARG E 128 26.09 -21.47 -15.40
C ARG E 128 26.45 -22.64 -14.49
N ASP E 129 27.46 -23.40 -14.88
CA ASP E 129 27.94 -24.52 -14.06
C ASP E 129 28.64 -24.01 -12.81
N GLU E 130 28.47 -24.75 -11.72
CA GLU E 130 29.01 -24.38 -10.41
C GLU E 130 29.69 -25.60 -9.77
N ARG E 131 30.51 -26.30 -10.56
CA ARG E 131 31.11 -27.54 -10.12
C ARG E 131 32.07 -27.36 -8.95
N ASP E 132 33.17 -26.64 -9.15
CA ASP E 132 34.22 -26.51 -8.14
C ASP E 132 34.15 -25.15 -7.43
N GLY E 133 32.97 -24.84 -6.89
CA GLY E 133 32.81 -23.61 -6.13
C GLY E 133 33.04 -22.34 -6.93
N GLU E 134 32.97 -22.44 -8.26
CA GLU E 134 33.18 -21.30 -9.14
C GLU E 134 32.20 -21.39 -10.31
N SER E 135 31.57 -20.26 -10.64
CA SER E 135 30.55 -20.21 -11.67
C SER E 135 31.18 -19.94 -13.03
N THR E 136 30.74 -20.67 -14.05
CA THR E 136 31.28 -20.56 -15.40
C THR E 136 30.13 -20.66 -16.39
N PRO E 137 29.86 -19.61 -17.17
CA PRO E 137 28.81 -19.71 -18.20
C PRO E 137 29.27 -20.55 -19.38
N LEU E 138 28.32 -21.28 -19.97
CA LEU E 138 28.60 -22.11 -21.14
C LEU E 138 27.41 -22.08 -22.09
N ALA E 139 27.67 -22.48 -23.33
CA ALA E 139 26.64 -22.64 -24.34
C ALA E 139 26.92 -23.91 -25.13
N GLN E 140 25.85 -24.65 -25.46
CA GLN E 140 26.00 -25.94 -26.11
C GLN E 140 24.79 -26.20 -26.99
N LEU E 141 24.97 -27.09 -27.97
CA LEU E 141 23.89 -27.60 -28.81
C LEU E 141 23.48 -28.95 -28.25
N VAL E 142 22.20 -29.10 -27.91
CA VAL E 142 21.73 -30.31 -27.25
C VAL E 142 21.05 -31.25 -28.24
N LEU E 143 20.17 -30.71 -29.09
CA LEU E 143 19.41 -31.52 -30.04
C LEU E 143 19.40 -30.85 -31.41
N PRO E 144 19.93 -31.50 -32.44
CA PRO E 144 19.84 -30.98 -33.80
C PRO E 144 18.64 -31.54 -34.56
N GLY E 145 18.15 -30.74 -35.50
CA GLY E 145 17.13 -31.16 -36.44
C GLY E 145 15.91 -31.82 -35.84
N VAL E 146 15.11 -31.06 -35.10
CA VAL E 146 13.93 -31.57 -34.42
C VAL E 146 12.69 -30.97 -35.08
N ARG E 147 11.77 -31.82 -35.49
CA ARG E 147 10.55 -31.35 -36.11
C ARG E 147 9.62 -30.70 -35.08
N VAL E 148 8.98 -29.62 -35.49
CA VAL E 148 8.06 -28.87 -34.65
C VAL E 148 6.65 -29.38 -34.97
N LEU E 149 5.97 -29.92 -33.96
CA LEU E 149 4.62 -30.43 -34.16
C LEU E 149 3.55 -29.38 -33.91
N THR E 150 3.63 -28.66 -32.80
CA THR E 150 2.64 -27.63 -32.49
C THR E 150 3.36 -26.37 -32.01
N TYR E 151 3.14 -25.26 -32.68
CA TYR E 151 3.31 -23.95 -32.07
C TYR E 151 1.98 -23.55 -31.47
N GLY E 152 2.05 -22.68 -30.45
CA GLY E 152 0.90 -22.40 -29.60
C GLY E 152 -0.42 -22.23 -30.32
N GLU E 153 -1.33 -23.17 -30.09
CA GLU E 153 -2.69 -23.27 -30.65
C GLU E 153 -2.69 -23.66 -32.12
N ARG E 154 -1.54 -23.99 -32.72
CA ARG E 154 -1.46 -24.39 -34.12
C ARG E 154 -0.96 -25.82 -34.19
N ILE E 155 -1.63 -26.64 -35.00
CA ILE E 155 -1.29 -28.05 -35.13
C ILE E 155 -1.68 -28.52 -36.53
N ALA E 156 -0.85 -29.39 -37.10
CA ALA E 156 -1.09 -29.96 -38.43
C ALA E 156 -1.14 -31.47 -38.28
N VAL E 157 -2.34 -32.02 -38.19
CA VAL E 157 -2.52 -33.46 -38.00
C VAL E 157 -2.93 -34.13 -39.30
N PRO E 171 -5.32 -12.04 -30.93
CA PRO E 171 -5.49 -13.22 -30.06
C PRO E 171 -4.58 -13.17 -28.83
N ARG E 172 -4.09 -14.34 -28.41
CA ARG E 172 -3.25 -14.47 -27.25
C ARG E 172 -1.84 -14.92 -27.65
N PRO E 173 -0.80 -14.34 -27.05
CA PRO E 173 0.57 -14.74 -27.40
C PRO E 173 0.83 -16.19 -27.08
N PRO E 174 1.58 -16.89 -27.92
CA PRO E 174 1.87 -18.30 -27.67
C PRO E 174 2.72 -18.48 -26.41
N ARG E 175 2.53 -19.62 -25.74
CA ARG E 175 3.26 -19.92 -24.51
C ARG E 175 4.06 -21.21 -24.54
N THR E 176 3.63 -22.20 -25.33
CA THR E 176 4.32 -23.48 -25.35
C THR E 176 4.43 -23.99 -26.79
N ALA E 177 5.40 -24.85 -27.02
CA ALA E 177 5.57 -25.56 -28.29
C ALA E 177 5.87 -27.02 -28.01
N VAL E 178 5.39 -27.89 -28.89
CA VAL E 178 5.54 -29.34 -28.75
C VAL E 178 6.45 -29.85 -29.86
N LEU E 179 7.47 -30.61 -29.47
CA LEU E 179 8.49 -31.11 -30.39
C LEU E 179 8.46 -32.63 -30.46
N ALA E 180 8.95 -33.15 -31.58
CA ALA E 180 9.10 -34.59 -31.78
C ALA E 180 10.54 -34.96 -31.47
N VAL E 181 10.74 -35.70 -30.38
CA VAL E 181 12.09 -35.96 -29.87
C VAL E 181 12.43 -37.43 -30.05
N PRO E 182 13.67 -37.77 -30.40
CA PRO E 182 14.09 -39.18 -30.35
C PRO E 182 14.01 -39.71 -28.93
N GLU E 183 13.76 -41.02 -28.82
CA GLU E 183 13.51 -41.62 -27.51
C GLU E 183 14.74 -41.56 -26.60
N ASP E 184 15.94 -41.54 -27.18
CA ASP E 184 17.14 -41.48 -26.35
C ASP E 184 17.46 -40.08 -25.86
N GLY E 185 16.79 -39.05 -26.37
CA GLY E 185 17.13 -37.70 -26.01
C GLY E 185 16.16 -37.00 -25.07
N VAL E 186 15.01 -37.64 -24.80
CA VAL E 186 13.95 -36.97 -24.04
C VAL E 186 14.47 -36.48 -22.70
N ALA E 187 15.09 -37.38 -21.93
CA ALA E 187 15.67 -36.98 -20.65
C ALA E 187 16.62 -35.81 -20.81
N ARG E 188 17.50 -35.87 -21.81
CA ARG E 188 18.36 -34.74 -22.12
C ARG E 188 17.58 -33.44 -22.13
N LEU E 189 16.56 -33.35 -23.00
CA LEU E 189 15.79 -32.12 -23.10
C LEU E 189 15.26 -31.68 -21.75
N MET E 190 14.73 -32.62 -20.96
CA MET E 190 14.19 -32.27 -19.66
C MET E 190 15.23 -31.53 -18.83
N LEU E 191 16.44 -32.09 -18.73
CA LEU E 191 17.49 -31.42 -17.99
C LEU E 191 17.73 -30.03 -18.54
N ALA E 192 17.87 -29.91 -19.85
CA ALA E 192 18.18 -28.62 -20.46
C ALA E 192 17.06 -27.62 -20.22
N SER E 193 15.84 -28.13 -20.03
CA SER E 193 14.71 -27.22 -19.86
C SER E 193 14.69 -26.63 -18.46
N GLN E 194 15.36 -27.27 -17.50
CA GLN E 194 15.25 -26.85 -16.12
C GLN E 194 16.56 -26.35 -15.53
N ALA E 195 17.69 -26.77 -16.08
CA ALA E 195 18.98 -26.34 -15.55
C ALA E 195 19.44 -25.00 -16.14
N GLY E 196 18.77 -24.50 -17.16
CA GLY E 196 19.20 -23.27 -17.78
C GLY E 196 18.17 -22.74 -18.75
N SER E 197 18.63 -21.88 -19.65
CA SER E 197 17.77 -21.26 -20.64
C SER E 197 17.94 -21.93 -22.00
N LEU E 198 16.87 -21.88 -22.80
CA LEU E 198 16.81 -22.56 -24.08
C LEU E 198 16.52 -21.55 -25.19
N ARG E 199 17.06 -21.82 -26.38
CA ARG E 199 16.74 -21.04 -27.57
C ARG E 199 16.70 -21.95 -28.78
N LEU E 200 15.98 -21.50 -29.80
CA LEU E 200 15.75 -22.28 -31.02
C LEU E 200 16.40 -21.60 -32.21
N ALA E 201 17.06 -22.38 -33.05
CA ALA E 201 17.64 -21.90 -34.29
C ALA E 201 16.97 -22.61 -35.46
N ILE E 202 16.43 -21.84 -36.41
CA ILE E 202 15.66 -22.43 -37.49
C ILE E 202 16.59 -22.90 -38.61
N ARG E 203 16.24 -24.02 -39.22
CA ARG E 203 17.03 -24.65 -40.27
C ARG E 203 16.38 -24.41 -41.63
N SER E 204 17.20 -24.43 -42.67
CA SER E 204 16.76 -24.02 -43.99
C SER E 204 15.81 -25.04 -44.61
N LYS E 205 15.00 -24.57 -45.56
CA LYS E 205 14.09 -25.42 -46.30
C LYS E 205 14.76 -26.12 -47.47
N ASP E 206 15.96 -25.70 -47.86
CA ASP E 206 16.68 -26.31 -48.96
C ASP E 206 17.48 -27.53 -48.55
N GLU E 207 17.59 -27.81 -47.26
CA GLU E 207 18.25 -29.02 -46.79
C GLU E 207 17.40 -30.27 -47.02
N GLU E 208 16.08 -30.12 -47.11
CA GLU E 208 15.15 -31.22 -47.39
C GLU E 208 15.28 -32.32 -46.34
N LEU E 209 15.05 -31.93 -45.08
CA LEU E 209 15.06 -32.88 -43.98
C LEU E 209 13.81 -33.74 -43.93
N TYR E 210 12.68 -33.24 -44.42
CA TYR E 210 11.46 -34.03 -44.44
C TYR E 210 11.58 -35.21 -45.40
N ARG E 211 12.20 -35.00 -46.56
CA ARG E 211 12.44 -36.12 -47.47
C ARG E 211 13.39 -37.14 -46.84
N ARG E 212 14.40 -36.66 -46.12
CA ARG E 212 15.33 -37.57 -45.45
C ARG E 212 14.60 -38.40 -44.39
N GLU E 213 13.70 -37.76 -43.63
CA GLU E 213 12.94 -38.49 -42.64
C GLU E 213 12.03 -39.53 -43.29
N GLN E 214 11.35 -39.15 -44.38
CA GLN E 214 10.55 -40.11 -45.13
C GLN E 214 11.44 -40.86 -46.12
N GLU E 215 12.21 -41.83 -45.62
CA GLU E 215 13.15 -42.57 -46.45
C GLU E 215 12.44 -43.32 -47.57
N SER E 227 28.93 -30.48 -30.17
CA SER E 227 30.38 -30.43 -29.99
C SER E 227 30.73 -29.97 -28.58
N ALA E 228 31.96 -29.49 -28.41
CA ALA E 228 32.41 -29.02 -27.11
C ALA E 228 31.69 -27.73 -26.73
N ALA E 229 31.47 -27.57 -25.42
CA ALA E 229 30.84 -26.36 -24.92
C ALA E 229 31.78 -25.17 -25.07
N LEU E 230 31.19 -24.00 -25.30
CA LEU E 230 31.93 -22.76 -25.44
C LEU E 230 31.80 -21.94 -24.17
N SER E 231 32.95 -21.59 -23.59
CA SER E 231 33.00 -20.82 -22.36
C SER E 231 33.38 -19.37 -22.66
N LEU E 232 33.26 -18.53 -21.64
CA LEU E 232 33.58 -17.11 -21.78
C LEU E 232 35.07 -16.90 -22.02
N ASP E 233 35.91 -17.79 -21.53
CA ASP E 233 37.35 -17.66 -21.73
C ASP E 233 37.72 -17.78 -23.20
N GLN E 234 37.08 -18.71 -23.90
CA GLN E 234 37.40 -18.92 -25.31
C GLN E 234 36.79 -17.81 -26.19
N LEU E 235 35.68 -17.23 -25.76
CA LEU E 235 35.09 -16.13 -26.52
C LEU E 235 35.90 -14.85 -26.38
N LEU E 236 36.37 -14.56 -25.17
CA LEU E 236 37.13 -13.32 -24.94
C LEU E 236 38.55 -13.44 -25.44
N GLU E 237 39.31 -14.39 -24.87
CA GLU E 237 40.70 -14.58 -25.27
C GLU E 237 40.80 -15.40 -26.55
N GLU F 23 -3.71 -16.96 -73.83
CA GLU F 23 -4.61 -17.91 -73.20
C GLU F 23 -4.26 -19.34 -73.61
N ARG F 24 -2.97 -19.58 -73.83
CA ARG F 24 -2.55 -20.88 -74.36
C ARG F 24 -2.45 -21.95 -73.26
N LYS F 25 -2.20 -21.55 -72.01
CA LYS F 25 -2.03 -22.57 -70.99
C LYS F 25 -2.94 -22.30 -69.79
N PRO F 26 -3.39 -23.37 -69.11
CA PRO F 26 -4.17 -23.17 -67.88
C PRO F 26 -3.30 -23.22 -66.62
N VAL F 27 -3.58 -22.34 -65.68
CA VAL F 27 -2.85 -22.26 -64.42
C VAL F 27 -3.86 -22.12 -63.28
N LEU F 28 -3.60 -22.81 -62.17
CA LEU F 28 -4.46 -22.77 -61.00
C LEU F 28 -4.02 -21.68 -60.05
N VAL F 29 -4.98 -20.90 -59.57
CA VAL F 29 -4.73 -19.79 -58.65
C VAL F 29 -5.71 -19.90 -57.48
N ALA F 30 -5.37 -19.19 -56.41
CA ALA F 30 -6.21 -19.17 -55.22
C ALA F 30 -7.37 -18.21 -55.41
N SER F 31 -8.55 -18.61 -54.94
CA SER F 31 -9.75 -17.78 -55.03
C SER F 31 -10.02 -16.98 -53.78
N ARG F 32 -9.42 -17.34 -52.65
CA ARG F 32 -9.56 -16.57 -51.43
C ARG F 32 -8.33 -16.79 -50.56
N ASP F 33 -8.28 -16.07 -49.44
CA ASP F 33 -7.15 -16.19 -48.54
C ASP F 33 -7.16 -17.56 -47.84
N LEU F 34 -6.04 -18.26 -47.92
CA LEU F 34 -5.89 -19.55 -47.26
C LEU F 34 -4.93 -19.42 -46.10
N PRO F 35 -5.35 -19.69 -44.86
CA PRO F 35 -4.45 -19.58 -43.73
C PRO F 35 -3.42 -20.70 -43.75
N ALA F 36 -2.42 -20.54 -42.89
CA ALA F 36 -1.40 -21.58 -42.73
C ALA F 36 -2.04 -22.85 -42.19
N LEU F 37 -1.50 -23.99 -42.63
CA LEU F 37 -1.95 -25.31 -42.21
C LEU F 37 -3.43 -25.50 -42.54
N ALA F 38 -3.73 -25.43 -43.83
CA ALA F 38 -5.08 -25.59 -44.33
C ALA F 38 -5.10 -26.65 -45.43
N VAL F 39 -6.27 -27.26 -45.63
CA VAL F 39 -6.46 -28.32 -46.59
C VAL F 39 -7.33 -27.79 -47.73
N ILE F 40 -6.87 -27.98 -48.96
CA ILE F 40 -7.51 -27.34 -50.10
C ILE F 40 -8.76 -28.11 -50.49
N GLY F 41 -9.87 -27.38 -50.69
CA GLY F 41 -11.07 -27.92 -51.26
C GLY F 41 -11.31 -27.35 -52.64
N ARG F 42 -12.38 -27.84 -53.27
CA ARG F 42 -12.72 -27.37 -54.61
C ARG F 42 -13.24 -25.94 -54.63
N ASP F 43 -13.52 -25.34 -53.47
CA ASP F 43 -14.03 -23.98 -53.43
C ASP F 43 -12.94 -22.94 -53.22
N ASP F 44 -11.67 -23.36 -53.13
CA ASP F 44 -10.56 -22.43 -52.93
C ASP F 44 -9.73 -22.23 -54.19
N LEU F 45 -10.08 -22.88 -55.28
CA LEU F 45 -9.26 -22.89 -56.50
C LEU F 45 -10.02 -22.23 -57.65
N SER F 46 -9.26 -21.60 -58.55
CA SER F 46 -9.79 -21.06 -59.79
C SER F 46 -8.78 -21.33 -60.90
N VAL F 47 -9.27 -21.35 -62.13
CA VAL F 47 -8.44 -21.62 -63.30
C VAL F 47 -8.33 -20.34 -64.12
N GLU F 48 -7.14 -20.07 -64.64
CA GLU F 48 -6.88 -18.90 -65.45
C GLU F 48 -6.10 -19.30 -66.70
N LEU F 49 -6.37 -18.60 -67.80
CA LEU F 49 -5.70 -18.86 -69.07
C LEU F 49 -4.60 -17.81 -69.25
N LEU F 50 -3.36 -18.27 -69.36
CA LEU F 50 -2.19 -17.41 -69.39
C LEU F 50 -1.33 -17.77 -70.60
N ARG F 51 -0.49 -16.81 -71.00
CA ARG F 51 0.41 -17.03 -72.12
C ARG F 51 1.52 -18.00 -71.75
N THR F 52 2.03 -17.92 -70.53
CA THR F 52 3.12 -18.76 -70.07
C THR F 52 2.81 -19.30 -68.67
N ALA F 53 3.20 -20.55 -68.44
CA ALA F 53 2.93 -21.23 -67.18
C ALA F 53 4.22 -21.39 -66.40
N PRO F 54 4.30 -20.87 -65.18
CA PRO F 54 5.56 -20.96 -64.42
C PRO F 54 5.89 -22.40 -64.06
N VAL F 55 7.19 -22.64 -63.84
CA VAL F 55 7.63 -23.96 -63.38
C VAL F 55 7.12 -24.18 -61.96
N GLY F 56 6.41 -25.28 -61.76
CA GLY F 56 5.80 -25.60 -60.48
C GLY F 56 4.30 -25.43 -60.43
N SER F 57 3.70 -24.86 -61.48
CA SER F 57 2.25 -24.69 -61.50
C SER F 57 1.57 -26.02 -61.83
N TYR F 58 0.25 -26.06 -61.58
CA TYR F 58 -0.56 -27.24 -61.81
C TYR F 58 -1.69 -26.89 -62.78
N ASP F 59 -2.08 -27.87 -63.59
CA ASP F 59 -3.04 -27.61 -64.67
C ASP F 59 -4.47 -27.97 -64.27
N ARG F 60 -4.65 -29.09 -63.57
CA ARG F 60 -6.00 -29.53 -63.24
C ARG F 60 -6.25 -29.41 -61.74
N PRO F 61 -7.49 -29.11 -61.34
CA PRO F 61 -7.79 -28.97 -59.90
C PRO F 61 -7.70 -30.27 -59.12
N GLU F 62 -7.70 -31.43 -59.78
CA GLU F 62 -7.71 -32.71 -59.09
C GLU F 62 -6.36 -33.08 -58.50
N ALA F 63 -5.27 -32.50 -59.01
CA ALA F 63 -3.96 -32.77 -58.46
C ALA F 63 -3.72 -32.03 -57.15
N LEU F 64 -4.57 -31.06 -56.83
CA LEU F 64 -4.39 -30.17 -55.69
C LEU F 64 -5.53 -30.30 -54.69
N LEU F 65 -6.18 -31.46 -54.65
CA LEU F 65 -7.34 -31.67 -53.79
C LEU F 65 -6.93 -32.56 -52.62
N GLY F 66 -7.09 -32.04 -51.42
CA GLY F 66 -6.74 -32.76 -50.20
C GLY F 66 -5.33 -32.51 -49.71
N LYS F 67 -4.51 -31.80 -50.47
CA LYS F 67 -3.17 -31.46 -50.02
C LYS F 67 -3.22 -30.29 -49.04
N ARG F 68 -2.12 -30.10 -48.32
CA ARG F 68 -2.03 -29.08 -47.28
C ARG F 68 -1.06 -27.98 -47.70
N VAL F 69 -1.49 -26.73 -47.52
CA VAL F 69 -0.61 -25.57 -47.72
C VAL F 69 0.10 -25.29 -46.40
N TRP F 70 1.42 -25.32 -46.43
CA TRP F 70 2.21 -25.19 -45.21
C TRP F 70 2.60 -23.75 -44.91
N VAL F 71 2.12 -22.78 -45.69
CA VAL F 71 2.34 -21.37 -45.44
C VAL F 71 1.15 -20.60 -46.00
N ALA F 72 0.93 -19.40 -45.48
CA ALA F 72 -0.25 -18.63 -45.85
C ALA F 72 -0.21 -18.24 -47.33
N VAL F 73 -1.35 -18.38 -47.99
CA VAL F 73 -1.46 -18.09 -49.42
C VAL F 73 -2.44 -16.94 -49.62
N PRO F 74 -1.96 -15.76 -50.00
CA PRO F 74 -2.88 -14.63 -50.26
C PRO F 74 -3.71 -14.87 -51.50
N ALA F 75 -4.80 -14.10 -51.60
CA ALA F 75 -5.74 -14.25 -52.69
C ALA F 75 -5.10 -13.90 -54.02
N GLY F 76 -5.36 -14.72 -55.03
CA GLY F 76 -4.86 -14.50 -56.36
C GLY F 76 -3.49 -15.07 -56.65
N SER F 77 -2.80 -15.59 -55.64
CA SER F 77 -1.47 -16.13 -55.85
C SER F 77 -1.52 -17.39 -56.71
N ILE F 78 -0.47 -17.61 -57.47
CA ILE F 78 -0.32 -18.80 -58.28
C ILE F 78 0.15 -19.93 -57.38
N LEU F 79 -0.65 -20.99 -57.30
CA LEU F 79 -0.30 -22.12 -56.45
C LEU F 79 0.94 -22.82 -56.98
N SER F 80 1.91 -23.04 -56.11
CA SER F 80 3.20 -23.59 -56.50
C SER F 80 3.50 -24.84 -55.69
N ALA F 81 4.40 -25.66 -56.22
CA ALA F 81 4.76 -26.92 -55.57
C ALA F 81 5.44 -26.65 -54.23
N ALA F 82 6.33 -25.66 -54.18
CA ALA F 82 7.03 -25.34 -52.94
C ALA F 82 6.09 -24.90 -51.83
N THR F 83 4.92 -24.38 -52.17
CA THR F 83 3.93 -24.03 -51.15
C THR F 83 3.37 -25.26 -50.45
N LEU F 84 3.49 -26.45 -51.05
CA LEU F 84 2.96 -27.67 -50.49
C LEU F 84 4.03 -28.50 -49.78
N GLU F 85 5.07 -27.85 -49.28
CA GLU F 85 6.14 -28.61 -48.66
C GLU F 85 6.44 -28.06 -47.27
N PRO F 86 6.87 -28.91 -46.34
CA PRO F 86 7.10 -28.45 -44.96
C PRO F 86 8.15 -27.37 -44.84
N GLY F 87 7.76 -26.23 -44.29
CA GLY F 87 8.66 -25.12 -44.08
C GLY F 87 7.91 -23.93 -43.55
N GLY F 88 8.66 -22.95 -43.07
CA GLY F 88 8.09 -21.75 -42.52
C GLY F 88 8.55 -20.52 -43.26
N PRO F 89 7.93 -19.37 -42.97
CA PRO F 89 8.34 -18.13 -43.65
C PRO F 89 9.80 -17.76 -43.40
N LEU F 90 10.33 -18.10 -42.23
CA LEU F 90 11.73 -17.83 -41.93
C LEU F 90 12.69 -18.80 -42.62
N ALA F 91 12.26 -20.05 -42.82
CA ALA F 91 13.15 -21.05 -43.39
C ALA F 91 13.36 -20.87 -44.88
N ARG F 92 12.50 -20.09 -45.53
CA ARG F 92 12.59 -19.90 -46.98
C ARG F 92 13.46 -18.70 -47.36
N THR F 93 14.11 -18.04 -46.41
CA THR F 93 14.93 -16.87 -46.70
C THR F 93 16.37 -17.03 -46.22
N ILE F 94 16.85 -18.26 -46.05
CA ILE F 94 18.21 -18.52 -45.62
C ILE F 94 18.81 -19.61 -46.51
N ARG F 95 20.04 -20.00 -46.17
CA ARG F 95 20.84 -20.93 -46.96
C ARG F 95 21.25 -22.12 -46.11
N PRO F 96 21.60 -23.25 -46.72
CA PRO F 96 21.83 -24.48 -45.93
C PRO F 96 22.97 -24.37 -44.91
N ASP F 97 23.90 -23.44 -45.08
CA ASP F 97 24.99 -23.27 -44.12
C ASP F 97 24.73 -22.14 -43.15
N GLU F 98 23.49 -21.69 -43.03
CA GLU F 98 23.13 -20.63 -42.10
C GLU F 98 21.96 -21.08 -41.23
N ARG F 99 21.82 -20.42 -40.08
CA ARG F 99 20.70 -20.60 -39.18
C ARG F 99 20.09 -19.24 -38.88
N ALA F 100 18.85 -19.25 -38.40
CA ALA F 100 18.15 -18.03 -38.03
C ALA F 100 17.98 -18.01 -36.52
N MET F 101 18.48 -16.96 -35.87
CA MET F 101 18.38 -16.86 -34.43
C MET F 101 17.95 -15.45 -34.02
N ALA F 102 17.20 -15.36 -32.93
CA ALA F 102 16.60 -14.11 -32.49
C ALA F 102 17.31 -13.57 -31.27
N ILE F 103 17.35 -12.24 -31.16
CA ILE F 103 17.91 -11.54 -30.02
C ILE F 103 16.94 -10.45 -29.60
N ALA F 104 17.06 -10.05 -28.33
CA ALA F 104 16.22 -9.00 -27.78
C ALA F 104 16.80 -7.63 -28.11
N VAL F 105 15.94 -6.72 -28.54
CA VAL F 105 16.36 -5.42 -29.05
C VAL F 105 15.56 -4.31 -28.38
N ASP F 106 16.18 -3.14 -28.25
CA ASP F 106 15.49 -1.92 -27.86
C ASP F 106 15.92 -0.81 -28.81
N GLU F 107 15.54 0.43 -28.52
CA GLU F 107 15.92 1.54 -29.39
C GLU F 107 17.42 1.77 -29.37
N VAL F 108 18.05 1.63 -28.20
CA VAL F 108 19.49 1.84 -28.11
C VAL F 108 20.25 0.71 -28.82
N VAL F 109 19.77 -0.53 -28.68
CA VAL F 109 20.52 -1.66 -29.22
C VAL F 109 20.54 -1.61 -30.74
N GLY F 110 19.38 -1.42 -31.37
CA GLY F 110 19.36 -1.37 -32.82
C GLY F 110 19.11 0.00 -33.41
N GLY F 111 20.20 0.67 -33.83
CA GLY F 111 20.19 1.87 -34.64
C GLY F 111 19.07 2.87 -34.42
N GLY F 112 18.71 3.11 -33.17
CA GLY F 112 17.66 4.07 -32.88
C GLY F 112 16.33 3.75 -33.52
N GLY F 113 16.06 2.48 -33.81
CA GLY F 113 14.84 2.09 -34.49
C GLY F 113 14.89 2.25 -36.00
N PHE F 114 16.06 2.47 -36.58
CA PHE F 114 16.19 2.71 -38.01
C PHE F 114 16.76 1.52 -38.77
N VAL F 115 16.86 0.36 -38.13
CA VAL F 115 17.36 -0.84 -38.79
C VAL F 115 16.20 -1.54 -39.49
N LEU F 116 16.43 -1.94 -40.74
CA LEU F 116 15.44 -2.61 -41.57
C LEU F 116 16.04 -3.91 -42.12
N PRO F 117 15.20 -4.89 -42.47
CA PRO F 117 15.73 -6.14 -43.04
C PRO F 117 16.51 -5.88 -44.32
N GLY F 118 17.60 -6.63 -44.50
CA GLY F 118 18.51 -6.44 -45.60
C GLY F 118 19.80 -5.72 -45.22
N ASP F 119 19.87 -5.15 -44.03
CA ASP F 119 21.08 -4.48 -43.58
C ASP F 119 22.13 -5.51 -43.14
N TYR F 120 23.35 -5.01 -42.94
CA TYR F 120 24.44 -5.80 -42.41
C TYR F 120 24.99 -5.10 -41.16
N VAL F 121 25.17 -5.88 -40.09
CA VAL F 121 25.48 -5.33 -38.79
C VAL F 121 26.66 -6.07 -38.19
N ASP F 122 27.32 -5.40 -37.25
CA ASP F 122 28.34 -5.98 -36.40
C ASP F 122 27.80 -6.05 -34.98
N VAL F 123 28.06 -7.16 -34.29
CA VAL F 123 27.56 -7.37 -32.93
C VAL F 123 28.69 -7.09 -31.96
N MET F 124 28.46 -6.15 -31.05
CA MET F 124 29.41 -5.79 -30.02
C MET F 124 28.88 -6.18 -28.65
N LEU F 125 29.79 -6.60 -27.77
CA LEU F 125 29.45 -7.17 -26.48
C LEU F 125 30.14 -6.40 -25.35
N PHE F 126 29.39 -6.12 -24.29
CA PHE F 126 29.93 -5.60 -23.04
C PHE F 126 29.69 -6.63 -21.95
N VAL F 127 30.75 -7.08 -21.30
CA VAL F 127 30.67 -8.06 -20.23
C VAL F 127 31.56 -7.60 -19.08
N ARG F 128 31.23 -8.05 -17.87
CA ARG F 128 32.00 -7.74 -16.67
C ARG F 128 32.59 -9.04 -16.16
N ASP F 129 33.83 -9.31 -16.58
CA ASP F 129 34.49 -10.57 -16.24
C ASP F 129 34.81 -10.65 -14.77
N GLU F 130 34.53 -11.80 -14.16
CA GLU F 130 34.89 -12.08 -12.78
C GLU F 130 35.61 -13.43 -12.71
N ARG F 131 36.92 -13.42 -13.01
CA ARG F 131 37.77 -14.61 -12.89
C ARG F 131 39.13 -14.18 -12.35
N ASP F 132 39.24 -14.12 -11.02
CA ASP F 132 40.46 -13.87 -10.25
C ASP F 132 40.11 -13.25 -8.90
N GLY F 133 38.81 -13.14 -8.62
CA GLY F 133 38.35 -12.38 -7.47
C GLY F 133 38.19 -10.90 -7.73
N GLU F 134 38.53 -10.42 -8.93
CA GLU F 134 38.37 -9.02 -9.31
C GLU F 134 37.42 -8.93 -10.50
N SER F 135 36.85 -7.74 -10.68
CA SER F 135 35.90 -7.48 -11.76
C SER F 135 36.53 -6.50 -12.74
N THR F 136 36.30 -6.75 -14.04
CA THR F 136 36.90 -5.94 -15.10
C THR F 136 35.89 -5.76 -16.22
N PRO F 137 35.52 -4.53 -16.57
CA PRO F 137 34.70 -4.33 -17.77
C PRO F 137 35.50 -4.57 -19.04
N LEU F 138 34.81 -5.07 -20.07
CA LEU F 138 35.44 -5.36 -21.36
C LEU F 138 34.46 -5.08 -22.49
N ALA F 139 35.01 -4.83 -23.68
CA ALA F 139 34.22 -4.64 -24.89
C ALA F 139 34.93 -5.37 -26.03
N GLN F 140 34.15 -6.04 -26.88
CA GLN F 140 34.71 -6.88 -27.93
C GLN F 140 33.70 -7.03 -29.06
N LEU F 141 34.22 -7.24 -30.27
CA LEU F 141 33.43 -7.55 -31.46
C LEU F 141 33.34 -9.06 -31.58
N VAL F 142 32.11 -9.59 -31.61
CA VAL F 142 31.93 -11.04 -31.60
C VAL F 142 31.58 -11.56 -32.99
N LEU F 143 30.66 -10.90 -33.69
CA LEU F 143 30.23 -11.34 -35.01
C LEU F 143 30.25 -10.18 -35.99
N PRO F 144 31.08 -10.24 -37.04
CA PRO F 144 31.05 -9.20 -38.07
C PRO F 144 30.17 -9.54 -39.24
N GLY F 145 29.58 -8.54 -39.87
CA GLY F 145 28.85 -8.69 -41.12
C GLY F 145 27.76 -9.74 -41.14
N VAL F 146 26.68 -9.49 -40.40
CA VAL F 146 25.57 -10.42 -40.29
C VAL F 146 24.34 -9.79 -40.93
N ARG F 147 23.68 -10.53 -41.81
CA ARG F 147 22.45 -10.04 -42.43
C ARG F 147 21.31 -10.06 -41.44
N VAL F 148 20.48 -9.02 -41.49
CA VAL F 148 19.32 -8.89 -40.61
C VAL F 148 18.12 -9.45 -41.36
N LEU F 149 17.47 -10.45 -40.78
CA LEU F 149 16.29 -11.05 -41.42
C LEU F 149 14.99 -10.41 -40.97
N THR F 150 14.80 -10.21 -39.67
CA THR F 150 13.57 -9.56 -39.21
C THR F 150 13.91 -8.49 -38.18
N TYR F 151 13.22 -7.36 -38.28
CA TYR F 151 13.20 -6.34 -37.24
C TYR F 151 11.73 -6.02 -36.94
N GLY F 152 11.26 -6.44 -35.77
CA GLY F 152 9.87 -6.29 -35.42
C GLY F 152 8.95 -7.18 -36.25
N GLU F 153 7.96 -6.58 -36.89
CA GLU F 153 6.99 -7.32 -37.69
C GLU F 153 7.33 -7.30 -39.18
N ARG F 154 8.59 -7.05 -39.53
CA ARG F 154 9.02 -6.96 -40.91
C ARG F 154 9.98 -8.10 -41.20
N ILE F 155 9.88 -8.69 -42.40
CA ILE F 155 10.67 -9.85 -42.79
C ILE F 155 11.32 -9.57 -44.14
N ALA F 156 12.37 -10.34 -44.42
CA ALA F 156 13.07 -10.20 -45.69
C ALA F 156 12.33 -10.94 -46.80
N VAL F 157 12.74 -10.68 -48.03
CA VAL F 157 12.14 -11.29 -49.21
C VAL F 157 13.11 -12.35 -49.72
N GLY F 158 12.63 -13.58 -49.83
CA GLY F 158 13.45 -14.69 -50.24
C GLY F 158 13.40 -14.95 -51.74
N SER F 159 13.91 -16.11 -52.13
CA SER F 159 13.96 -16.47 -53.54
C SER F 159 12.58 -16.66 -54.14
N ASP F 160 11.56 -16.92 -53.32
CA ASP F 160 10.21 -17.08 -53.84
C ASP F 160 9.60 -15.75 -54.28
N GLY F 161 10.17 -14.63 -53.86
CA GLY F 161 9.68 -13.33 -54.27
C GLY F 161 8.43 -12.87 -53.55
N GLN F 162 8.13 -13.42 -52.38
CA GLN F 162 6.95 -13.06 -51.61
C GLN F 162 7.35 -12.40 -50.31
N ASP F 163 6.61 -11.37 -49.91
CA ASP F 163 6.84 -10.67 -48.66
C ASP F 163 5.78 -11.09 -47.66
N ARG F 164 6.21 -11.65 -46.54
CA ARG F 164 5.31 -12.15 -45.50
C ARG F 164 5.58 -11.38 -44.22
N SER F 165 4.96 -10.21 -44.10
CA SER F 165 5.16 -9.32 -42.97
C SER F 165 3.83 -9.12 -42.25
N ASN F 166 3.86 -9.22 -40.92
CA ASN F 166 2.64 -9.07 -40.14
C ASN F 166 2.17 -7.62 -40.15
N GLN F 167 1.20 -7.31 -41.00
CA GLN F 167 0.64 -5.97 -41.07
C GLN F 167 -0.48 -5.85 -40.04
N GLU F 168 -0.24 -5.05 -39.00
CA GLU F 168 -1.18 -4.90 -37.91
C GLU F 168 -1.31 -3.43 -37.53
N LYS F 169 -2.49 -3.07 -37.04
CA LYS F 169 -2.74 -1.72 -36.55
C LYS F 169 -2.22 -1.60 -35.11
N ASP F 170 -2.22 -0.39 -34.58
CA ASP F 170 -1.66 -0.09 -33.26
C ASP F 170 -0.21 -0.58 -33.17
N PRO F 171 0.73 0.08 -33.86
CA PRO F 171 2.09 -0.45 -33.93
C PRO F 171 2.85 -0.32 -32.62
N ARG F 172 3.03 -1.45 -31.94
CA ARG F 172 3.84 -1.50 -30.75
C ARG F 172 5.32 -1.41 -31.13
N PRO F 173 6.15 -0.82 -30.27
CA PRO F 173 7.57 -0.75 -30.58
C PRO F 173 8.18 -2.14 -30.69
N PRO F 174 9.17 -2.33 -31.56
CA PRO F 174 9.76 -3.65 -31.76
C PRO F 174 10.45 -4.17 -30.51
N ARG F 175 10.48 -5.50 -30.38
CA ARG F 175 11.06 -6.17 -29.22
C ARG F 175 12.07 -7.25 -29.56
N THR F 176 12.10 -7.73 -30.80
CA THR F 176 13.02 -8.80 -31.18
C THR F 176 13.57 -8.54 -32.57
N ALA F 177 14.75 -9.11 -32.83
CA ALA F 177 15.36 -9.05 -34.15
C ALA F 177 15.99 -10.40 -34.47
N VAL F 178 15.71 -10.92 -35.65
CA VAL F 178 16.20 -12.23 -36.08
C VAL F 178 17.27 -12.04 -37.13
N LEU F 179 18.42 -12.69 -36.91
CA LEU F 179 19.61 -12.58 -37.73
C LEU F 179 19.97 -13.93 -38.33
N ALA F 180 20.71 -13.88 -39.44
CA ALA F 180 21.19 -15.06 -40.14
C ALA F 180 22.65 -15.29 -39.74
N VAL F 181 22.88 -16.33 -38.96
CA VAL F 181 24.19 -16.60 -38.38
C VAL F 181 24.81 -17.80 -39.08
N PRO F 182 26.11 -17.81 -39.36
CA PRO F 182 26.75 -19.03 -39.86
C PRO F 182 26.66 -20.17 -38.84
N GLU F 183 26.92 -21.39 -39.28
CA GLU F 183 26.75 -22.54 -38.39
C GLU F 183 27.67 -22.47 -37.19
N ASP F 184 28.92 -22.09 -37.40
CA ASP F 184 29.92 -22.14 -36.34
C ASP F 184 29.77 -21.03 -35.31
N GLY F 185 28.92 -20.03 -35.56
CA GLY F 185 28.78 -18.90 -34.68
C GLY F 185 27.57 -18.87 -33.78
N VAL F 186 26.63 -19.81 -33.94
CA VAL F 186 25.37 -19.75 -33.19
C VAL F 186 25.63 -19.74 -31.69
N ALA F 187 26.44 -20.68 -31.21
CA ALA F 187 26.76 -20.71 -29.78
C ALA F 187 27.37 -19.40 -29.33
N ARG F 188 28.20 -18.78 -30.17
CA ARG F 188 28.82 -17.50 -29.81
C ARG F 188 27.77 -16.42 -29.61
N LEU F 189 26.69 -16.44 -30.41
CA LEU F 189 25.63 -15.47 -30.20
C LEU F 189 24.77 -15.81 -28.99
N MET F 190 24.86 -17.05 -28.50
CA MET F 190 24.12 -17.39 -27.29
C MET F 190 24.80 -16.82 -26.05
N LEU F 191 26.08 -17.16 -25.87
CA LEU F 191 26.82 -16.68 -24.70
C LEU F 191 26.74 -15.17 -24.58
N ALA F 192 27.08 -14.45 -25.66
CA ALA F 192 27.11 -13.00 -25.62
C ALA F 192 25.74 -12.42 -25.30
N SER F 193 24.68 -13.15 -25.63
CA SER F 193 23.34 -12.65 -25.37
C SER F 193 23.01 -12.73 -23.88
N GLN F 194 23.53 -13.74 -23.20
CA GLN F 194 23.15 -13.96 -21.81
C GLN F 194 24.25 -13.56 -20.84
N ALA F 195 25.51 -13.55 -21.30
CA ALA F 195 26.61 -13.18 -20.41
C ALA F 195 26.68 -11.67 -20.20
N GLY F 196 26.26 -10.88 -21.16
CA GLY F 196 26.37 -9.45 -21.05
C GLY F 196 25.36 -8.72 -21.90
N SER F 197 25.76 -7.55 -22.38
CA SER F 197 24.90 -6.69 -23.18
C SER F 197 25.40 -6.62 -24.62
N LEU F 198 24.45 -6.49 -25.55
CA LEU F 198 24.74 -6.50 -26.97
C LEU F 198 24.33 -5.18 -27.61
N ARG F 199 25.10 -4.74 -28.60
CA ARG F 199 24.73 -3.61 -29.44
C ARG F 199 25.06 -3.91 -30.90
N LEU F 200 24.37 -3.21 -31.79
CA LEU F 200 24.50 -3.41 -33.23
C LEU F 200 25.12 -2.17 -33.87
N ALA F 201 26.13 -2.37 -34.71
CA ALA F 201 26.76 -1.28 -35.46
C ALA F 201 26.47 -1.51 -36.94
N ILE F 202 25.87 -0.51 -37.59
CA ILE F 202 25.45 -0.66 -38.97
C ILE F 202 26.60 -0.37 -39.92
N ARG F 203 26.73 -1.19 -40.95
CA ARG F 203 27.75 -1.04 -41.98
C ARG F 203 27.20 -0.29 -43.18
N SER F 204 28.12 0.24 -43.99
CA SER F 204 27.73 1.08 -45.12
C SER F 204 27.22 0.24 -46.28
N LYS F 205 26.32 0.84 -47.07
CA LYS F 205 25.78 0.16 -48.24
C LYS F 205 26.70 0.25 -49.45
N ASP F 206 27.70 1.14 -49.42
CA ASP F 206 28.65 1.24 -50.51
C ASP F 206 29.63 0.07 -50.54
N GLU F 207 29.71 -0.72 -49.48
CA GLU F 207 30.53 -1.93 -49.48
C GLU F 207 29.95 -3.02 -50.37
N GLU F 208 28.65 -2.94 -50.68
CA GLU F 208 27.98 -3.90 -51.56
C GLU F 208 28.14 -5.33 -51.07
N LEU F 209 27.97 -5.51 -49.75
CA LEU F 209 28.02 -6.85 -49.18
C LEU F 209 26.87 -7.72 -49.69
N TYR F 210 25.69 -7.13 -49.89
CA TYR F 210 24.55 -7.88 -50.41
C TYR F 210 24.86 -8.45 -51.78
N ARG F 211 25.36 -7.61 -52.68
CA ARG F 211 25.68 -8.05 -54.03
C ARG F 211 26.70 -9.18 -54.02
N ARG F 212 27.77 -9.00 -53.22
CA ARG F 212 28.79 -10.05 -53.11
C ARG F 212 28.21 -11.33 -52.53
N GLU F 213 27.16 -11.21 -51.70
CA GLU F 213 26.51 -12.41 -51.17
C GLU F 213 25.64 -13.08 -52.23
N GLN F 214 25.13 -12.32 -53.19
CA GLN F 214 24.34 -12.94 -54.26
C GLN F 214 25.23 -13.55 -55.34
N GLU F 215 26.56 -13.52 -55.13
CA GLU F 215 27.46 -14.27 -56.01
C GLU F 215 28.20 -15.34 -55.22
N SER F 227 41.02 -9.15 -33.23
CA SER F 227 40.32 -8.13 -32.46
C SER F 227 40.44 -8.41 -30.96
N ALA F 228 41.50 -7.91 -30.34
CA ALA F 228 41.70 -8.10 -28.92
C ALA F 228 40.66 -7.32 -28.12
N ALA F 229 40.34 -7.85 -26.95
CA ALA F 229 39.39 -7.19 -26.07
C ALA F 229 39.97 -5.91 -25.48
N LEU F 230 39.11 -4.93 -25.27
CA LEU F 230 39.51 -3.62 -24.76
C LEU F 230 39.04 -3.47 -23.32
N SER F 231 39.97 -3.13 -22.44
CA SER F 231 39.68 -2.95 -21.03
C SER F 231 39.71 -1.47 -20.67
N LEU F 232 39.23 -1.17 -19.46
CA LEU F 232 39.22 0.21 -18.99
C LEU F 232 40.62 0.74 -18.77
N ASP F 233 41.60 -0.14 -18.51
CA ASP F 233 42.97 0.30 -18.33
C ASP F 233 43.53 0.89 -19.61
N GLN F 234 43.23 0.27 -20.75
CA GLN F 234 43.74 0.78 -22.03
C GLN F 234 42.98 2.01 -22.48
N LEU F 235 41.72 2.15 -22.08
CA LEU F 235 40.96 3.35 -22.44
C LEU F 235 41.43 4.56 -21.64
N LEU F 236 41.63 4.39 -20.34
CA LEU F 236 41.98 5.50 -19.45
C LEU F 236 43.49 5.62 -19.39
N GLU F 237 44.03 6.52 -20.22
CA GLU F 237 45.45 6.85 -20.28
C GLU F 237 46.39 5.67 -19.99
N LYS G 25 -8.06 -5.90 -62.19
CA LYS G 25 -7.95 -6.96 -63.18
C LYS G 25 -6.57 -7.05 -63.87
N PRO G 26 -6.01 -5.94 -64.35
CA PRO G 26 -4.70 -6.04 -65.03
C PRO G 26 -3.58 -6.29 -64.03
N VAL G 27 -2.63 -7.13 -64.43
CA VAL G 27 -1.50 -7.50 -63.59
C VAL G 27 -0.29 -7.76 -64.48
N LEU G 28 0.87 -7.25 -64.07
CA LEU G 28 2.10 -7.42 -64.80
C LEU G 28 2.73 -8.78 -64.50
N VAL G 29 3.34 -9.37 -65.53
CA VAL G 29 3.93 -10.70 -65.44
C VAL G 29 5.22 -10.72 -66.25
N ALA G 30 6.25 -11.34 -65.69
CA ALA G 30 7.53 -11.49 -66.39
C ALA G 30 7.37 -12.40 -67.59
N SER G 31 7.92 -11.98 -68.73
CA SER G 31 7.84 -12.73 -69.97
C SER G 31 9.08 -13.58 -70.24
N ARG G 32 10.09 -13.50 -69.39
CA ARG G 32 11.30 -14.29 -69.59
C ARG G 32 12.05 -14.34 -68.27
N ASP G 33 13.04 -15.24 -68.22
CA ASP G 33 13.85 -15.40 -67.02
C ASP G 33 14.67 -14.14 -66.77
N LEU G 34 14.38 -13.46 -65.66
CA LEU G 34 15.10 -12.26 -65.29
C LEU G 34 16.13 -12.59 -64.23
N PRO G 35 17.42 -12.44 -64.49
CA PRO G 35 18.44 -12.78 -63.49
C PRO G 35 18.49 -11.76 -62.36
N ALA G 36 19.33 -12.03 -61.36
CA ALA G 36 19.45 -11.12 -60.23
C ALA G 36 20.15 -9.83 -60.64
N LEU G 37 19.69 -8.73 -60.07
CA LEU G 37 20.26 -7.40 -60.29
C LEU G 37 20.23 -7.02 -61.77
N ALA G 38 19.02 -6.92 -62.31
CA ALA G 38 18.79 -6.56 -63.70
C ALA G 38 17.71 -5.50 -63.78
N VAL G 39 17.89 -4.56 -64.71
CA VAL G 39 16.91 -3.50 -64.93
C VAL G 39 15.79 -4.04 -65.81
N ILE G 40 14.62 -3.41 -65.76
CA ILE G 40 13.43 -3.92 -66.43
C ILE G 40 13.18 -3.05 -67.66
N GLY G 41 13.13 -3.69 -68.82
CA GLY G 41 12.72 -3.02 -70.04
C GLY G 41 11.31 -3.39 -70.45
N ARG G 42 10.91 -2.87 -71.61
CA ARG G 42 9.57 -3.16 -72.13
C ARG G 42 9.46 -4.56 -72.71
N ASP G 43 10.59 -5.20 -73.03
CA ASP G 43 10.54 -6.56 -73.57
C ASP G 43 10.53 -7.62 -72.47
N ASP G 44 10.67 -7.21 -71.21
CA ASP G 44 10.69 -8.14 -70.08
C ASP G 44 9.36 -8.24 -69.37
N LEU G 45 8.32 -7.56 -69.87
CA LEU G 45 7.05 -7.47 -69.16
C LEU G 45 5.90 -7.85 -70.10
N SER G 46 4.78 -8.25 -69.49
CA SER G 46 3.54 -8.48 -70.21
C SER G 46 2.38 -8.23 -69.24
N VAL G 47 1.18 -8.08 -69.80
CA VAL G 47 0.00 -7.75 -69.02
C VAL G 47 -1.01 -8.88 -69.17
N GLU G 48 -1.54 -9.35 -68.05
CA GLU G 48 -2.57 -10.37 -68.01
C GLU G 48 -3.76 -9.89 -67.20
N LEU G 49 -4.96 -10.23 -67.65
CA LEU G 49 -6.19 -9.84 -66.98
C LEU G 49 -6.67 -11.01 -66.14
N LEU G 50 -6.52 -10.89 -64.82
CA LEU G 50 -6.94 -11.90 -63.87
C LEU G 50 -8.17 -11.44 -63.11
N ARG G 51 -8.93 -12.41 -62.59
CA ARG G 51 -10.15 -12.08 -61.87
C ARG G 51 -9.85 -11.32 -60.58
N THR G 52 -8.81 -11.73 -59.86
CA THR G 52 -8.38 -11.07 -58.65
C THR G 52 -6.89 -10.73 -58.72
N ALA G 53 -6.53 -9.57 -58.17
CA ALA G 53 -5.17 -9.07 -58.24
C ALA G 53 -4.51 -9.16 -56.86
N PRO G 54 -3.38 -9.86 -56.74
CA PRO G 54 -2.75 -10.01 -55.43
C PRO G 54 -2.21 -8.68 -54.91
N VAL G 55 -2.06 -8.60 -53.59
CA VAL G 55 -1.45 -7.43 -52.98
C VAL G 55 0.02 -7.36 -53.39
N GLY G 56 0.45 -6.17 -53.81
CA GLY G 56 1.78 -5.96 -54.33
C GLY G 56 1.87 -5.95 -55.84
N SER G 57 0.78 -6.23 -56.54
CA SER G 57 0.79 -6.22 -57.99
C SER G 57 0.82 -4.79 -58.53
N TYR G 58 1.27 -4.67 -59.77
CA TYR G 58 1.38 -3.38 -60.45
C TYR G 58 0.53 -3.41 -61.71
N ASP G 59 -0.17 -2.31 -61.98
CA ASP G 59 -1.14 -2.29 -63.09
C ASP G 59 -0.48 -1.91 -64.41
N ARG G 60 0.12 -0.72 -64.49
CA ARG G 60 0.64 -0.27 -65.78
C ARG G 60 2.10 -0.66 -65.95
N PRO G 61 2.53 -0.88 -67.19
CA PRO G 61 3.95 -1.20 -67.43
C PRO G 61 4.90 -0.11 -67.00
N GLU G 62 4.49 1.16 -67.07
CA GLU G 62 5.38 2.26 -66.73
C GLU G 62 5.73 2.33 -65.25
N ALA G 63 5.03 1.55 -64.41
CA ALA G 63 5.33 1.59 -62.99
C ALA G 63 6.63 0.87 -62.65
N LEU G 64 7.10 -0.01 -63.53
CA LEU G 64 8.29 -0.81 -63.26
C LEU G 64 9.40 -0.59 -64.27
N LEU G 65 9.28 0.41 -65.15
CA LEU G 65 10.33 0.69 -66.11
C LEU G 65 11.48 1.42 -65.44
N GLY G 66 12.68 0.85 -65.52
CA GLY G 66 13.87 1.41 -64.93
C GLY G 66 14.22 0.85 -63.58
N LYS G 67 13.28 0.17 -62.91
CA LYS G 67 13.55 -0.43 -61.62
C LYS G 67 14.39 -1.69 -61.78
N ARG G 68 14.90 -2.17 -60.64
CA ARG G 68 15.83 -3.30 -60.62
C ARG G 68 15.27 -4.39 -59.72
N VAL G 69 15.34 -5.64 -60.20
CA VAL G 69 14.91 -6.78 -59.40
C VAL G 69 16.10 -7.32 -58.62
N TRP G 70 15.86 -7.64 -57.34
CA TRP G 70 16.94 -8.04 -56.44
C TRP G 70 16.96 -9.53 -56.17
N VAL G 71 16.01 -10.29 -56.72
CA VAL G 71 16.04 -11.75 -56.71
C VAL G 71 15.63 -12.24 -58.08
N ALA G 72 16.02 -13.47 -58.40
CA ALA G 72 15.68 -14.05 -59.70
C ALA G 72 14.18 -14.25 -59.84
N VAL G 73 13.63 -13.84 -60.97
CA VAL G 73 12.20 -13.95 -61.24
C VAL G 73 12.03 -14.93 -62.41
N PRO G 74 11.51 -16.13 -62.18
CA PRO G 74 11.26 -17.06 -63.29
C PRO G 74 10.15 -16.56 -64.19
N ALA G 75 10.08 -17.16 -65.38
CA ALA G 75 9.15 -16.71 -66.40
C ALA G 75 7.71 -16.99 -65.99
N GLY G 76 6.82 -16.06 -66.34
CA GLY G 76 5.41 -16.17 -66.03
C GLY G 76 5.01 -15.75 -64.65
N SER G 77 5.97 -15.36 -63.80
CA SER G 77 5.66 -15.03 -62.41
C SER G 77 4.98 -13.68 -62.31
N ILE G 78 4.06 -13.55 -61.35
CA ILE G 78 3.51 -12.24 -61.03
C ILE G 78 4.56 -11.41 -60.32
N LEU G 79 4.79 -10.20 -60.83
CA LEU G 79 5.86 -9.35 -60.33
C LEU G 79 5.39 -8.58 -59.11
N SER G 80 5.98 -8.90 -57.95
CA SER G 80 5.67 -8.23 -56.70
C SER G 80 6.75 -8.56 -55.69
N ALA G 81 7.18 -7.53 -54.96
CA ALA G 81 8.09 -7.66 -53.82
C ALA G 81 9.50 -8.09 -54.24
N ALA G 82 9.69 -8.39 -55.53
CA ALA G 82 11.04 -8.60 -56.03
C ALA G 82 11.66 -7.29 -56.51
N THR G 83 10.87 -6.22 -56.53
CA THR G 83 11.33 -4.90 -56.96
C THR G 83 11.55 -3.96 -55.79
N LEU G 84 11.84 -4.48 -54.60
CA LEU G 84 11.98 -3.67 -53.41
C LEU G 84 13.43 -3.72 -52.93
N GLU G 85 14.02 -2.56 -52.71
CA GLU G 85 15.39 -2.47 -52.24
C GLU G 85 15.53 -3.00 -50.82
N PRO G 86 16.41 -3.96 -50.57
CA PRO G 86 16.71 -4.34 -49.19
C PRO G 86 17.68 -3.35 -48.56
N GLY G 87 17.32 -2.84 -47.41
CA GLY G 87 18.21 -1.94 -46.68
C GLY G 87 17.42 -0.93 -45.87
N GLY G 88 18.16 -0.10 -45.16
CA GLY G 88 17.59 0.97 -44.38
C GLY G 88 18.23 2.31 -44.69
N PRO G 89 17.70 3.38 -44.10
CA PRO G 89 18.24 4.72 -44.40
C PRO G 89 19.56 5.01 -43.71
N LEU G 90 19.89 4.35 -42.62
CA LEU G 90 21.12 4.64 -41.90
C LEU G 90 22.36 4.24 -42.71
N ALA G 91 22.28 3.14 -43.45
CA ALA G 91 23.43 2.66 -44.21
C ALA G 91 23.79 3.55 -45.40
N ARG G 92 22.93 4.51 -45.74
CA ARG G 92 23.18 5.40 -46.86
C ARG G 92 23.88 6.69 -46.46
N THR G 93 24.20 6.87 -45.17
CA THR G 93 24.72 8.13 -44.66
C THR G 93 26.16 8.04 -44.20
N ILE G 94 26.81 6.89 -44.33
CA ILE G 94 28.16 6.70 -43.84
C ILE G 94 29.03 6.15 -44.97
N ARG G 95 30.28 5.87 -44.64
CA ARG G 95 31.31 5.46 -45.57
C ARG G 95 31.88 4.11 -45.14
N PRO G 96 32.60 3.40 -46.01
CA PRO G 96 33.09 2.07 -45.65
C PRO G 96 34.02 2.04 -44.45
N ASP G 97 34.63 3.16 -44.07
CA ASP G 97 35.53 3.21 -42.93
C ASP G 97 34.85 3.68 -41.67
N GLU G 98 33.52 3.81 -41.66
CA GLU G 98 32.78 4.26 -40.50
C GLU G 98 31.67 3.26 -40.18
N ARG G 99 31.10 3.42 -38.99
CA ARG G 99 29.95 2.64 -38.54
C ARG G 99 28.93 3.59 -37.92
N ALA G 100 27.71 3.10 -37.74
CA ALA G 100 26.64 3.86 -37.10
C ALA G 100 26.29 3.16 -35.79
N MET G 101 26.36 3.89 -34.68
CA MET G 101 26.07 3.33 -33.37
C MET G 101 25.27 4.32 -32.53
N ALA G 102 24.33 3.82 -31.75
CA ALA G 102 23.43 4.68 -30.98
C ALA G 102 23.83 4.74 -29.51
N ILE G 103 23.54 5.88 -28.88
CA ILE G 103 23.81 6.11 -27.47
C ILE G 103 22.58 6.71 -26.81
N ALA G 104 22.49 6.55 -25.49
CA ALA G 104 21.35 7.08 -24.74
C ALA G 104 21.54 8.57 -24.47
N VAL G 105 20.44 9.33 -24.58
CA VAL G 105 20.47 10.79 -24.52
C VAL G 105 19.33 11.30 -23.66
N ASP G 106 19.65 12.29 -22.81
CA ASP G 106 18.67 13.13 -22.15
C ASP G 106 19.05 14.59 -22.44
N GLU G 107 18.36 15.51 -21.76
CA GLU G 107 18.58 16.93 -22.03
C GLU G 107 19.96 17.40 -21.58
N VAL G 108 20.48 16.86 -20.48
CA VAL G 108 21.79 17.26 -20.00
C VAL G 108 22.89 16.77 -20.94
N VAL G 109 22.73 15.56 -21.47
CA VAL G 109 23.75 15.01 -22.37
C VAL G 109 23.77 15.76 -23.70
N GLY G 110 22.62 16.11 -24.24
CA GLY G 110 22.56 16.65 -25.58
C GLY G 110 22.34 18.14 -25.69
N GLY G 111 22.94 18.91 -24.79
CA GLY G 111 22.93 20.37 -24.92
C GLY G 111 21.56 21.00 -24.86
N GLY G 112 20.70 20.52 -23.97
CA GLY G 112 19.39 21.13 -23.78
C GLY G 112 18.50 21.07 -24.98
N GLY G 113 18.59 20.00 -25.77
CA GLY G 113 17.71 19.86 -26.92
C GLY G 113 17.97 20.81 -28.06
N PHE G 114 19.18 21.37 -28.14
CA PHE G 114 19.56 22.27 -29.22
C PHE G 114 20.54 21.63 -30.19
N VAL G 115 20.61 20.30 -30.20
CA VAL G 115 21.51 19.56 -31.09
C VAL G 115 20.69 19.00 -32.23
N LEU G 116 21.12 19.27 -33.46
CA LEU G 116 20.46 18.81 -34.67
C LEU G 116 21.38 17.89 -35.46
N PRO G 117 20.84 17.04 -36.32
CA PRO G 117 21.69 16.28 -37.24
C PRO G 117 22.51 17.21 -38.13
N GLY G 118 23.76 16.84 -38.37
CA GLY G 118 24.71 17.65 -39.08
C GLY G 118 25.74 18.32 -38.18
N ASP G 119 25.51 18.30 -36.87
CA ASP G 119 26.45 18.89 -35.93
C ASP G 119 27.61 17.95 -35.67
N TYR G 120 28.69 18.51 -35.14
CA TYR G 120 29.88 17.76 -34.77
C TYR G 120 30.11 17.93 -33.28
N VAL G 121 30.39 16.83 -32.60
CA VAL G 121 30.43 16.81 -31.14
C VAL G 121 31.69 16.09 -30.66
N ASP G 122 32.06 16.40 -29.43
CA ASP G 122 33.10 15.69 -28.70
C ASP G 122 32.43 14.91 -27.58
N VAL G 123 32.91 13.69 -27.34
CA VAL G 123 32.32 12.80 -26.34
C VAL G 123 33.22 12.78 -25.11
N MET G 124 32.64 13.07 -23.95
CA MET G 124 33.36 13.07 -22.69
C MET G 124 32.77 12.04 -21.74
N LEU G 125 33.63 11.47 -20.90
CA LEU G 125 33.28 10.36 -20.03
C LEU G 125 33.64 10.66 -18.59
N PHE G 126 32.74 10.31 -17.68
CA PHE G 126 33.00 10.32 -16.24
C PHE G 126 32.90 8.90 -15.73
N VAL G 127 33.94 8.43 -15.05
CA VAL G 127 34.02 7.08 -14.53
C VAL G 127 34.69 7.12 -13.17
N ARG G 128 34.42 6.10 -12.35
CA ARG G 128 35.04 5.92 -11.05
C ARG G 128 35.88 4.65 -11.10
N ASP G 129 37.20 4.82 -11.13
CA ASP G 129 38.10 3.68 -11.20
C ASP G 129 38.15 2.96 -9.87
N GLU G 130 38.11 1.63 -9.91
CA GLU G 130 38.07 0.81 -8.70
C GLU G 130 39.29 -0.10 -8.57
N ARG G 131 40.38 0.21 -9.24
CA ARG G 131 41.61 -0.55 -9.02
C ARG G 131 42.28 -0.11 -7.72
N ASP G 132 43.21 -0.94 -7.26
CA ASP G 132 44.04 -0.71 -6.08
C ASP G 132 43.21 -0.62 -4.79
N GLY G 133 41.95 -1.05 -4.81
CA GLY G 133 41.15 -1.04 -3.61
C GLY G 133 40.60 0.31 -3.20
N GLU G 134 40.80 1.34 -4.02
CA GLU G 134 40.29 2.68 -3.72
C GLU G 134 39.60 3.26 -4.94
N SER G 135 38.58 4.07 -4.71
CA SER G 135 37.79 4.65 -5.79
C SER G 135 38.32 6.04 -6.13
N THR G 136 38.43 6.33 -7.43
CA THR G 136 38.99 7.60 -7.89
C THR G 136 38.16 8.11 -9.06
N PRO G 137 37.45 9.23 -8.91
CA PRO G 137 36.72 9.80 -10.05
C PRO G 137 37.68 10.34 -11.11
N LEU G 138 37.23 10.29 -12.36
CA LEU G 138 38.05 10.68 -13.50
C LEU G 138 37.18 11.25 -14.61
N ALA G 139 37.81 12.01 -15.50
CA ALA G 139 37.14 12.57 -16.67
C ALA G 139 38.12 12.59 -17.83
N GLN G 140 37.63 12.32 -19.04
CA GLN G 140 38.50 12.12 -20.19
C GLN G 140 37.68 12.29 -21.47
N LEU G 141 38.36 12.75 -22.53
CA LEU G 141 37.78 12.88 -23.86
C LEU G 141 38.05 11.58 -24.61
N VAL G 142 37.00 10.97 -25.16
CA VAL G 142 37.14 9.65 -25.78
C VAL G 142 37.10 9.76 -27.30
N LEU G 143 36.22 10.59 -27.85
CA LEU G 143 36.10 10.73 -29.29
C LEU G 143 35.93 12.20 -29.68
N PRO G 144 36.86 12.75 -30.48
CA PRO G 144 36.70 14.13 -30.96
C PRO G 144 36.05 14.21 -32.33
N GLY G 145 35.25 15.24 -32.56
CA GLY G 145 34.70 15.53 -33.87
C GLY G 145 33.92 14.41 -34.51
N VAL G 146 32.76 14.07 -33.95
CA VAL G 146 31.94 12.98 -34.43
C VAL G 146 30.65 13.55 -35.00
N ARG G 147 30.32 13.17 -36.23
CA ARG G 147 29.09 13.63 -36.85
C ARG G 147 27.88 13.03 -36.16
N VAL G 148 26.80 13.80 -36.13
CA VAL G 148 25.53 13.37 -35.56
C VAL G 148 24.61 13.04 -36.71
N LEU G 149 24.19 11.78 -36.80
CA LEU G 149 23.33 11.36 -37.89
C LEU G 149 21.86 11.52 -37.54
N THR G 150 21.45 11.07 -36.36
CA THR G 150 20.06 11.20 -35.93
C THR G 150 19.99 11.69 -34.50
N TYR G 151 19.20 12.74 -34.28
CA TYR G 151 18.60 12.99 -32.98
C TYR G 151 17.19 12.42 -33.01
N GLY G 152 16.66 12.15 -31.82
CA GLY G 152 15.43 11.38 -31.69
C GLY G 152 14.33 11.74 -32.66
N GLU G 153 14.01 10.82 -33.57
CA GLU G 153 13.01 10.92 -34.62
C GLU G 153 13.39 11.92 -35.71
N ARG G 154 14.65 12.36 -35.78
CA ARG G 154 15.08 13.31 -36.80
C ARG G 154 16.26 12.70 -37.56
N ILE G 155 16.13 12.65 -38.89
CA ILE G 155 17.13 12.03 -39.74
C ILE G 155 17.33 12.90 -40.98
N ALA G 156 18.57 13.01 -41.44
CA ALA G 156 18.90 13.83 -42.59
C ALA G 156 18.49 13.16 -43.90
N VAL G 157 19.04 11.99 -44.18
CA VAL G 157 18.72 11.28 -45.42
C VAL G 157 18.66 9.78 -45.16
N PRO G 171 4.86 16.64 -28.76
CA PRO G 171 5.64 15.44 -29.11
C PRO G 171 6.20 14.72 -27.89
N ARG G 172 7.22 13.88 -28.10
CA ARG G 172 7.83 13.11 -27.04
C ARG G 172 9.30 13.46 -26.90
N PRO G 173 9.84 13.49 -25.69
CA PRO G 173 11.25 13.81 -25.50
C PRO G 173 12.14 12.80 -26.21
N PRO G 174 13.25 13.26 -26.81
CA PRO G 174 14.18 12.33 -27.46
C PRO G 174 14.83 11.40 -26.45
N ARG G 175 15.15 10.19 -26.89
CA ARG G 175 15.74 9.19 -26.02
C ARG G 175 17.09 8.65 -26.49
N THR G 176 17.33 8.62 -27.81
CA THR G 176 18.58 8.09 -28.33
C THR G 176 19.10 9.01 -29.43
N ALA G 177 20.41 8.92 -29.68
CA ALA G 177 21.06 9.61 -30.78
C ALA G 177 22.03 8.66 -31.45
N VAL G 178 22.10 8.72 -32.78
CA VAL G 178 22.95 7.83 -33.58
C VAL G 178 24.13 8.62 -34.10
N LEU G 179 25.33 8.06 -33.94
CA LEU G 179 26.58 8.71 -34.29
C LEU G 179 27.34 7.88 -35.31
N ALA G 180 28.09 8.59 -36.16
CA ALA G 180 28.97 7.98 -37.16
C ALA G 180 30.37 7.87 -36.57
N VAL G 181 30.71 6.68 -36.09
CA VAL G 181 31.97 6.45 -35.38
C VAL G 181 33.00 5.91 -36.36
N PRO G 182 34.28 6.25 -36.20
CA PRO G 182 35.32 5.55 -36.95
C PRO G 182 35.38 4.09 -36.57
N GLU G 183 35.90 3.27 -37.49
CA GLU G 183 35.85 1.82 -37.31
C GLU G 183 36.74 1.37 -36.15
N ASP G 184 37.80 2.11 -35.84
CA ASP G 184 38.70 1.70 -34.78
C ASP G 184 38.22 2.14 -33.39
N GLY G 185 37.25 3.04 -33.30
CA GLY G 185 36.80 3.55 -32.02
C GLY G 185 35.50 2.97 -31.49
N VAL G 186 34.80 2.14 -32.27
CA VAL G 186 33.47 1.70 -31.88
C VAL G 186 33.50 1.02 -30.52
N ALA G 187 34.40 0.05 -30.34
CA ALA G 187 34.53 -0.62 -29.06
C ALA G 187 34.69 0.38 -27.92
N ARG G 188 35.55 1.38 -28.10
CA ARG G 188 35.74 2.39 -27.06
C ARG G 188 34.41 2.97 -26.62
N LEU G 189 33.59 3.41 -27.59
CA LEU G 189 32.30 3.99 -27.26
C LEU G 189 31.50 3.05 -26.37
N MET G 190 31.44 1.77 -26.74
CA MET G 190 30.67 0.81 -25.96
C MET G 190 31.12 0.83 -24.50
N LEU G 191 32.43 0.73 -24.28
CA LEU G 191 32.93 0.78 -22.90
C LEU G 191 32.50 2.07 -22.23
N ALA G 192 32.71 3.21 -22.91
CA ALA G 192 32.39 4.49 -22.30
C ALA G 192 30.89 4.61 -22.06
N SER G 193 30.08 3.85 -22.81
CA SER G 193 28.64 3.97 -22.63
C SER G 193 28.16 3.16 -21.43
N GLN G 194 28.95 2.16 -21.01
CA GLN G 194 28.50 1.28 -19.95
C GLN G 194 29.34 1.37 -18.68
N ALA G 195 30.58 1.84 -18.77
CA ALA G 195 31.41 1.96 -17.59
C ALA G 195 31.12 3.22 -16.79
N GLY G 196 30.44 4.20 -17.37
CA GLY G 196 30.20 5.44 -16.69
C GLY G 196 29.20 6.31 -17.42
N SER G 197 29.30 7.62 -17.17
CA SER G 197 28.39 8.58 -17.76
C SER G 197 29.04 9.31 -18.93
N LEU G 198 28.21 9.68 -19.91
CA LEU G 198 28.66 10.34 -21.12
C LEU G 198 28.05 11.72 -21.23
N ARG G 199 28.79 12.64 -21.86
CA ARG G 199 28.28 13.96 -22.19
C ARG G 199 28.82 14.40 -23.54
N LEU G 200 28.10 15.33 -24.17
CA LEU G 200 28.41 15.81 -25.51
C LEU G 200 28.79 17.28 -25.45
N ALA G 201 29.79 17.67 -26.22
CA ALA G 201 30.22 19.06 -26.33
C ALA G 201 30.17 19.48 -27.80
N ILE G 202 29.42 20.54 -28.10
CA ILE G 202 29.24 20.94 -29.48
C ILE G 202 30.40 21.83 -29.96
N ARG G 203 30.80 21.62 -31.21
CA ARG G 203 31.89 22.37 -31.83
C ARG G 203 31.33 23.45 -32.74
N SER G 204 32.18 24.44 -33.04
CA SER G 204 31.74 25.61 -33.78
C SER G 204 31.52 25.29 -35.26
N LYS G 205 30.64 26.07 -35.88
CA LYS G 205 30.42 25.97 -37.32
C LYS G 205 31.53 26.63 -38.13
N ASP G 206 32.28 27.55 -37.53
CA ASP G 206 33.36 28.23 -38.24
C ASP G 206 34.59 27.36 -38.40
N GLU G 207 34.65 26.20 -37.72
CA GLU G 207 35.76 25.28 -37.90
C GLU G 207 35.71 24.56 -39.24
N GLU G 208 34.54 24.48 -39.87
CA GLU G 208 34.36 23.89 -41.19
C GLU G 208 34.87 22.45 -41.23
N LEU G 209 34.29 21.62 -40.37
CA LEU G 209 34.64 20.20 -40.33
C LEU G 209 33.96 19.40 -41.44
N TYR G 210 32.82 19.85 -41.95
CA TYR G 210 32.18 19.14 -43.06
C TYR G 210 33.03 19.22 -44.32
N ARG G 211 33.64 20.38 -44.58
CA ARG G 211 34.49 20.52 -45.75
C ARG G 211 35.72 19.62 -45.67
N ARG G 212 36.36 19.54 -44.51
CA ARG G 212 37.53 18.67 -44.37
C ARG G 212 37.11 17.20 -44.39
N GLU G 213 35.89 16.90 -43.95
CA GLU G 213 35.36 15.55 -44.10
C GLU G 213 35.20 15.20 -45.57
N GLN G 214 34.69 16.14 -46.37
CA GLN G 214 34.58 15.93 -47.81
C GLN G 214 35.90 16.24 -48.49
N GLU G 215 36.98 15.62 -48.03
CA GLU G 215 38.33 15.82 -48.55
C GLU G 215 38.65 17.28 -48.87
N SER G 227 45.03 15.41 -24.08
CA SER G 227 45.72 15.28 -22.81
C SER G 227 45.33 13.97 -22.12
N ALA G 228 45.82 13.79 -20.90
CA ALA G 228 45.53 12.61 -20.11
C ALA G 228 44.25 12.82 -19.30
N ALA G 229 43.95 11.86 -18.42
CA ALA G 229 42.78 11.96 -17.58
C ALA G 229 43.00 12.99 -16.47
N LEU G 230 41.91 13.58 -16.02
CA LEU G 230 41.92 14.56 -14.94
C LEU G 230 41.21 13.99 -13.73
N SER G 231 41.87 14.01 -12.59
CA SER G 231 41.33 13.49 -11.34
C SER G 231 41.02 14.63 -10.38
N LEU G 232 40.39 14.26 -9.26
CA LEU G 232 40.03 15.24 -8.24
C LEU G 232 41.25 15.84 -7.55
N ASP G 233 42.37 15.12 -7.52
CA ASP G 233 43.57 15.67 -6.92
C ASP G 233 44.09 16.86 -7.72
N GLN G 234 44.01 16.79 -9.05
CA GLN G 234 44.51 17.88 -9.87
C GLN G 234 43.57 19.07 -9.85
N LEU G 235 42.31 18.86 -9.51
CA LEU G 235 41.34 19.96 -9.47
C LEU G 235 41.31 20.63 -8.10
N LEU G 236 41.27 19.83 -7.03
CA LEU G 236 41.11 20.39 -5.69
C LEU G 236 42.41 21.03 -5.20
N GLU G 237 43.51 20.79 -5.89
CA GLU G 237 44.80 21.33 -5.46
C GLU G 237 44.83 22.85 -5.57
N GLU H 23 11.93 47.76 -56.90
CA GLU H 23 13.27 48.33 -56.82
C GLU H 23 14.22 47.62 -57.80
N ARG H 24 15.52 47.61 -57.51
CA ARG H 24 16.49 47.24 -58.52
C ARG H 24 16.85 45.75 -58.52
N LYS H 25 17.41 45.24 -57.43
CA LYS H 25 18.01 43.91 -57.46
C LYS H 25 17.03 42.85 -56.95
N PRO H 26 17.08 41.64 -57.52
CA PRO H 26 16.20 40.56 -57.05
C PRO H 26 16.85 39.70 -55.99
N VAL H 27 16.08 39.37 -54.95
CA VAL H 27 16.54 38.54 -53.84
C VAL H 27 15.46 37.53 -53.51
N LEU H 28 15.86 36.29 -53.24
CA LEU H 28 14.93 35.22 -52.94
C LEU H 28 14.68 35.12 -51.44
N VAL H 29 13.40 34.98 -51.08
CA VAL H 29 12.98 34.88 -49.70
C VAL H 29 12.04 33.68 -49.56
N ALA H 30 11.82 33.28 -48.31
CA ALA H 30 10.95 32.15 -48.01
C ALA H 30 9.51 32.60 -47.92
N SER H 31 8.61 31.83 -48.53
CA SER H 31 7.18 32.14 -48.51
C SER H 31 6.41 31.41 -47.43
N ARG H 32 7.05 30.51 -46.70
CA ARG H 32 6.40 29.75 -45.64
C ARG H 32 7.45 29.34 -44.62
N ASP H 33 6.99 28.75 -43.52
CA ASP H 33 7.87 28.29 -42.47
C ASP H 33 8.46 26.95 -42.87
N LEU H 34 9.75 26.93 -43.17
CA LEU H 34 10.45 25.71 -43.53
C LEU H 34 11.01 25.05 -42.29
N PRO H 35 10.66 23.81 -41.98
CA PRO H 35 11.21 23.16 -40.80
C PRO H 35 12.68 22.82 -40.95
N ALA H 36 13.31 22.37 -39.88
CA ALA H 36 14.69 21.91 -39.97
C ALA H 36 14.76 20.64 -40.81
N LEU H 37 15.85 20.52 -41.56
CA LEU H 37 16.11 19.36 -42.41
C LEU H 37 15.01 19.18 -43.45
N ALA H 38 14.85 20.20 -44.29
CA ALA H 38 13.84 20.21 -45.33
C ALA H 38 14.48 20.47 -46.68
N VAL H 39 13.82 19.99 -47.73
CA VAL H 39 14.31 20.12 -49.10
C VAL H 39 13.47 21.17 -49.81
N ILE H 40 14.15 22.12 -50.44
CA ILE H 40 13.48 23.29 -51.01
C ILE H 40 12.79 22.91 -52.31
N GLY H 41 11.50 23.26 -52.42
CA GLY H 41 10.77 23.14 -53.65
C GLY H 41 10.44 24.51 -54.22
N ARG H 42 9.83 24.49 -55.40
CA ARG H 42 9.46 25.73 -56.08
C ARG H 42 8.34 26.47 -55.35
N ASP H 43 7.53 25.78 -54.55
CA ASP H 43 6.43 26.40 -53.82
C ASP H 43 6.87 27.03 -52.51
N ASP H 44 8.14 26.91 -52.14
CA ASP H 44 8.66 27.44 -50.89
C ASP H 44 9.45 28.73 -51.08
N LEU H 45 9.43 29.33 -52.26
CA LEU H 45 10.29 30.46 -52.57
C LEU H 45 9.47 31.60 -53.17
N SER H 46 9.94 32.83 -52.95
CA SER H 46 9.38 34.01 -53.59
C SER H 46 10.51 34.96 -53.91
N VAL H 47 10.28 35.85 -54.88
CA VAL H 47 11.28 36.80 -55.34
C VAL H 47 10.83 38.20 -54.95
N GLU H 48 11.77 39.02 -54.49
CA GLU H 48 11.49 40.39 -54.09
C GLU H 48 12.52 41.33 -54.70
N LEU H 49 12.12 42.57 -54.94
CA LEU H 49 12.99 43.58 -55.52
C LEU H 49 13.38 44.56 -54.43
N LEU H 50 14.67 44.68 -54.17
CA LEU H 50 15.19 45.55 -53.12
C LEU H 50 16.30 46.42 -53.68
N ARG H 51 16.65 47.46 -52.93
CA ARG H 51 17.73 48.35 -53.35
C ARG H 51 19.09 47.70 -53.14
N THR H 52 19.24 46.97 -52.04
CA THR H 52 20.52 46.34 -51.70
C THR H 52 20.35 44.83 -51.57
N ALA H 53 21.29 44.09 -52.16
CA ALA H 53 21.29 42.64 -52.09
C ALA H 53 22.34 42.20 -51.08
N PRO H 54 21.94 41.50 -50.02
CA PRO H 54 22.93 41.08 -49.01
C PRO H 54 23.94 40.12 -49.59
N VAL H 55 25.14 40.13 -49.01
CA VAL H 55 26.16 39.15 -49.40
C VAL H 55 25.73 37.79 -48.90
N GLY H 56 25.62 36.83 -49.81
CA GLY H 56 25.14 35.49 -49.51
C GLY H 56 23.77 35.17 -50.06
N SER H 57 23.09 36.14 -50.67
CA SER H 57 21.77 35.90 -51.21
C SER H 57 21.86 35.28 -52.61
N TYR H 58 20.70 34.93 -53.16
CA TYR H 58 20.61 34.27 -54.45
C TYR H 58 19.65 35.03 -55.35
N ASP H 59 19.88 34.94 -56.67
CA ASP H 59 19.11 35.71 -57.64
C ASP H 59 18.02 34.91 -58.34
N ARG H 60 18.29 33.65 -58.69
CA ARG H 60 17.31 32.86 -59.42
C ARG H 60 16.89 31.64 -58.62
N PRO H 61 15.63 31.22 -58.76
CA PRO H 61 15.16 30.06 -57.99
C PRO H 61 15.90 28.77 -58.27
N GLU H 62 16.41 28.58 -59.49
CA GLU H 62 17.02 27.31 -59.85
C GLU H 62 18.29 27.00 -59.07
N ALA H 63 18.89 28.01 -58.44
CA ALA H 63 20.11 27.76 -57.67
C ALA H 63 19.82 27.09 -56.34
N LEU H 64 18.58 27.21 -55.83
CA LEU H 64 18.23 26.68 -54.52
C LEU H 64 17.38 25.42 -54.57
N LEU H 65 16.88 25.03 -55.74
CA LEU H 65 15.97 23.90 -55.81
C LEU H 65 16.71 22.60 -55.54
N GLY H 66 16.17 21.79 -54.62
CA GLY H 66 16.72 20.52 -54.27
C GLY H 66 17.73 20.55 -53.14
N LYS H 67 18.12 21.73 -52.69
CA LYS H 67 19.09 21.83 -51.61
C LYS H 67 18.38 21.83 -50.25
N ARG H 68 19.13 21.48 -49.21
CA ARG H 68 18.58 21.24 -47.89
C ARG H 68 18.90 22.39 -46.95
N VAL H 69 17.90 22.85 -46.20
CA VAL H 69 18.11 23.84 -45.15
C VAL H 69 18.39 23.10 -43.85
N TRP H 70 19.52 23.40 -43.22
CA TRP H 70 19.96 22.65 -42.05
C TRP H 70 19.51 23.28 -40.74
N VAL H 71 18.79 24.39 -40.79
CA VAL H 71 18.20 25.02 -39.60
C VAL H 71 16.89 25.66 -40.02
N ALA H 72 16.02 25.88 -39.03
CA ALA H 72 14.68 26.38 -39.32
C ALA H 72 14.72 27.79 -39.89
N VAL H 73 13.86 28.04 -40.87
CA VAL H 73 13.78 29.33 -41.56
C VAL H 73 12.39 29.90 -41.32
N PRO H 74 12.25 30.94 -40.50
CA PRO H 74 10.94 31.57 -40.33
C PRO H 74 10.46 32.21 -41.63
N ALA H 75 9.14 32.32 -41.74
CA ALA H 75 8.53 32.86 -42.95
C ALA H 75 8.98 34.30 -43.19
N GLY H 76 9.31 34.60 -44.44
CA GLY H 76 9.78 35.91 -44.83
C GLY H 76 11.27 36.10 -44.75
N SER H 77 12.00 35.13 -44.20
CA SER H 77 13.44 35.28 -44.04
C SER H 77 14.13 35.27 -45.40
N ILE H 78 15.21 36.04 -45.50
CA ILE H 78 16.03 36.04 -46.70
C ILE H 78 16.90 34.78 -46.69
N LEU H 79 16.81 34.01 -47.77
CA LEU H 79 17.61 32.80 -47.88
C LEU H 79 19.08 33.16 -48.02
N SER H 80 19.92 32.53 -47.21
CA SER H 80 21.35 32.81 -47.17
C SER H 80 22.14 31.54 -47.40
N ALA H 81 23.42 31.73 -47.76
CA ALA H 81 24.29 30.58 -48.03
C ALA H 81 24.56 29.78 -46.77
N ALA H 82 24.71 30.45 -45.63
CA ALA H 82 25.02 29.76 -44.39
C ALA H 82 23.88 28.89 -43.88
N THR H 83 22.65 29.14 -44.34
CA THR H 83 21.54 28.29 -43.92
C THR H 83 21.61 26.92 -44.57
N LEU H 84 22.31 26.80 -45.69
CA LEU H 84 22.44 25.55 -46.44
C LEU H 84 23.73 24.82 -46.12
N GLU H 85 24.25 24.98 -44.91
CA GLU H 85 25.48 24.31 -44.49
C GLU H 85 25.24 23.60 -43.17
N PRO H 86 25.95 22.49 -42.93
CA PRO H 86 25.71 21.73 -41.69
C PRO H 86 26.03 22.50 -40.43
N GLY H 87 25.06 22.58 -39.53
CA GLY H 87 25.25 23.26 -38.26
C GLY H 87 23.93 23.41 -37.54
N GLY H 88 24.01 23.51 -36.21
CA GLY H 88 22.85 23.66 -35.39
C GLY H 88 22.75 25.04 -34.78
N PRO H 89 21.65 25.30 -34.06
CA PRO H 89 21.51 26.61 -33.40
C PRO H 89 22.61 26.91 -32.40
N LEU H 90 23.09 25.90 -31.68
CA LEU H 90 24.14 26.12 -30.69
C LEU H 90 25.50 26.35 -31.36
N ALA H 91 25.78 25.63 -32.44
CA ALA H 91 27.08 25.73 -33.09
C ALA H 91 27.26 27.07 -33.80
N ARG H 92 26.18 27.80 -34.04
CA ARG H 92 26.26 29.07 -34.73
C ARG H 92 26.47 30.26 -33.79
N THR H 93 26.68 30.01 -32.49
CA THR H 93 26.81 31.09 -31.52
C THR H 93 28.11 31.01 -30.71
N ILE H 94 29.10 30.25 -31.19
CA ILE H 94 30.35 30.09 -30.48
C ILE H 94 31.51 30.31 -31.45
N ARG H 95 32.72 30.12 -30.94
CA ARG H 95 33.97 30.39 -31.65
C ARG H 95 34.80 29.12 -31.73
N PRO H 96 35.77 29.03 -32.66
CA PRO H 96 36.51 27.77 -32.85
C PRO H 96 37.30 27.31 -31.65
N ASP H 97 37.57 28.17 -30.67
CA ASP H 97 38.31 27.76 -29.47
C ASP H 97 37.40 27.56 -28.26
N GLU H 98 36.11 27.36 -28.47
CA GLU H 98 35.17 27.14 -27.38
C GLU H 98 34.30 25.93 -27.69
N ARG H 99 33.64 25.44 -26.64
CA ARG H 99 32.70 24.33 -26.72
C ARG H 99 31.45 24.70 -25.94
N ALA H 100 30.38 23.93 -26.18
CA ALA H 100 29.10 24.13 -25.51
C ALA H 100 28.77 22.87 -24.73
N MET H 101 28.43 23.04 -23.45
CA MET H 101 28.11 21.92 -22.58
C MET H 101 27.04 22.35 -21.58
N ALA H 102 26.12 21.43 -21.27
CA ALA H 102 25.02 21.70 -20.36
C ALA H 102 25.34 21.18 -18.96
N ILE H 103 24.79 21.84 -17.94
CA ILE H 103 25.12 21.53 -16.55
C ILE H 103 23.91 20.99 -15.79
N ALA H 104 22.71 21.50 -16.07
CA ALA H 104 21.46 21.15 -15.40
C ALA H 104 21.34 21.88 -14.08
N VAL H 105 20.33 22.75 -13.96
CA VAL H 105 20.25 23.73 -12.89
C VAL H 105 18.91 23.66 -12.19
N ASP H 106 18.86 24.25 -11.00
CA ASP H 106 17.61 24.51 -10.29
C ASP H 106 17.53 25.99 -9.93
N GLU H 107 16.57 26.38 -9.10
CA GLU H 107 16.43 27.78 -8.74
C GLU H 107 17.59 28.26 -7.88
N VAL H 108 18.10 27.39 -7.01
CA VAL H 108 19.22 27.78 -6.16
C VAL H 108 20.49 27.93 -6.99
N VAL H 109 20.71 27.02 -7.95
CA VAL H 109 21.93 27.04 -8.75
C VAL H 109 21.95 28.24 -9.69
N GLY H 110 20.80 28.61 -10.25
CA GLY H 110 20.77 29.62 -11.28
C GLY H 110 20.28 30.98 -10.84
N GLY H 111 20.71 31.42 -9.66
CA GLY H 111 20.42 32.78 -9.22
C GLY H 111 18.94 33.09 -9.09
N GLY H 112 18.17 32.15 -8.56
CA GLY H 112 16.75 32.38 -8.37
C GLY H 112 15.95 32.48 -9.65
N GLY H 113 16.42 31.87 -10.73
CA GLY H 113 15.73 31.96 -11.99
C GLY H 113 15.83 33.31 -12.66
N PHE H 114 16.86 34.09 -12.35
CA PHE H 114 17.04 35.43 -12.89
C PHE H 114 18.24 35.55 -13.81
N VAL H 115 18.75 34.42 -14.31
CA VAL H 115 19.89 34.41 -15.22
C VAL H 115 19.36 34.32 -16.65
N LEU H 116 19.80 35.25 -17.49
CA LEU H 116 19.43 35.27 -18.89
C LEU H 116 20.67 35.11 -19.76
N PRO H 117 20.52 34.64 -21.00
CA PRO H 117 21.68 34.49 -21.89
C PRO H 117 22.39 35.82 -22.10
N GLY H 118 23.72 35.76 -22.15
CA GLY H 118 24.53 36.94 -22.21
C GLY H 118 25.17 37.35 -20.90
N ASP H 119 24.94 36.60 -19.83
CA ASP H 119 25.54 36.87 -18.53
C ASP H 119 26.89 36.16 -18.42
N TYR H 120 27.73 36.68 -17.53
CA TYR H 120 28.99 36.06 -17.19
C TYR H 120 28.96 35.59 -15.75
N VAL H 121 29.34 34.33 -15.53
CA VAL H 121 29.14 33.67 -14.25
C VAL H 121 30.43 33.01 -13.81
N ASP H 122 30.53 32.79 -12.50
CA ASP H 122 31.57 32.00 -11.88
C ASP H 122 30.97 30.71 -11.36
N VAL H 123 31.66 29.59 -11.60
CA VAL H 123 31.20 28.28 -11.18
C VAL H 123 31.90 27.90 -9.88
N MET H 124 31.12 27.62 -8.84
CA MET H 124 31.64 27.20 -7.56
C MET H 124 31.22 25.76 -7.30
N LEU H 125 32.13 24.99 -6.67
CA LEU H 125 31.96 23.56 -6.46
C LEU H 125 32.05 23.23 -4.97
N PHE H 126 31.15 22.37 -4.52
CA PHE H 126 31.19 21.79 -3.18
C PHE H 126 31.36 20.28 -3.30
N VAL H 127 32.35 19.74 -2.62
CA VAL H 127 32.66 18.31 -2.65
C VAL H 127 33.13 17.87 -1.27
N ARG H 128 32.98 16.58 -1.00
CA ARG H 128 33.49 15.97 0.24
C ARG H 128 34.58 14.98 -0.16
N ASP H 129 35.83 15.40 0.00
CA ASP H 129 36.96 14.55 -0.36
C ASP H 129 37.08 13.38 0.63
N GLU H 130 37.41 12.21 0.08
CA GLU H 130 37.58 10.99 0.85
C GLU H 130 38.92 10.33 0.53
N ARG H 131 39.98 11.12 0.49
CA ARG H 131 41.29 10.59 0.13
C ARG H 131 41.81 9.65 1.22
N ASP H 132 42.01 10.16 2.43
CA ASP H 132 42.35 9.33 3.57
C ASP H 132 41.06 8.77 4.16
N GLY H 133 41.16 8.18 5.35
CA GLY H 133 39.98 7.67 6.02
C GLY H 133 38.99 8.76 6.40
N GLU H 134 39.48 9.98 6.59
CA GLU H 134 38.64 11.08 7.03
C GLU H 134 37.95 11.76 5.84
N SER H 135 36.76 12.29 6.09
CA SER H 135 35.95 12.94 5.06
C SER H 135 35.85 14.43 5.36
N THR H 136 36.28 15.26 4.41
CA THR H 136 36.40 16.68 4.60
C THR H 136 35.58 17.45 3.57
N PRO H 137 34.67 18.33 3.99
CA PRO H 137 33.99 19.21 3.05
C PRO H 137 34.92 20.30 2.54
N LEU H 138 34.64 20.79 1.32
CA LEU H 138 35.51 21.75 0.69
C LEU H 138 34.71 22.60 -0.30
N ALA H 139 35.27 23.76 -0.66
CA ALA H 139 34.67 24.65 -1.63
C ALA H 139 35.76 25.32 -2.45
N GLN H 140 35.55 25.42 -3.76
CA GLN H 140 36.55 25.97 -4.67
C GLN H 140 35.87 26.70 -5.82
N LEU H 141 36.63 27.56 -6.49
CA LEU H 141 36.21 28.22 -7.72
C LEU H 141 36.81 27.44 -8.87
N VAL H 142 35.95 26.96 -9.78
CA VAL H 142 36.41 26.09 -10.86
C VAL H 142 36.60 26.89 -12.14
N LEU H 143 35.56 27.57 -12.60
CA LEU H 143 35.61 28.32 -13.85
C LEU H 143 35.15 29.75 -13.64
N PRO H 144 36.04 30.73 -13.78
CA PRO H 144 35.61 32.13 -13.71
C PRO H 144 35.29 32.70 -15.09
N GLY H 145 34.40 33.68 -15.11
CA GLY H 145 34.07 34.42 -16.31
C GLY H 145 33.64 33.58 -17.49
N VAL H 146 32.49 32.94 -17.40
CA VAL H 146 31.97 32.06 -18.45
C VAL H 146 30.66 32.62 -18.95
N ARG H 147 30.55 32.76 -20.27
CA ARG H 147 29.32 33.28 -20.86
C ARG H 147 28.23 32.22 -20.87
N VAL H 148 27.00 32.65 -20.61
CA VAL H 148 25.84 31.78 -20.59
C VAL H 148 25.21 31.81 -21.98
N LEU H 149 25.11 30.65 -22.62
CA LEU H 149 24.49 30.58 -23.94
C LEU H 149 23.00 30.30 -23.87
N THR H 150 22.57 29.31 -23.08
CA THR H 150 21.14 29.04 -22.95
C THR H 150 20.80 28.89 -21.48
N TYR H 151 19.69 29.50 -21.06
CA TYR H 151 19.06 29.23 -19.77
C TYR H 151 17.61 28.86 -20.03
N GLY H 152 17.29 27.58 -19.90
CA GLY H 152 15.96 27.09 -20.18
C GLY H 152 15.66 26.94 -21.65
N GLU H 153 14.67 27.66 -22.15
CA GLU H 153 14.29 27.64 -23.55
C GLU H 153 14.77 28.87 -24.31
N ARG H 154 15.62 29.68 -23.70
CA ARG H 154 16.11 30.92 -24.30
C ARG H 154 17.54 30.74 -24.76
N ILE H 155 17.85 31.22 -25.96
CA ILE H 155 19.16 31.08 -26.57
C ILE H 155 19.70 32.46 -26.92
N ALA H 156 21.02 32.55 -27.03
CA ALA H 156 21.68 33.81 -27.34
C ALA H 156 21.55 34.13 -28.83
N VAL H 157 22.10 35.27 -29.23
CA VAL H 157 22.06 35.73 -30.61
C VAL H 157 23.48 35.74 -31.14
N GLY H 158 23.70 35.11 -32.30
CA GLY H 158 25.01 35.04 -32.91
C GLY H 158 25.23 36.10 -33.95
N SER H 159 26.29 35.92 -34.74
CA SER H 159 26.64 36.88 -35.78
C SER H 159 25.59 36.94 -36.88
N ASP H 160 24.78 35.90 -37.04
CA ASP H 160 23.72 35.93 -38.04
C ASP H 160 22.59 36.86 -37.65
N GLY H 161 22.52 37.30 -36.40
CA GLY H 161 21.47 38.17 -35.95
C GLY H 161 20.09 37.56 -35.94
N GLN H 162 19.98 36.28 -35.61
CA GLN H 162 18.71 35.57 -35.57
C GLN H 162 18.51 34.92 -34.22
N ASP H 163 17.29 34.99 -33.70
CA ASP H 163 16.93 34.38 -32.42
C ASP H 163 16.17 33.10 -32.67
N ARG H 164 16.62 32.02 -32.03
CA ARG H 164 16.08 30.68 -32.26
C ARG H 164 15.65 30.10 -30.91
N SER H 165 14.93 30.90 -30.13
CA SER H 165 14.42 30.49 -28.82
C SER H 165 13.11 29.77 -29.01
N ASN H 166 12.98 28.59 -28.39
CA ASN H 166 11.73 27.84 -28.46
C ASN H 166 10.64 28.57 -27.71
N GLN H 167 9.59 28.97 -28.43
CA GLN H 167 8.48 29.72 -27.86
C GLN H 167 7.29 28.77 -27.76
N GLU H 168 7.10 28.19 -26.58
CA GLU H 168 5.98 27.28 -26.33
C GLU H 168 5.16 27.80 -25.17
N LYS H 169 3.86 27.47 -25.19
CA LYS H 169 2.97 27.80 -24.08
C LYS H 169 3.11 26.77 -22.98
N ASP H 170 2.31 26.90 -21.92
CA ASP H 170 2.41 26.09 -20.71
C ASP H 170 3.85 26.11 -20.17
N PRO H 171 4.30 27.26 -19.68
CA PRO H 171 5.70 27.36 -19.23
C PRO H 171 6.01 26.40 -18.09
N ARG H 172 7.20 25.84 -18.12
CA ARG H 172 7.70 24.90 -17.14
C ARG H 172 9.00 25.41 -16.56
N PRO H 173 9.29 25.12 -15.29
CA PRO H 173 10.52 25.61 -14.69
C PRO H 173 11.73 25.10 -15.46
N PRO H 174 12.75 25.95 -15.65
CA PRO H 174 13.94 25.54 -16.38
C PRO H 174 14.70 24.43 -15.66
N ARG H 175 15.33 23.56 -16.43
CA ARG H 175 16.07 22.43 -15.88
C ARG H 175 17.50 22.31 -16.38
N THR H 176 17.88 23.02 -17.44
CA THR H 176 19.22 22.91 -18.00
C THR H 176 19.75 24.28 -18.40
N ALA H 177 21.07 24.43 -18.34
CA ALA H 177 21.75 25.61 -18.81
C ALA H 177 23.02 25.21 -19.56
N VAL H 178 23.24 25.85 -20.70
CA VAL H 178 24.39 25.57 -21.56
C VAL H 178 25.30 26.78 -21.58
N LEU H 179 26.58 26.54 -21.31
CA LEU H 179 27.61 27.57 -21.18
C LEU H 179 28.63 27.43 -22.29
N ALA H 180 29.39 28.51 -22.52
CA ALA H 180 30.49 28.51 -23.48
C ALA H 180 31.80 28.35 -22.71
N VAL H 181 32.45 27.22 -22.91
CA VAL H 181 33.61 26.82 -22.11
C VAL H 181 34.84 26.81 -23.02
N PRO H 182 36.00 27.27 -22.56
CA PRO H 182 37.22 27.06 -23.34
C PRO H 182 37.56 25.59 -23.43
N GLU H 183 38.40 25.24 -24.41
CA GLU H 183 38.71 23.83 -24.65
C GLU H 183 39.40 23.19 -23.46
N ASP H 184 40.29 23.92 -22.78
CA ASP H 184 41.08 23.32 -21.72
C ASP H 184 40.25 23.02 -20.47
N GLY H 185 39.02 23.53 -20.39
CA GLY H 185 38.23 23.37 -19.20
C GLY H 185 37.06 22.41 -19.31
N VAL H 186 36.81 21.89 -20.51
CA VAL H 186 35.65 21.04 -20.72
C VAL H 186 35.69 19.81 -19.82
N ALA H 187 36.88 19.23 -19.63
CA ALA H 187 36.99 18.13 -18.68
C ALA H 187 36.74 18.61 -17.25
N ARG H 188 37.30 19.76 -16.88
CA ARG H 188 37.21 20.23 -15.51
C ARG H 188 35.77 20.45 -15.08
N LEU H 189 34.94 20.99 -15.97
CA LEU H 189 33.52 21.11 -15.67
C LEU H 189 32.89 19.75 -15.43
N MET H 190 33.19 18.77 -16.29
CA MET H 190 32.53 17.47 -16.21
C MET H 190 32.73 16.84 -14.84
N LEU H 191 33.98 16.77 -14.38
CA LEU H 191 34.26 16.29 -13.04
C LEU H 191 33.42 17.03 -12.01
N ALA H 192 33.44 18.37 -12.08
CA ALA H 192 32.74 19.17 -11.09
C ALA H 192 31.24 18.91 -11.12
N SER H 193 30.73 18.48 -12.29
CA SER H 193 29.29 18.25 -12.40
C SER H 193 28.89 16.97 -11.70
N GLN H 194 29.81 16.01 -11.58
CA GLN H 194 29.43 14.70 -11.05
C GLN H 194 30.08 14.39 -9.72
N ALA H 195 31.20 15.03 -9.39
CA ALA H 195 31.86 14.78 -8.12
C ALA H 195 31.18 15.49 -6.95
N GLY H 196 30.39 16.52 -7.23
CA GLY H 196 29.77 17.26 -6.15
C GLY H 196 28.67 18.17 -6.67
N SER H 197 28.40 19.22 -5.89
CA SER H 197 27.35 20.17 -6.24
C SER H 197 27.95 21.46 -6.80
N LEU H 198 27.17 22.14 -7.63
CA LEU H 198 27.62 23.32 -8.35
C LEU H 198 26.70 24.50 -8.04
N ARG H 199 27.25 25.70 -8.11
CA ARG H 199 26.45 26.92 -8.01
C ARG H 199 27.06 28.01 -8.86
N LEU H 200 26.23 28.98 -9.24
CA LEU H 200 26.61 30.05 -10.16
C LEU H 200 26.57 31.39 -9.44
N ALA H 201 27.62 32.19 -9.62
CA ALA H 201 27.70 33.54 -9.07
C ALA H 201 27.80 34.54 -10.21
N ILE H 202 26.87 35.49 -10.27
CA ILE H 202 26.81 36.42 -11.38
C ILE H 202 27.83 37.54 -11.20
N ARG H 203 28.31 38.07 -12.32
CA ARG H 203 29.26 39.18 -12.34
C ARG H 203 28.57 40.44 -12.85
N SER H 204 29.12 41.59 -12.46
CA SER H 204 28.47 42.87 -12.73
C SER H 204 28.54 43.24 -14.21
N LYS H 205 27.56 44.02 -14.64
CA LYS H 205 27.53 44.54 -16.00
C LYS H 205 28.54 45.65 -16.22
N ASP H 206 29.00 46.31 -15.15
CA ASP H 206 29.94 47.41 -15.28
C ASP H 206 31.35 46.95 -15.63
N GLU H 207 31.67 45.67 -15.47
CA GLU H 207 32.97 45.15 -15.90
C GLU H 207 33.10 45.12 -17.42
N GLU H 208 31.98 45.10 -18.14
CA GLU H 208 31.96 45.15 -19.60
C GLU H 208 32.80 44.02 -20.20
N LEU H 209 32.59 42.81 -19.68
CA LEU H 209 33.26 41.64 -20.24
C LEU H 209 32.76 41.36 -21.66
N TYR H 210 31.51 41.69 -21.96
CA TYR H 210 30.97 41.47 -23.29
C TYR H 210 31.73 42.29 -24.33
N ARG H 211 31.84 43.60 -24.10
CA ARG H 211 32.54 44.46 -25.05
C ARG H 211 34.00 44.06 -25.18
N ARG H 212 34.63 43.64 -24.08
CA ARG H 212 36.01 43.17 -24.14
C ARG H 212 36.12 41.89 -24.97
N GLU H 213 35.10 41.04 -24.92
CA GLU H 213 35.13 39.81 -25.71
C GLU H 213 34.85 40.07 -27.18
N GLN H 214 34.06 41.10 -27.50
CA GLN H 214 33.87 41.46 -28.90
C GLN H 214 35.07 42.24 -29.43
N GLU H 215 36.02 42.55 -28.55
CA GLU H 215 37.25 43.26 -28.90
C GLU H 215 36.95 44.59 -29.57
N SER H 227 41.31 29.38 -7.38
CA SER H 227 41.63 29.85 -6.04
C SER H 227 41.94 28.68 -5.12
N ALA H 228 42.61 28.97 -4.00
CA ALA H 228 42.92 27.93 -3.03
C ALA H 228 41.64 27.42 -2.38
N ALA H 229 41.61 26.11 -2.14
CA ALA H 229 40.42 25.48 -1.59
C ALA H 229 40.26 25.81 -0.11
N LEU H 230 39.01 26.02 0.29
CA LEU H 230 38.66 26.44 1.65
C LEU H 230 37.99 25.29 2.39
N SER H 231 38.50 24.97 3.58
CA SER H 231 37.99 23.89 4.39
C SER H 231 37.22 24.43 5.58
N LEU H 232 36.48 23.53 6.23
CA LEU H 232 35.71 23.89 7.42
C LEU H 232 36.60 24.26 8.60
N ASP H 233 37.85 23.78 8.63
CA ASP H 233 38.77 24.17 9.69
C ASP H 233 39.12 25.65 9.60
N GLN H 234 39.32 26.16 8.39
CA GLN H 234 39.66 27.57 8.23
C GLN H 234 38.44 28.47 8.42
N LEU H 235 37.24 27.96 8.10
CA LEU H 235 36.03 28.76 8.29
C LEU H 235 35.71 28.89 9.78
N LEU H 236 35.83 27.80 10.54
CA LEU H 236 35.50 27.79 11.95
C LEU H 236 36.73 28.17 12.75
N GLU H 237 36.78 29.44 13.17
CA GLU H 237 37.83 30.01 14.02
C GLU H 237 39.22 29.38 13.82
N LYS I 25 2.69 46.58 -44.95
CA LYS I 25 3.69 45.52 -45.06
C LYS I 25 5.15 46.04 -45.12
N PRO I 26 5.51 47.00 -44.24
CA PRO I 26 6.85 47.59 -44.32
C PRO I 26 7.86 46.90 -43.41
N VAL I 27 9.13 46.89 -43.82
CA VAL I 27 10.21 46.27 -43.06
C VAL I 27 11.43 47.16 -43.15
N LEU I 28 12.11 47.30 -42.02
CA LEU I 28 13.32 48.11 -41.90
C LEU I 28 14.52 47.31 -42.36
N VAL I 29 15.44 47.98 -43.05
CA VAL I 29 16.61 47.34 -43.63
C VAL I 29 17.81 48.25 -43.41
N ALA I 30 18.97 47.64 -43.13
CA ALA I 30 20.20 48.39 -42.96
C ALA I 30 20.69 48.87 -44.33
N SER I 31 20.88 50.19 -44.48
CA SER I 31 21.30 50.73 -45.76
C SER I 31 22.79 50.50 -46.00
N ARG I 32 23.61 50.60 -44.96
CA ARG I 32 25.04 50.39 -45.06
C ARG I 32 25.49 49.40 -43.98
N ASP I 33 26.77 49.07 -43.97
CA ASP I 33 27.32 48.19 -42.96
C ASP I 33 27.30 48.87 -41.60
N LEU I 34 26.74 48.20 -40.60
CA LEU I 34 26.70 48.71 -39.25
C LEU I 34 27.66 47.94 -38.37
N PRO I 35 28.74 48.55 -37.89
CA PRO I 35 29.69 47.82 -37.05
C PRO I 35 29.12 47.55 -35.67
N ALA I 36 29.83 46.71 -34.93
CA ALA I 36 29.40 46.34 -33.59
C ALA I 36 29.45 47.54 -32.65
N LEU I 37 28.46 47.61 -31.77
CA LEU I 37 28.35 48.66 -30.75
C LEU I 37 28.32 50.05 -31.40
N ALA I 38 27.28 50.25 -32.20
CA ALA I 38 27.10 51.51 -32.91
C ALA I 38 25.65 51.95 -32.75
N VAL I 39 25.45 53.23 -32.49
CA VAL I 39 24.10 53.79 -32.36
C VAL I 39 23.51 53.90 -33.76
N ILE I 40 22.20 54.06 -33.83
CA ILE I 40 21.46 53.98 -35.09
C ILE I 40 20.90 55.35 -35.42
N GLY I 41 21.24 55.86 -36.62
CA GLY I 41 20.71 57.10 -37.11
C GLY I 41 19.74 56.90 -38.27
N ARG I 42 19.32 58.03 -38.86
CA ARG I 42 18.39 58.00 -39.98
C ARG I 42 19.05 57.55 -41.28
N ASP I 43 20.35 57.79 -41.44
CA ASP I 43 21.02 57.41 -42.68
C ASP I 43 21.19 55.90 -42.79
N ASP I 44 21.19 55.20 -41.65
CA ASP I 44 21.47 53.77 -41.66
C ASP I 44 20.26 52.95 -42.12
N LEU I 45 19.05 53.47 -41.92
CA LEU I 45 17.84 52.70 -42.18
C LEU I 45 17.24 53.00 -43.55
N SER I 46 16.47 52.03 -44.04
CA SER I 46 15.65 52.16 -45.23
C SER I 46 14.38 51.35 -44.99
N VAL I 47 13.30 51.74 -45.68
CA VAL I 47 12.01 51.06 -45.56
C VAL I 47 11.73 50.36 -46.87
N GLU I 48 11.42 49.06 -46.79
CA GLU I 48 11.08 48.28 -47.96
C GLU I 48 9.78 47.52 -47.74
N LEU I 49 8.94 47.49 -48.77
CA LEU I 49 7.62 46.86 -48.68
C LEU I 49 7.77 45.42 -49.12
N LEU I 50 7.49 44.49 -48.21
CA LEU I 50 7.64 43.07 -48.46
C LEU I 50 6.31 42.35 -48.22
N ARG I 51 6.08 41.30 -49.00
CA ARG I 51 4.80 40.60 -48.93
C ARG I 51 4.56 40.02 -47.54
N THR I 52 5.59 39.45 -46.93
CA THR I 52 5.50 38.91 -45.58
C THR I 52 6.60 39.50 -44.71
N ALA I 53 6.25 39.83 -43.47
CA ALA I 53 7.16 40.45 -42.52
C ALA I 53 7.55 39.44 -41.45
N PRO I 54 8.85 39.18 -41.27
CA PRO I 54 9.26 38.17 -40.28
C PRO I 54 9.00 38.62 -38.86
N VAL I 55 8.98 37.64 -37.95
CA VAL I 55 8.84 37.95 -36.53
C VAL I 55 10.09 38.65 -36.05
N GLY I 56 9.90 39.76 -35.35
CA GLY I 56 11.00 40.59 -34.88
C GLY I 56 11.26 41.82 -35.72
N SER I 57 10.58 41.95 -36.86
CA SER I 57 10.79 43.11 -37.72
C SER I 57 10.12 44.35 -37.12
N TYR I 58 10.63 45.51 -37.50
CA TYR I 58 10.14 46.79 -37.02
C TYR I 58 9.58 47.58 -38.20
N ASP I 59 8.44 48.24 -37.98
CA ASP I 59 7.73 48.90 -39.08
C ASP I 59 8.14 50.36 -39.24
N ARG I 60 8.12 51.14 -38.16
CA ARG I 60 8.45 52.56 -38.30
C ARG I 60 9.93 52.80 -38.06
N PRO I 61 10.52 53.76 -38.78
CA PRO I 61 11.93 54.10 -38.52
C PRO I 61 12.18 54.61 -37.11
N GLU I 62 11.20 55.31 -36.53
CA GLU I 62 11.38 55.91 -35.21
C GLU I 62 11.51 54.87 -34.11
N ALA I 63 11.15 53.61 -34.39
CA ALA I 63 11.22 52.59 -33.37
C ALA I 63 12.64 52.11 -33.11
N LEU I 64 13.60 52.55 -33.93
CA LEU I 64 14.98 52.09 -33.79
C LEU I 64 16.00 53.21 -33.68
N LEU I 65 15.59 54.48 -33.76
CA LEU I 65 16.54 55.57 -33.61
C LEU I 65 16.96 55.70 -32.15
N GLY I 66 18.28 55.73 -31.92
CA GLY I 66 18.84 55.84 -30.60
C GLY I 66 19.30 54.53 -30.00
N LYS I 67 18.82 53.40 -30.52
CA LYS I 67 19.23 52.11 -29.99
C LYS I 67 20.61 51.73 -30.52
N ARG I 68 21.16 50.66 -29.95
CA ARG I 68 22.52 50.22 -30.25
C ARG I 68 22.48 48.77 -30.70
N VAL I 69 23.17 48.47 -31.80
CA VAL I 69 23.29 47.09 -32.26
C VAL I 69 24.45 46.43 -31.52
N TRP I 70 24.29 45.14 -31.21
CA TRP I 70 25.28 44.42 -30.43
C TRP I 70 26.00 43.34 -31.23
N VAL I 71 25.65 43.15 -32.50
CA VAL I 71 26.42 42.33 -33.42
C VAL I 71 26.50 43.07 -34.75
N ALA I 72 27.49 42.71 -35.56
CA ALA I 72 27.66 43.34 -36.86
C ALA I 72 26.48 42.99 -37.77
N VAL I 73 25.98 43.99 -38.49
CA VAL I 73 24.85 43.84 -39.39
C VAL I 73 25.32 44.21 -40.80
N PRO I 74 25.46 43.23 -41.70
CA PRO I 74 25.85 43.55 -43.08
C PRO I 74 24.75 44.31 -43.82
N ALA I 75 25.15 44.95 -44.91
CA ALA I 75 24.26 45.83 -45.66
C ALA I 75 23.11 45.06 -46.30
N GLY I 76 21.95 45.69 -46.33
CA GLY I 76 20.76 45.11 -46.91
C GLY I 76 20.02 44.12 -46.03
N SER I 77 20.48 43.91 -44.80
CA SER I 77 19.90 42.88 -43.95
C SER I 77 18.64 43.39 -43.26
N ILE I 78 17.67 42.49 -43.07
CA ILE I 78 16.49 42.82 -42.28
C ILE I 78 16.90 42.93 -40.82
N LEU I 79 16.49 44.02 -40.18
CA LEU I 79 16.92 44.36 -38.83
C LEU I 79 15.97 43.71 -37.82
N SER I 80 16.48 42.73 -37.07
CA SER I 80 15.73 42.07 -36.03
C SER I 80 16.71 41.27 -35.17
N ALA I 81 16.48 41.28 -33.86
CA ALA I 81 17.18 40.43 -32.90
C ALA I 81 18.63 40.86 -32.69
N ALA I 82 19.10 41.83 -33.48
CA ALA I 82 20.40 42.42 -33.23
C ALA I 82 20.30 43.64 -32.33
N THR I 83 19.10 44.18 -32.15
CA THR I 83 18.88 45.31 -31.28
C THR I 83 18.74 44.89 -29.82
N LEU I 84 18.41 43.62 -29.56
CA LEU I 84 18.20 43.16 -28.20
C LEU I 84 19.51 43.13 -27.43
N GLU I 85 19.45 43.58 -26.18
CA GLU I 85 20.59 43.70 -25.28
C GLU I 85 20.85 42.39 -24.55
N PRO I 86 22.06 41.84 -24.65
CA PRO I 86 22.39 40.68 -23.82
C PRO I 86 22.48 41.06 -22.35
N GLY I 87 22.25 40.08 -21.50
CA GLY I 87 22.37 40.25 -20.06
C GLY I 87 21.05 40.05 -19.33
N GLY I 88 21.14 40.08 -18.01
CA GLY I 88 20.00 39.95 -17.15
C GLY I 88 19.93 41.08 -16.13
N PRO I 89 18.87 41.08 -15.31
CA PRO I 89 18.70 42.18 -14.34
C PRO I 89 19.64 42.10 -13.16
N LEU I 90 19.97 40.90 -12.67
CA LEU I 90 20.84 40.79 -11.49
C LEU I 90 22.20 41.44 -11.71
N ALA I 91 22.72 41.37 -12.94
CA ALA I 91 24.03 41.97 -13.23
C ALA I 91 23.99 43.49 -13.17
N ARG I 92 22.82 44.10 -13.11
CA ARG I 92 22.68 45.55 -13.09
C ARG I 92 22.59 46.12 -11.68
N THR I 93 22.66 45.30 -10.65
CA THR I 93 22.39 45.73 -9.28
C THR I 93 23.60 45.57 -8.35
N ILE I 94 24.75 45.18 -8.88
CA ILE I 94 25.94 44.95 -8.09
C ILE I 94 27.08 45.81 -8.61
N ARG I 95 28.24 45.68 -7.96
CA ARG I 95 29.44 46.44 -8.28
C ARG I 95 30.54 45.48 -8.71
N PRO I 96 31.62 45.97 -9.34
CA PRO I 96 32.67 45.05 -9.81
C PRO I 96 33.35 44.25 -8.72
N ASP I 97 33.27 44.67 -7.46
CA ASP I 97 33.90 43.93 -6.37
C ASP I 97 32.91 43.03 -5.64
N GLU I 98 31.76 42.75 -6.25
CA GLU I 98 30.72 41.93 -5.62
C GLU I 98 30.25 40.86 -6.59
N ARG I 99 29.56 39.88 -6.04
CA ARG I 99 28.89 38.84 -6.81
C ARG I 99 27.47 38.68 -6.28
N ALA I 100 26.61 38.05 -7.08
CA ALA I 100 25.24 37.77 -6.69
C ALA I 100 25.09 36.25 -6.56
N MET I 101 24.66 35.79 -5.39
CA MET I 101 24.52 34.36 -5.15
C MET I 101 23.22 34.07 -4.42
N ALA I 102 22.65 32.90 -4.66
CA ALA I 102 21.36 32.55 -4.08
C ALA I 102 21.50 31.47 -3.02
N ILE I 103 20.62 31.52 -2.02
CA ILE I 103 20.56 30.54 -0.94
C ILE I 103 19.12 30.09 -0.77
N ALA I 104 18.96 28.94 -0.12
CA ALA I 104 17.64 28.39 0.14
C ALA I 104 17.03 29.01 1.39
N VAL I 105 15.73 29.29 1.34
CA VAL I 105 15.07 30.07 2.39
C VAL I 105 13.74 29.41 2.76
N ASP I 106 13.41 29.47 4.04
CA ASP I 106 12.06 29.14 4.51
C ASP I 106 11.57 30.26 5.42
N GLU I 107 10.45 30.04 6.10
CA GLU I 107 9.90 31.09 6.96
C GLU I 107 10.73 31.29 8.22
N VAL I 108 11.56 30.31 8.58
CA VAL I 108 12.40 30.47 9.77
C VAL I 108 13.72 31.13 9.41
N VAL I 109 14.29 30.79 8.25
CA VAL I 109 15.55 31.38 7.84
C VAL I 109 15.39 32.89 7.62
N GLY I 110 14.37 33.27 6.84
CA GLY I 110 14.03 34.66 6.66
C GLY I 110 12.86 35.00 7.58
N GLY I 111 13.07 35.99 8.44
CA GLY I 111 12.21 36.20 9.58
C GLY I 111 10.74 36.40 9.27
N GLY I 112 9.93 35.39 9.57
CA GLY I 112 8.49 35.45 9.44
C GLY I 112 7.96 35.91 8.09
N GLY I 113 8.77 35.77 7.05
CA GLY I 113 8.40 36.33 5.76
C GLY I 113 8.24 37.82 5.77
N PHE I 114 9.08 38.53 6.52
CA PHE I 114 9.02 39.98 6.62
C PHE I 114 10.28 40.65 6.06
N VAL I 115 11.05 39.93 5.26
CA VAL I 115 12.27 40.44 4.66
C VAL I 115 11.97 40.87 3.24
N LEU I 116 12.37 42.08 2.90
CA LEU I 116 12.16 42.67 1.59
C LEU I 116 13.50 43.03 0.94
N PRO I 117 13.55 43.13 -0.38
CA PRO I 117 14.77 43.63 -1.03
C PRO I 117 15.11 45.04 -0.55
N GLY I 118 16.40 45.30 -0.41
CA GLY I 118 16.85 46.56 0.14
C GLY I 118 17.17 46.52 1.62
N ASP I 119 17.23 45.34 2.21
CA ASP I 119 17.53 45.16 3.63
C ASP I 119 18.97 44.73 3.79
N TYR I 120 19.40 44.62 5.05
CA TYR I 120 20.75 44.19 5.38
C TYR I 120 20.67 43.11 6.43
N VAL I 121 21.38 42.00 6.21
CA VAL I 121 21.25 40.81 7.05
C VAL I 121 22.62 40.31 7.46
N ASP I 122 22.66 39.62 8.59
CA ASP I 122 23.80 38.85 9.05
C ASP I 122 23.49 37.37 8.88
N VAL I 123 24.47 36.62 8.38
CA VAL I 123 24.31 35.19 8.14
C VAL I 123 24.95 34.43 9.27
N MET I 124 24.17 33.53 9.89
CA MET I 124 24.64 32.70 11.00
C MET I 124 24.56 31.23 10.59
N LEU I 125 25.51 30.45 11.10
CA LEU I 125 25.67 29.05 10.71
C LEU I 125 25.65 28.14 11.94
N PHE I 126 24.91 27.04 11.83
CA PHE I 126 24.95 25.95 12.80
C PHE I 126 25.50 24.72 12.10
N VAL I 127 26.57 24.15 12.64
CA VAL I 127 27.19 22.96 12.08
C VAL I 127 27.60 22.03 13.22
N ARG I 128 27.70 20.75 12.90
CA ARG I 128 28.13 19.72 13.85
C ARG I 128 29.50 19.21 13.40
N ASP I 129 30.55 19.71 14.05
CA ASP I 129 31.91 19.31 13.71
C ASP I 129 32.16 17.87 14.13
N GLU I 130 32.81 17.11 13.26
CA GLU I 130 33.03 15.68 13.46
C GLU I 130 34.49 15.32 13.25
N ARG I 131 35.38 16.10 13.87
CA ARG I 131 36.81 15.80 13.87
C ARG I 131 37.13 14.91 15.07
N ASP I 132 37.69 13.74 14.80
CA ASP I 132 38.00 12.72 15.81
C ASP I 132 36.67 12.29 16.43
N GLY I 133 36.52 12.35 17.75
CA GLY I 133 35.23 12.12 18.38
C GLY I 133 34.94 13.17 19.43
N GLU I 134 33.76 13.79 19.37
CA GLU I 134 32.70 13.41 18.45
C GLU I 134 31.95 14.66 18.00
N SER I 135 30.73 14.45 17.49
CA SER I 135 29.90 15.56 17.00
C SER I 135 29.77 16.63 18.07
N THR I 136 30.29 17.81 17.78
CA THR I 136 30.21 18.96 18.68
C THR I 136 29.41 20.06 18.00
N PRO I 137 28.26 20.46 18.52
CA PRO I 137 27.51 21.56 17.91
C PRO I 137 28.26 22.90 18.04
N LEU I 138 28.07 23.76 17.06
CA LEU I 138 28.72 25.06 17.05
C LEU I 138 27.80 26.10 16.39
N ALA I 139 28.04 27.36 16.71
CA ALA I 139 27.32 28.48 16.10
C ALA I 139 28.31 29.62 15.85
N GLN I 140 28.20 30.25 14.69
CA GLN I 140 29.18 31.25 14.29
C GLN I 140 28.55 32.19 13.25
N LEU I 141 29.03 33.44 13.27
CA LEU I 141 28.64 34.44 12.28
C LEU I 141 29.62 34.38 11.12
N VAL I 142 29.09 34.20 9.90
CA VAL I 142 29.96 34.01 8.74
C VAL I 142 30.08 35.31 7.93
N LEU I 143 28.96 35.97 7.66
CA LEU I 143 28.97 37.16 6.83
C LEU I 143 28.12 38.26 7.45
N PRO I 144 28.71 39.42 7.77
CA PRO I 144 27.93 40.53 8.32
C PRO I 144 27.48 41.53 7.26
N GLY I 145 26.28 42.09 7.42
CA GLY I 145 25.85 43.23 6.64
C GLY I 145 25.73 43.01 5.15
N VAL I 146 25.13 41.90 4.74
CA VAL I 146 24.93 41.64 3.33
C VAL I 146 23.61 42.23 2.88
N ARG I 147 23.59 42.79 1.67
CA ARG I 147 22.40 43.42 1.10
C ARG I 147 21.59 42.39 0.34
N VAL I 148 20.29 42.35 0.61
CA VAL I 148 19.38 41.42 -0.03
C VAL I 148 18.97 41.99 -1.38
N LEU I 149 19.17 41.22 -2.44
CA LEU I 149 18.79 41.66 -3.78
C LEU I 149 17.43 41.14 -4.20
N THR I 150 17.15 39.85 -3.98
CA THR I 150 15.83 39.31 -4.30
C THR I 150 15.36 38.42 -3.15
N TYR I 151 14.04 38.42 -2.93
CA TYR I 151 13.40 37.53 -1.96
C TYR I 151 12.15 36.93 -2.60
N GLY I 152 12.32 35.76 -3.24
CA GLY I 152 11.20 35.00 -3.75
C GLY I 152 10.27 35.73 -4.69
N GLU I 153 10.76 36.05 -5.89
CA GLU I 153 10.03 36.71 -6.97
C GLU I 153 9.87 38.21 -6.74
N ARG I 154 10.64 38.81 -5.84
CA ARG I 154 10.61 40.24 -5.61
C ARG I 154 11.99 40.81 -5.90
N ILE I 155 12.07 41.73 -6.85
CA ILE I 155 13.33 42.30 -7.29
C ILE I 155 13.18 43.80 -7.47
N ALA I 156 14.21 44.54 -7.07
CA ALA I 156 14.18 46.00 -7.07
C ALA I 156 14.39 46.57 -8.48
N VAL I 157 15.53 46.27 -9.08
CA VAL I 157 15.86 46.81 -10.39
C VAL I 157 16.61 45.78 -11.23
N PRO I 171 1.09 34.19 -4.58
CA PRO I 171 0.42 33.35 -3.58
C PRO I 171 1.21 32.07 -3.26
N ARG I 172 2.43 31.98 -3.80
CA ARG I 172 3.29 30.84 -3.54
C ARG I 172 4.38 31.19 -2.54
N PRO I 173 4.68 30.31 -1.60
CA PRO I 173 5.72 30.59 -0.62
C PRO I 173 7.07 30.80 -1.28
N PRO I 174 7.86 31.77 -0.81
CA PRO I 174 9.21 31.96 -1.33
C PRO I 174 10.08 30.74 -1.05
N ARG I 175 10.98 30.43 -1.99
CA ARG I 175 11.88 29.31 -1.84
C ARG I 175 13.36 29.69 -1.85
N THR I 176 13.73 30.84 -2.43
CA THR I 176 15.12 31.25 -2.49
C THR I 176 15.22 32.75 -2.26
N ALA I 177 16.43 33.17 -1.89
CA ALA I 177 16.78 34.58 -1.79
C ALA I 177 18.15 34.79 -2.40
N VAL I 178 18.33 35.93 -3.07
CA VAL I 178 19.57 36.26 -3.76
C VAL I 178 20.21 37.45 -3.06
N LEU I 179 21.48 37.29 -2.69
CA LEU I 179 22.25 38.24 -1.89
C LEU I 179 23.45 38.72 -2.70
N ALA I 180 23.97 39.88 -2.27
CA ALA I 180 25.14 40.51 -2.88
C ALA I 180 26.33 40.30 -1.95
N VAL I 181 27.21 39.38 -2.32
CA VAL I 181 28.32 38.96 -1.47
C VAL I 181 29.61 39.62 -1.95
N PRO I 182 30.52 39.98 -1.04
CA PRO I 182 31.85 40.41 -1.47
C PRO I 182 32.60 39.26 -2.14
N GLU I 183 33.54 39.63 -3.01
CA GLU I 183 34.22 38.65 -3.85
C GLU I 183 35.11 37.71 -3.06
N ASP I 184 35.50 38.07 -1.85
CA ASP I 184 36.36 37.23 -1.03
C ASP I 184 35.59 36.24 -0.16
N GLY I 185 34.26 36.34 -0.12
CA GLY I 185 33.46 35.51 0.75
C GLY I 185 32.59 34.47 0.08
N VAL I 186 32.47 34.49 -1.25
CA VAL I 186 31.51 33.63 -1.93
C VAL I 186 31.74 32.16 -1.56
N ALA I 187 32.97 31.68 -1.73
CA ALA I 187 33.27 30.31 -1.36
C ALA I 187 32.90 30.03 0.08
N ARG I 188 33.28 30.96 0.99
CA ARG I 188 32.84 30.87 2.38
C ARG I 188 31.36 30.54 2.47
N LEU I 189 30.50 31.39 1.89
CA LEU I 189 29.07 31.17 1.99
C LEU I 189 28.69 29.79 1.48
N MET I 190 29.28 29.38 0.34
CA MET I 190 28.96 28.07 -0.22
C MET I 190 29.14 26.98 0.82
N LEU I 191 30.30 26.98 1.50
CA LEU I 191 30.54 25.96 2.52
C LEU I 191 29.45 26.00 3.58
N ALA I 192 29.14 27.19 4.09
CA ALA I 192 28.16 27.30 5.16
C ALA I 192 26.78 26.87 4.69
N SER I 193 26.53 26.94 3.38
CA SER I 193 25.22 26.55 2.86
C SER I 193 25.09 25.04 2.80
N GLN I 194 26.21 24.34 2.67
CA GLN I 194 26.13 22.89 2.45
C GLN I 194 26.60 22.11 3.66
N ALA I 195 27.45 22.70 4.50
CA ALA I 195 27.95 22.00 5.67
C ALA I 195 26.93 21.92 6.80
N GLY I 196 26.08 22.94 6.95
CA GLY I 196 25.14 22.99 8.05
C GLY I 196 23.89 23.75 7.69
N SER I 197 23.37 24.51 8.64
CA SER I 197 22.13 25.27 8.46
C SER I 197 22.42 26.76 8.63
N LEU I 198 21.68 27.57 7.88
CA LEU I 198 21.87 29.02 7.85
C LEU I 198 20.64 29.72 8.40
N ARG I 199 20.86 30.88 9.01
CA ARG I 199 19.79 31.76 9.44
C ARG I 199 20.18 33.21 9.21
N LEU I 200 19.18 34.07 9.08
CA LEU I 200 19.37 35.49 8.79
C LEU I 200 18.92 36.32 9.99
N ALA I 201 19.74 37.30 10.37
CA ALA I 201 19.40 38.26 11.41
C ALA I 201 19.31 39.65 10.78
N ILE I 202 18.18 40.32 10.95
CA ILE I 202 17.94 41.59 10.29
C ILE I 202 18.53 42.73 11.12
N ARG I 203 19.20 43.66 10.44
CA ARG I 203 19.80 44.82 11.06
C ARG I 203 18.87 46.02 10.99
N SER I 204 19.15 47.02 11.81
CA SER I 204 18.26 48.16 11.95
C SER I 204 18.40 49.13 10.77
N LYS I 205 17.31 49.83 10.48
CA LYS I 205 17.32 50.88 9.47
C LYS I 205 18.00 52.15 9.94
N ASP I 206 18.15 52.35 11.24
CA ASP I 206 18.76 53.54 11.79
C ASP I 206 20.29 53.48 11.80
N GLU I 207 20.87 52.36 11.36
CA GLU I 207 22.32 52.26 11.24
C GLU I 207 22.84 52.92 9.97
N GLU I 208 21.97 53.20 9.01
CA GLU I 208 22.33 53.89 7.77
C GLU I 208 23.44 53.15 7.02
N LEU I 209 23.20 51.86 6.75
CA LEU I 209 24.17 51.05 6.03
C LEU I 209 24.12 51.24 4.52
N TYR I 210 23.06 51.86 4.00
CA TYR I 210 23.03 52.16 2.57
C TYR I 210 23.90 53.36 2.24
N ARG I 211 23.86 54.39 3.09
CA ARG I 211 24.62 55.61 2.82
C ARG I 211 26.11 55.36 2.85
N ARG I 212 26.59 54.51 3.77
CA ARG I 212 28.00 54.18 3.80
C ARG I 212 28.40 53.40 2.55
N GLU I 213 27.45 52.65 1.98
CA GLU I 213 27.73 51.94 0.73
C GLU I 213 27.81 52.90 -0.44
N GLN I 214 26.93 53.89 -0.48
CA GLN I 214 26.95 54.86 -1.57
C GLN I 214 28.04 55.90 -1.38
N GLU I 215 28.72 55.85 -0.24
CA GLU I 215 29.86 56.73 0.01
C GLU I 215 31.10 55.92 0.36
N SER I 227 34.14 36.97 18.39
CA SER I 227 34.30 36.49 17.02
C SER I 227 34.44 34.97 16.98
N ALA I 228 34.86 34.39 18.11
CA ALA I 228 35.05 32.96 18.19
C ALA I 228 33.70 32.24 18.17
N ALA I 229 33.72 31.00 17.69
CA ALA I 229 32.52 30.19 17.67
C ALA I 229 32.10 29.81 19.09
N LEU I 230 30.79 29.64 19.27
CA LEU I 230 30.21 29.29 20.56
C LEU I 230 29.80 27.82 20.54
N SER I 231 30.25 27.07 21.53
CA SER I 231 29.95 25.66 21.66
C SER I 231 28.96 25.43 22.80
N LEU I 232 28.51 24.18 22.92
CA LEU I 232 27.57 23.83 23.97
C LEU I 232 28.19 23.91 25.36
N ASP I 233 29.50 23.73 25.46
CA ASP I 233 30.17 23.84 26.76
C ASP I 233 30.08 25.25 27.31
N GLN I 234 30.24 26.26 26.45
CA GLN I 234 30.19 27.64 26.90
C GLN I 234 28.76 28.05 27.26
N LEU I 235 27.76 27.44 26.62
CA LEU I 235 26.38 27.80 26.91
C LEU I 235 25.88 27.09 28.17
N LEU I 236 26.08 25.78 28.26
CA LEU I 236 25.56 25.02 29.39
C LEU I 236 26.27 25.39 30.68
N GLU I 237 27.58 25.55 30.63
CA GLU I 237 28.36 25.87 31.82
C GLU I 237 29.45 26.90 31.51
N GLU J 23 -5.18 74.11 4.76
CA GLU J 23 -5.50 75.53 4.88
C GLU J 23 -4.29 76.38 4.52
N ARG J 24 -3.21 76.26 5.30
CA ARG J 24 -2.07 77.14 5.08
C ARG J 24 -0.93 76.46 4.34
N LYS J 25 -0.85 75.14 4.33
CA LYS J 25 0.27 74.49 3.67
C LYS J 25 -0.18 73.25 2.90
N PRO J 26 0.46 72.99 1.74
CA PRO J 26 0.11 71.79 0.97
C PRO J 26 0.99 70.60 1.29
N VAL J 27 0.42 69.41 1.27
CA VAL J 27 1.12 68.17 1.60
C VAL J 27 0.75 67.12 0.55
N LEU J 28 1.74 66.34 0.13
CA LEU J 28 1.54 65.32 -0.89
C LEU J 28 1.16 63.99 -0.23
N VAL J 29 0.08 63.38 -0.72
CA VAL J 29 -0.45 62.14 -0.16
C VAL J 29 -0.70 61.15 -1.30
N ALA J 30 -0.87 59.89 -0.92
CA ALA J 30 -1.12 58.82 -1.87
C ALA J 30 -2.60 58.75 -2.22
N SER J 31 -2.88 58.42 -3.48
CA SER J 31 -4.25 58.31 -3.97
C SER J 31 -4.70 56.87 -4.16
N ARG J 32 -3.81 55.90 -4.03
CA ARG J 32 -4.16 54.50 -4.18
C ARG J 32 -3.18 53.68 -3.35
N ASP J 33 -3.24 52.35 -3.48
CA ASP J 33 -2.43 51.45 -2.67
C ASP J 33 -1.18 51.10 -3.45
N LEU J 34 -0.09 51.79 -3.15
CA LEU J 34 1.18 51.50 -3.79
C LEU J 34 1.82 50.26 -3.17
N PRO J 35 2.11 49.21 -3.94
CA PRO J 35 2.74 48.02 -3.37
C PRO J 35 4.19 48.28 -2.99
N ALA J 36 4.83 47.28 -2.39
CA ALA J 36 6.25 47.39 -2.09
C ALA J 36 7.06 47.42 -3.37
N LEU J 37 8.12 48.23 -3.36
CA LEU J 37 9.04 48.37 -4.49
C LEU J 37 8.30 48.83 -5.75
N ALA J 38 7.72 50.01 -5.66
CA ALA J 38 7.00 50.62 -6.77
C ALA J 38 7.59 51.99 -7.08
N VAL J 39 7.46 52.38 -8.35
CA VAL J 39 7.97 53.66 -8.83
C VAL J 39 6.79 54.61 -8.96
N ILE J 40 6.95 55.81 -8.42
CA ILE J 40 5.85 56.75 -8.33
C ILE J 40 5.61 57.45 -9.66
N GLY J 41 4.36 57.48 -10.10
CA GLY J 41 3.96 58.26 -11.24
C GLY J 41 3.02 59.38 -10.83
N ARG J 42 2.61 60.16 -11.82
CA ARG J 42 1.74 61.31 -11.56
C ARG J 42 0.31 60.91 -11.25
N ASP J 43 -0.07 59.66 -11.48
CA ASP J 43 -1.42 59.19 -11.18
C ASP J 43 -1.54 58.54 -9.82
N ASP J 44 -0.45 58.46 -9.05
CA ASP J 44 -0.46 57.87 -7.72
C ASP J 44 -0.45 58.91 -6.61
N LEU J 45 -0.59 60.19 -6.93
CA LEU J 45 -0.35 61.27 -5.99
C LEU J 45 -1.52 62.24 -5.99
N SER J 46 -1.72 62.90 -4.84
CA SER J 46 -2.69 63.97 -4.71
C SER J 46 -2.15 64.98 -3.72
N VAL J 47 -2.66 66.21 -3.81
CA VAL J 47 -2.22 67.31 -2.96
C VAL J 47 -3.38 67.69 -2.05
N GLU J 48 -3.08 67.87 -0.75
CA GLU J 48 -4.09 68.24 0.22
C GLU J 48 -3.60 69.43 1.04
N LEU J 49 -4.48 70.39 1.26
CA LEU J 49 -4.14 71.58 2.02
C LEU J 49 -4.54 71.39 3.47
N LEU J 50 -3.57 71.50 4.38
CA LEU J 50 -3.82 71.34 5.80
C LEU J 50 -3.07 72.42 6.57
N ARG J 51 -3.36 72.49 7.86
CA ARG J 51 -2.78 73.53 8.70
C ARG J 51 -1.31 73.28 8.98
N THR J 52 -0.95 72.05 9.32
CA THR J 52 0.41 71.73 9.74
C THR J 52 1.03 70.70 8.80
N ALA J 53 2.26 70.98 8.38
CA ALA J 53 3.00 70.07 7.51
C ALA J 53 3.98 69.28 8.36
N PRO J 54 3.86 67.96 8.42
CA PRO J 54 4.79 67.16 9.21
C PRO J 54 6.21 67.22 8.65
N VAL J 55 7.18 67.04 9.55
CA VAL J 55 8.57 66.97 9.12
C VAL J 55 8.78 65.75 8.25
N GLY J 56 9.32 65.96 7.04
CA GLY J 56 9.54 64.91 6.09
C GLY J 56 8.58 64.91 4.91
N SER J 57 7.56 65.75 4.93
CA SER J 57 6.60 65.80 3.84
C SER J 57 7.16 66.61 2.67
N TYR J 58 6.50 66.49 1.52
CA TYR J 58 6.90 67.18 0.31
C TYR J 58 5.78 68.07 -0.17
N ASP J 59 6.13 69.18 -0.83
CA ASP J 59 5.17 70.20 -1.22
C ASP J 59 4.75 70.10 -2.69
N ARG J 60 5.66 69.71 -3.57
CA ARG J 60 5.34 69.67 -4.99
C ARG J 60 5.45 68.25 -5.53
N PRO J 61 4.60 67.88 -6.50
CA PRO J 61 4.66 66.52 -7.05
C PRO J 61 5.97 66.19 -7.74
N GLU J 62 6.66 67.19 -8.30
CA GLU J 62 7.85 66.95 -9.10
C GLU J 62 9.02 66.41 -8.30
N ALA J 63 9.02 66.60 -6.98
CA ALA J 63 10.12 66.09 -6.17
C ALA J 63 10.01 64.60 -5.91
N LEU J 64 8.87 64.00 -6.24
CA LEU J 64 8.61 62.60 -5.94
C LEU J 64 8.45 61.72 -7.18
N LEU J 65 8.46 62.30 -8.38
CA LEU J 65 8.27 61.52 -9.59
C LEU J 65 9.52 60.72 -9.90
N GLY J 66 9.35 59.41 -10.07
CA GLY J 66 10.44 58.52 -10.43
C GLY J 66 11.10 57.83 -9.26
N LYS J 67 10.87 58.28 -8.04
CA LYS J 67 11.47 57.64 -6.87
C LYS J 67 10.72 56.36 -6.52
N ARG J 68 11.38 55.52 -5.73
CA ARG J 68 10.88 54.20 -5.38
C ARG J 68 10.46 54.16 -3.92
N VAL J 69 9.28 53.62 -3.66
CA VAL J 69 8.82 53.38 -2.29
C VAL J 69 9.29 51.99 -1.87
N TRP J 70 9.98 51.91 -0.73
CA TRP J 70 10.59 50.67 -0.29
C TRP J 70 9.71 49.89 0.70
N VAL J 71 8.53 50.40 1.04
CA VAL J 71 7.53 49.67 1.80
C VAL J 71 6.15 49.99 1.23
N ALA J 72 5.18 49.16 1.59
CA ALA J 72 3.82 49.36 1.13
C ALA J 72 3.23 50.63 1.73
N VAL J 73 2.53 51.40 0.90
CA VAL J 73 1.94 52.67 1.32
C VAL J 73 0.42 52.53 1.18
N PRO J 74 -0.32 52.42 2.27
CA PRO J 74 -1.79 52.38 2.18
C PRO J 74 -2.36 53.70 1.68
N ALA J 75 -3.55 53.61 1.11
CA ALA J 75 -4.20 54.76 0.52
C ALA J 75 -4.45 55.85 1.56
N GLY J 76 -4.21 57.09 1.16
CA GLY J 76 -4.39 58.23 2.02
C GLY J 76 -3.20 58.55 2.92
N SER J 77 -2.15 57.76 2.89
CA SER J 77 -1.01 57.99 3.77
C SER J 77 -0.25 59.23 3.33
N ILE J 78 0.33 59.94 4.30
CA ILE J 78 1.18 61.08 3.99
C ILE J 78 2.54 60.56 3.56
N LEU J 79 2.98 60.96 2.38
CA LEU J 79 4.27 60.51 1.88
C LEU J 79 5.39 61.13 2.70
N SER J 80 6.34 60.28 3.12
CA SER J 80 7.40 60.70 4.03
C SER J 80 8.76 60.37 3.41
N ALA J 81 9.79 61.06 3.90
CA ALA J 81 11.14 60.83 3.42
C ALA J 81 11.62 59.43 3.76
N ALA J 82 11.30 58.95 4.96
CA ALA J 82 11.73 57.62 5.37
C ALA J 82 11.13 56.51 4.54
N THR J 83 9.98 56.76 3.89
CA THR J 83 9.38 55.74 3.03
C THR J 83 10.20 55.53 1.77
N LEU J 84 11.07 56.47 1.42
CA LEU J 84 11.90 56.40 0.22
C LEU J 84 13.32 55.96 0.52
N GLU J 85 13.55 55.18 1.56
CA GLU J 85 14.88 54.72 1.92
C GLU J 85 14.86 53.21 2.09
N PRO J 86 15.99 52.55 1.83
CA PRO J 86 16.02 51.08 1.93
C PRO J 86 15.75 50.57 3.34
N GLY J 87 14.79 49.66 3.45
CA GLY J 87 14.46 49.07 4.74
C GLY J 87 13.20 48.26 4.63
N GLY J 88 12.96 47.44 5.65
CA GLY J 88 11.79 46.60 5.69
C GLY J 88 10.96 46.82 6.93
N PRO J 89 9.80 46.16 7.02
CA PRO J 89 8.97 46.31 8.22
C PRO J 89 9.68 45.89 9.50
N LEU J 90 10.49 44.83 9.44
CA LEU J 90 11.20 44.38 10.63
C LEU J 90 12.34 45.34 10.99
N ALA J 91 13.05 45.83 10.00
CA ALA J 91 14.17 46.73 10.23
C ALA J 91 13.76 48.10 10.75
N ARG J 92 12.47 48.42 10.69
CA ARG J 92 11.97 49.71 11.14
C ARG J 92 11.45 49.69 12.57
N THR J 93 11.55 48.57 13.27
CA THR J 93 11.02 48.44 14.63
C THR J 93 12.08 48.02 15.64
N ILE J 94 13.36 48.21 15.34
CA ILE J 94 14.44 47.83 16.24
C ILE J 94 15.44 48.98 16.35
N ARG J 95 16.50 48.73 17.09
CA ARG J 95 17.52 49.70 17.46
C ARG J 95 18.90 49.21 17.01
N PRO J 96 19.87 50.11 16.84
CA PRO J 96 21.14 49.71 16.23
C PRO J 96 21.90 48.64 16.99
N ASP J 97 21.67 48.46 18.28
CA ASP J 97 22.35 47.42 19.04
C ASP J 97 21.53 46.16 19.21
N GLU J 98 20.48 45.98 18.41
CA GLU J 98 19.67 44.77 18.45
C GLU J 98 19.55 44.20 17.05
N ARG J 99 19.20 42.91 16.99
CA ARG J 99 18.95 42.19 15.75
C ARG J 99 17.61 41.47 15.88
N ALA J 100 17.07 41.04 14.76
CA ALA J 100 15.80 40.33 14.73
C ALA J 100 16.03 38.91 14.23
N MET J 101 15.56 37.92 14.99
CA MET J 101 15.69 36.53 14.58
C MET J 101 14.36 35.80 14.76
N ALA J 102 14.16 34.76 13.95
CA ALA J 102 12.94 33.97 13.99
C ALA J 102 13.20 32.61 14.61
N ILE J 103 12.21 32.11 15.33
CA ILE J 103 12.25 30.78 15.94
C ILE J 103 10.94 30.07 15.66
N ALA J 104 10.99 28.74 15.64
CA ALA J 104 9.81 27.93 15.38
C ALA J 104 8.94 27.85 16.62
N VAL J 105 7.62 27.91 16.42
CA VAL J 105 6.66 28.05 17.51
C VAL J 105 5.49 27.10 17.27
N ASP J 106 5.07 26.43 18.35
CA ASP J 106 3.81 25.70 18.40
C ASP J 106 3.02 26.23 19.60
N GLU J 107 1.89 25.60 19.88
CA GLU J 107 1.05 26.05 20.99
C GLU J 107 1.71 25.85 22.34
N VAL J 108 2.46 24.76 22.50
CA VAL J 108 3.15 24.52 23.76
C VAL J 108 4.29 25.51 23.95
N VAL J 109 5.01 25.83 22.88
CA VAL J 109 6.16 26.73 22.98
C VAL J 109 5.71 28.16 23.26
N GLY J 110 4.63 28.60 22.63
CA GLY J 110 4.25 30.00 22.69
C GLY J 110 3.08 30.33 23.59
N GLY J 111 3.02 29.71 24.77
CA GLY J 111 2.03 30.08 25.76
C GLY J 111 0.59 29.83 25.34
N GLY J 112 0.35 28.76 24.60
CA GLY J 112 -1.01 28.42 24.21
C GLY J 112 -1.60 29.32 23.15
N GLY J 113 -0.79 30.06 22.41
CA GLY J 113 -1.28 30.99 21.42
C GLY J 113 -1.74 32.32 21.97
N PHE J 114 -1.46 32.63 23.22
CA PHE J 114 -1.87 33.88 23.84
C PHE J 114 -0.78 34.93 23.87
N VAL J 115 0.35 34.68 23.22
CA VAL J 115 1.43 35.66 23.16
C VAL J 115 1.16 36.64 22.02
N LEU J 116 1.20 37.92 22.32
CA LEU J 116 1.02 38.98 21.34
C LEU J 116 2.28 39.83 21.25
N PRO J 117 2.51 40.51 20.13
CA PRO J 117 3.69 41.39 20.03
C PRO J 117 3.65 42.47 21.10
N GLY J 118 4.84 42.77 21.64
CA GLY J 118 4.97 43.68 22.74
C GLY J 118 5.23 43.03 24.09
N ASP J 119 5.08 41.71 24.17
CA ASP J 119 5.34 40.99 25.41
C ASP J 119 6.84 40.84 25.64
N TYR J 120 7.19 40.54 26.88
CA TYR J 120 8.56 40.22 27.25
C TYR J 120 8.60 38.79 27.79
N VAL J 121 9.57 38.01 27.31
CA VAL J 121 9.59 36.58 27.55
C VAL J 121 10.99 36.17 28.02
N ASP J 122 11.04 35.00 28.64
CA ASP J 122 12.28 34.30 28.97
C ASP J 122 12.35 33.03 28.13
N VAL J 123 13.53 32.73 27.62
CA VAL J 123 13.75 31.56 26.77
C VAL J 123 14.39 30.47 27.61
N MET J 124 13.77 29.29 27.63
CA MET J 124 14.28 28.15 28.35
C MET J 124 14.58 27.01 27.38
N LEU J 125 15.63 26.26 27.69
CA LEU J 125 16.17 25.24 26.79
C LEU J 125 16.22 23.90 27.49
N PHE J 126 15.83 22.85 26.76
CA PHE J 126 16.02 21.47 27.19
C PHE J 126 16.94 20.79 26.21
N VAL J 127 18.06 20.25 26.70
CA VAL J 127 19.05 19.59 25.88
C VAL J 127 19.45 18.28 26.55
N ARG J 128 20.00 17.37 25.77
CA ARG J 128 20.49 16.08 26.24
C ARG J 128 21.98 16.01 25.94
N ASP J 129 22.80 16.33 26.94
CA ASP J 129 24.24 16.29 26.77
C ASP J 129 24.71 14.88 26.49
N GLU J 130 25.74 14.76 25.63
CA GLU J 130 26.27 13.46 25.23
C GLU J 130 27.79 13.46 25.36
N ARG J 131 28.27 13.93 26.51
CA ARG J 131 29.68 13.97 26.82
C ARG J 131 30.03 12.85 27.80
N ASP J 132 31.29 12.40 27.74
CA ASP J 132 31.82 11.36 28.62
C ASP J 132 31.10 10.02 28.43
N GLY J 133 30.49 9.84 27.26
CA GLY J 133 29.82 8.58 26.97
C GLY J 133 28.58 8.33 27.79
N GLU J 134 28.03 9.39 28.38
CA GLU J 134 26.82 9.30 29.20
C GLU J 134 25.87 10.42 28.83
N SER J 135 24.58 10.10 28.73
CA SER J 135 23.58 11.10 28.38
C SER J 135 22.92 11.65 29.64
N THR J 136 22.70 12.96 29.66
CA THR J 136 22.16 13.65 30.84
C THR J 136 21.19 14.74 30.40
N PRO J 137 19.91 14.64 30.75
CA PRO J 137 18.98 15.73 30.46
C PRO J 137 19.31 16.97 31.30
N LEU J 138 19.04 18.14 30.74
CA LEU J 138 19.37 19.40 31.38
C LEU J 138 18.35 20.47 31.00
N ALA J 139 18.25 21.51 31.82
CA ALA J 139 17.39 22.64 31.56
C ALA J 139 18.07 23.91 32.06
N GLN J 140 17.97 24.99 31.27
CA GLN J 140 18.69 26.22 31.57
C GLN J 140 17.91 27.40 31.00
N LEU J 141 18.14 28.57 31.58
CA LEU J 141 17.62 29.84 31.08
C LEU J 141 18.71 30.48 30.23
N VAL J 142 18.40 30.75 28.96
CA VAL J 142 19.42 31.24 28.04
C VAL J 142 19.30 32.75 27.83
N LEU J 143 18.08 33.24 27.62
CA LEU J 143 17.86 34.66 27.36
C LEU J 143 16.74 35.20 28.23
N PRO J 144 17.03 36.14 29.14
CA PRO J 144 15.97 36.80 29.92
C PRO J 144 15.51 38.09 29.28
N GLY J 145 14.23 38.40 29.50
CA GLY J 145 13.64 39.66 29.10
C GLY J 145 13.85 40.04 27.65
N VAL J 146 13.22 39.31 26.74
CA VAL J 146 13.37 39.54 25.31
C VAL J 146 12.02 39.99 24.75
N ARG J 147 12.02 41.09 24.02
CA ARG J 147 10.79 41.61 23.43
C ARG J 147 10.38 40.77 22.23
N VAL J 148 9.07 40.61 22.06
CA VAL J 148 8.50 39.85 20.96
C VAL J 148 8.12 40.83 19.87
N LEU J 149 8.70 40.66 18.68
CA LEU J 149 8.37 41.55 17.57
C LEU J 149 7.21 41.02 16.75
N THR J 150 7.26 39.76 16.35
CA THR J 150 6.15 39.19 15.57
C THR J 150 5.74 37.86 16.16
N TYR J 151 4.43 37.63 16.24
CA TYR J 151 3.85 36.33 16.52
C TYR J 151 2.83 36.04 15.44
N GLY J 152 3.15 35.10 14.55
CA GLY J 152 2.29 34.78 13.44
C GLY J 152 2.33 35.83 12.35
N GLU J 153 1.18 36.40 12.02
CA GLU J 153 1.07 37.44 11.01
C GLU J 153 0.94 38.83 11.61
N ARG J 154 1.19 38.98 12.90
CA ARG J 154 1.10 40.26 13.58
C ARG J 154 2.49 40.80 13.88
N ILE J 155 2.64 42.12 13.78
CA ILE J 155 3.93 42.79 13.97
C ILE J 155 3.74 43.94 14.95
N ALA J 156 4.85 44.36 15.55
CA ALA J 156 4.83 45.46 16.50
C ALA J 156 4.73 46.79 15.76
N VAL J 157 4.54 47.87 16.52
CA VAL J 157 4.41 49.21 15.99
C VAL J 157 5.70 49.96 16.31
N GLY J 158 6.33 50.52 15.28
CA GLY J 158 7.59 51.21 15.43
C GLY J 158 7.41 52.70 15.69
N SER J 159 8.52 53.42 15.59
CA SER J 159 8.51 54.86 15.85
C SER J 159 7.71 55.63 14.81
N ASP J 160 7.47 55.04 13.64
CA ASP J 160 6.67 55.70 12.62
C ASP J 160 5.18 55.62 12.89
N GLY J 161 4.76 54.81 13.86
CA GLY J 161 3.36 54.69 14.19
C GLY J 161 2.50 54.06 13.12
N GLN J 162 3.03 53.09 12.40
CA GLN J 162 2.29 52.38 11.35
C GLN J 162 2.28 50.89 11.66
N ASP J 163 1.13 50.26 11.45
CA ASP J 163 0.95 48.83 11.69
C ASP J 163 0.95 48.09 10.37
N ARG J 164 1.97 47.26 10.16
CA ARG J 164 2.12 46.49 8.93
C ARG J 164 1.94 45.01 9.25
N SER J 165 0.68 44.57 9.29
CA SER J 165 0.32 43.22 9.65
C SER J 165 -0.42 42.57 8.49
N ASN J 166 -0.07 41.33 8.19
CA ASN J 166 -0.71 40.62 7.10
C ASN J 166 -2.12 40.19 7.49
N GLN J 167 -3.12 40.91 7.00
CA GLN J 167 -4.52 40.60 7.26
C GLN J 167 -5.01 39.68 6.15
N GLU J 168 -5.21 38.41 6.47
CA GLU J 168 -5.56 37.41 5.48
C GLU J 168 -6.66 36.51 6.01
N LYS J 169 -7.50 36.01 5.11
CA LYS J 169 -8.51 35.02 5.46
C LYS J 169 -7.81 33.67 5.66
N ASP J 170 -8.55 32.70 6.20
CA ASP J 170 -8.00 31.40 6.56
C ASP J 170 -6.79 31.62 7.46
N PRO J 171 -7.00 32.01 8.72
CA PRO J 171 -5.89 32.52 9.55
C PRO J 171 -4.72 31.56 9.68
N ARG J 172 -4.99 30.26 9.85
CA ARG J 172 -4.00 29.21 9.99
C ARG J 172 -3.25 29.35 11.30
N PRO J 173 -2.85 28.24 11.94
CA PRO J 173 -2.10 28.34 13.18
C PRO J 173 -0.75 29.00 12.95
N PRO J 174 -0.26 29.79 13.90
CA PRO J 174 1.07 30.40 13.76
C PRO J 174 2.16 29.35 13.75
N ARG J 175 3.26 29.65 13.05
CA ARG J 175 4.38 28.73 12.94
C ARG J 175 5.72 29.37 13.26
N THR J 176 5.81 30.69 13.32
CA THR J 176 7.08 31.37 13.57
C THR J 176 6.86 32.53 14.52
N ALA J 177 7.91 32.88 15.25
CA ALA J 177 7.91 34.06 16.10
C ALA J 177 9.26 34.76 15.99
N VAL J 178 9.23 36.08 15.78
CA VAL J 178 10.43 36.88 15.59
C VAL J 178 10.66 37.73 16.83
N LEU J 179 11.88 37.64 17.36
CA LEU J 179 12.30 38.29 18.60
C LEU J 179 13.44 39.26 18.33
N ALA J 180 13.57 40.23 19.23
CA ALA J 180 14.62 41.25 19.17
C ALA J 180 15.71 40.88 20.18
N VAL J 181 16.82 40.35 19.68
CA VAL J 181 17.92 39.88 20.51
C VAL J 181 19.01 40.95 20.56
N PRO J 182 19.76 41.06 21.66
CA PRO J 182 20.98 41.86 21.62
C PRO J 182 22.02 41.24 20.71
N GLU J 183 23.05 42.04 20.37
CA GLU J 183 24.06 41.56 19.43
C GLU J 183 24.80 40.34 19.97
N ASP J 184 25.24 40.39 21.22
CA ASP J 184 26.08 39.34 21.78
C ASP J 184 25.32 38.06 22.06
N GLY J 185 24.00 38.06 22.00
CA GLY J 185 23.21 36.87 22.27
C GLY J 185 22.75 36.10 21.04
N VAL J 186 22.91 36.65 19.84
CA VAL J 186 22.41 36.03 18.62
C VAL J 186 22.85 34.58 18.50
N ALA J 187 24.17 34.34 18.57
CA ALA J 187 24.67 32.97 18.48
C ALA J 187 24.08 32.09 19.56
N ARG J 188 23.96 32.61 20.79
CA ARG J 188 23.42 31.81 21.87
C ARG J 188 22.01 31.32 21.56
N LEU J 189 21.24 32.11 20.80
CA LEU J 189 19.93 31.63 20.41
C LEU J 189 20.03 30.49 19.40
N MET J 190 20.90 30.65 18.39
CA MET J 190 20.96 29.68 17.30
C MET J 190 21.26 28.28 17.83
N LEU J 191 22.32 28.16 18.64
CA LEU J 191 22.62 26.89 19.30
C LEU J 191 21.39 26.35 20.01
N ALA J 192 20.76 27.18 20.84
CA ALA J 192 19.63 26.71 21.63
C ALA J 192 18.47 26.29 20.74
N SER J 193 18.39 26.84 19.53
CA SER J 193 17.30 26.50 18.64
C SER J 193 17.52 25.15 17.99
N GLN J 194 18.78 24.73 17.85
CA GLN J 194 19.06 23.51 17.11
C GLN J 194 19.56 22.38 18.00
N ALA J 195 20.19 22.71 19.13
CA ALA J 195 20.71 21.66 20.01
C ALA J 195 19.62 20.98 20.80
N GLY J 196 18.46 21.61 20.97
CA GLY J 196 17.42 21.02 21.78
C GLY J 196 16.10 21.72 21.59
N SER J 197 15.25 21.60 22.59
CA SER J 197 13.91 22.17 22.56
C SER J 197 13.86 23.49 23.30
N LEU J 198 12.98 24.39 22.85
CA LEU J 198 12.85 25.73 23.41
C LEU J 198 11.44 25.94 23.93
N ARG J 199 11.32 26.73 24.99
CA ARG J 199 10.02 27.18 25.49
C ARG J 199 10.10 28.62 25.96
N LEU J 200 8.94 29.28 25.98
CA LEU J 200 8.82 30.69 26.31
C LEU J 200 8.03 30.86 27.59
N ALA J 201 8.54 31.69 28.50
CA ALA J 201 7.87 32.00 29.76
C ALA J 201 7.56 33.49 29.83
N ILE J 202 6.29 33.83 29.99
CA ILE J 202 5.89 35.23 29.96
C ILE J 202 6.17 35.90 31.31
N ARG J 203 6.47 37.20 31.24
CA ARG J 203 6.71 38.03 32.41
C ARG J 203 5.55 39.01 32.60
N SER J 204 5.44 39.53 33.81
CA SER J 204 4.28 40.34 34.19
C SER J 204 4.33 41.71 33.55
N LYS J 205 3.14 42.30 33.36
CA LYS J 205 3.04 43.67 32.88
C LYS J 205 3.37 44.69 33.97
N ASP J 206 3.18 44.33 35.24
CA ASP J 206 3.46 45.23 36.35
C ASP J 206 4.95 45.52 36.52
N GLU J 207 5.82 44.73 35.91
CA GLU J 207 7.25 45.01 35.94
C GLU J 207 7.61 46.26 35.14
N GLU J 208 6.73 46.70 34.24
CA GLU J 208 6.95 47.91 33.43
C GLU J 208 8.28 47.83 32.68
N LEU J 209 8.58 46.65 32.14
CA LEU J 209 9.79 46.50 31.34
C LEU J 209 9.72 47.29 30.05
N TYR J 210 8.52 47.46 29.49
CA TYR J 210 8.34 48.24 28.27
C TYR J 210 8.68 49.70 28.50
N ARG J 211 8.16 50.28 29.58
CA ARG J 211 8.39 51.69 29.87
C ARG J 211 9.87 51.97 30.11
N ARG J 212 10.55 51.08 30.83
CA ARG J 212 11.96 51.29 31.14
C ARG J 212 12.82 51.22 29.88
N GLU J 213 12.32 50.55 28.83
CA GLU J 213 13.09 50.47 27.59
C GLU J 213 12.88 51.69 26.71
N GLN J 214 11.87 52.51 27.00
CA GLN J 214 11.65 53.73 26.22
C GLN J 214 12.46 54.88 26.80
N GLU J 215 13.32 54.60 27.77
CA GLU J 215 14.16 55.62 28.38
C GLU J 215 15.50 55.05 28.82
N SER J 227 21.89 31.17 34.26
CA SER J 227 21.68 30.47 35.52
C SER J 227 22.34 29.09 35.49
N ALA J 228 22.53 28.52 36.67
CA ALA J 228 23.12 27.19 36.76
C ALA J 228 22.18 26.15 36.18
N ALA J 229 22.75 25.19 35.45
CA ALA J 229 21.97 24.14 34.83
C ALA J 229 21.42 23.19 35.89
N LEU J 230 20.20 22.71 35.65
CA LEU J 230 19.50 21.81 36.57
C LEU J 230 19.40 20.42 35.94
N SER J 231 19.87 19.42 36.67
CA SER J 231 19.86 18.04 36.20
C SER J 231 18.79 17.24 36.92
N LEU J 232 18.54 16.03 36.42
CA LEU J 232 17.58 15.13 37.06
C LEU J 232 18.02 14.73 38.46
N ASP J 233 19.32 14.56 38.69
CA ASP J 233 19.80 14.19 40.01
C ASP J 233 19.44 15.24 41.06
N GLN J 234 19.44 16.52 40.66
CA GLN J 234 19.03 17.57 41.59
C GLN J 234 17.51 17.67 41.67
N LEU J 235 16.79 17.12 40.69
CA LEU J 235 15.33 17.10 40.77
C LEU J 235 14.85 15.88 41.54
N LEU J 236 15.25 14.68 41.10
CA LEU J 236 14.84 13.45 41.76
C LEU J 236 15.60 13.26 43.06
N GLU J 237 15.27 14.08 44.06
CA GLU J 237 15.85 14.01 45.42
C GLU J 237 17.33 13.63 45.45
N LYS K 25 -14.40 61.10 5.24
CA LYS K 25 -13.63 62.33 5.07
C LYS K 25 -12.92 62.83 6.34
N PRO K 26 -13.63 63.00 7.46
CA PRO K 26 -12.97 63.57 8.64
C PRO K 26 -11.90 62.64 9.19
N VAL K 27 -10.78 63.24 9.59
CA VAL K 27 -9.61 62.50 10.06
C VAL K 27 -8.91 63.32 11.14
N LEU K 28 -8.50 62.64 12.20
CA LEU K 28 -7.85 63.26 13.34
C LEU K 28 -6.36 63.37 13.12
N VAL K 29 -5.81 64.55 13.44
CA VAL K 29 -4.38 64.80 13.35
C VAL K 29 -3.91 65.41 14.66
N ALA K 30 -2.60 65.36 14.89
CA ALA K 30 -2.02 65.89 16.11
C ALA K 30 -1.64 67.35 15.90
N SER K 31 -2.20 68.24 16.75
CA SER K 31 -1.92 69.65 16.62
C SER K 31 -0.49 70.00 17.03
N ARG K 32 0.01 69.36 18.09
CA ARG K 32 1.35 69.63 18.59
C ARG K 32 2.09 68.31 18.78
N ASP K 33 3.39 68.41 19.07
CA ASP K 33 4.19 67.23 19.32
C ASP K 33 3.73 66.54 20.60
N LEU K 34 3.50 65.23 20.52
CA LEU K 34 3.05 64.44 21.65
C LEU K 34 4.16 63.49 22.08
N PRO K 35 4.69 63.63 23.28
CA PRO K 35 5.77 62.75 23.74
C PRO K 35 5.23 61.36 24.08
N ALA K 36 6.15 60.44 24.35
CA ALA K 36 5.77 59.08 24.68
C ALA K 36 5.07 59.02 26.03
N LEU K 37 4.07 58.14 26.12
CA LEU K 37 3.30 57.89 27.33
C LEU K 37 2.62 59.18 27.82
N ALA K 38 1.72 59.69 26.98
CA ALA K 38 1.01 60.93 27.25
C ALA K 38 -0.47 60.73 26.96
N VAL K 39 -1.31 61.30 27.80
CA VAL K 39 -2.76 61.21 27.63
C VAL K 39 -3.19 62.29 26.65
N ILE K 40 -4.33 62.08 25.98
CA ILE K 40 -4.78 62.95 24.90
C ILE K 40 -5.86 63.87 25.44
N GLY K 41 -5.63 65.18 25.36
CA GLY K 41 -6.66 66.16 25.65
C GLY K 41 -7.22 66.79 24.39
N ARG K 42 -8.15 67.72 24.59
CA ARG K 42 -8.76 68.40 23.45
C ARG K 42 -7.83 69.42 22.81
N ASP K 43 -6.80 69.88 23.53
CA ASP K 43 -5.84 70.81 22.96
C ASP K 43 -4.77 70.10 22.13
N ASP K 44 -4.75 68.77 22.13
CA ASP K 44 -3.76 67.99 21.41
C ASP K 44 -4.34 67.30 20.18
N LEU K 45 -5.43 67.82 19.63
CA LEU K 45 -6.14 67.11 18.58
C LEU K 45 -6.73 68.13 17.60
N SER K 46 -6.81 67.74 16.33
CA SER K 46 -7.41 68.58 15.30
C SER K 46 -8.12 67.69 14.28
N VAL K 47 -9.05 68.29 13.54
CA VAL K 47 -9.87 67.58 12.57
C VAL K 47 -9.57 68.16 11.19
N GLU K 48 -9.28 67.30 10.23
CA GLU K 48 -9.05 67.69 8.85
C GLU K 48 -9.95 66.89 7.92
N LEU K 49 -10.38 67.51 6.83
CA LEU K 49 -11.27 66.88 5.86
C LEU K 49 -10.44 66.43 4.68
N LEU K 50 -10.18 65.13 4.60
CA LEU K 50 -9.38 64.54 3.55
C LEU K 50 -10.26 63.72 2.61
N ARG K 51 -9.85 63.65 1.34
CA ARG K 51 -10.64 62.91 0.36
C ARG K 51 -10.67 61.42 0.68
N THR K 52 -9.54 60.86 1.09
CA THR K 52 -9.45 59.45 1.47
C THR K 52 -8.95 59.32 2.90
N ALA K 53 -9.59 58.43 3.65
CA ALA K 53 -9.27 58.23 5.06
C ALA K 53 -8.56 56.89 5.24
N PRO K 54 -7.34 56.87 5.77
CA PRO K 54 -6.61 55.60 5.88
C PRO K 54 -7.23 54.68 6.91
N VAL K 55 -6.88 53.41 6.80
CA VAL K 55 -7.30 52.44 7.82
C VAL K 55 -6.63 52.78 9.14
N GLY K 56 -7.35 52.58 10.23
CA GLY K 56 -6.88 52.94 11.56
C GLY K 56 -7.18 54.37 11.96
N SER K 57 -7.75 55.17 11.06
CA SER K 57 -8.06 56.55 11.38
C SER K 57 -9.29 56.64 12.28
N TYR K 58 -9.44 57.80 12.92
CA TYR K 58 -10.57 58.06 13.81
C TYR K 58 -11.28 59.32 13.37
N ASP K 59 -12.60 59.34 13.53
CA ASP K 59 -13.42 60.44 13.03
C ASP K 59 -13.67 61.51 14.09
N ARG K 60 -14.28 61.15 15.21
CA ARG K 60 -14.65 62.14 16.20
C ARG K 60 -13.57 62.30 17.25
N PRO K 61 -13.42 63.50 17.81
CA PRO K 61 -12.43 63.70 18.89
C PRO K 61 -12.70 62.85 20.12
N GLU K 62 -13.96 62.55 20.42
CA GLU K 62 -14.29 61.81 21.62
C GLU K 62 -13.74 60.39 21.61
N ALA K 63 -13.38 59.86 20.43
CA ALA K 63 -12.87 58.51 20.35
C ALA K 63 -11.53 58.38 21.06
N LEU K 64 -10.68 59.39 20.93
CA LEU K 64 -9.31 59.33 21.44
C LEU K 64 -9.11 60.08 22.74
N LEU K 65 -10.14 60.69 23.29
CA LEU K 65 -9.99 61.44 24.55
C LEU K 65 -9.84 60.48 25.71
N GLY K 66 -8.73 60.61 26.45
CA GLY K 66 -8.43 59.77 27.59
C GLY K 66 -7.44 58.67 27.30
N LYS K 67 -7.22 58.35 26.02
CA LYS K 67 -6.28 57.30 25.66
C LYS K 67 -4.85 57.81 25.78
N ARG K 68 -3.90 56.89 25.60
CA ARG K 68 -2.49 57.19 25.80
C ARG K 68 -1.70 56.75 24.58
N VAL K 69 -0.83 57.62 24.09
CA VAL K 69 0.04 57.28 22.96
C VAL K 69 1.28 56.55 23.50
N TRP K 70 1.69 55.50 22.81
CA TRP K 70 2.80 54.67 23.24
C TRP K 70 4.07 54.91 22.45
N VAL K 71 4.03 55.78 21.44
CA VAL K 71 5.21 56.24 20.72
C VAL K 71 5.05 57.73 20.47
N ALA K 72 6.17 58.39 20.19
CA ALA K 72 6.14 59.83 19.93
C ALA K 72 5.40 60.11 18.62
N VAL K 73 4.54 61.13 18.63
CA VAL K 73 3.73 61.51 17.49
C VAL K 73 4.10 62.94 17.11
N PRO K 74 4.84 63.16 16.02
CA PRO K 74 5.16 64.51 15.60
C PRO K 74 3.91 65.28 15.14
N ALA K 75 4.05 66.60 15.10
CA ALA K 75 2.92 67.46 14.80
C ALA K 75 2.44 67.28 13.37
N GLY K 76 1.13 67.31 13.19
CA GLY K 76 0.51 67.18 11.88
C GLY K 76 0.30 65.75 11.41
N SER K 77 0.75 64.76 12.17
CA SER K 77 0.65 63.38 11.74
C SER K 77 -0.75 62.83 11.94
N ILE K 78 -1.20 62.00 11.01
CA ILE K 78 -2.47 61.31 11.18
C ILE K 78 -2.32 60.30 12.31
N LEU K 79 -3.30 60.29 13.21
CA LEU K 79 -3.25 59.49 14.42
C LEU K 79 -3.86 58.12 14.15
N SER K 80 -3.02 57.09 14.15
CA SER K 80 -3.43 55.71 13.95
C SER K 80 -2.32 54.79 14.40
N ALA K 81 -2.68 53.70 15.05
CA ALA K 81 -1.77 52.62 15.43
C ALA K 81 -0.78 53.05 16.51
N ALA K 82 -0.79 54.32 16.89
CA ALA K 82 -0.02 54.77 18.03
C ALA K 82 -0.84 54.78 19.31
N THR K 83 -2.13 54.49 19.22
CA THR K 83 -3.03 54.42 20.36
C THR K 83 -3.33 53.00 20.78
N LEU K 84 -2.53 52.04 20.30
CA LEU K 84 -2.73 50.62 20.58
C LEU K 84 -1.71 50.18 21.61
N GLU K 85 -2.18 49.55 22.68
CA GLU K 85 -1.31 49.17 23.78
C GLU K 85 -0.56 47.89 23.46
N PRO K 86 0.76 47.89 23.51
CA PRO K 86 1.51 46.64 23.34
C PRO K 86 1.27 45.70 24.52
N GLY K 87 1.27 44.42 24.24
CA GLY K 87 1.13 43.42 25.28
C GLY K 87 0.06 42.41 24.92
N GLY K 88 -0.09 41.43 25.80
CA GLY K 88 -1.08 40.40 25.66
C GLY K 88 -1.83 40.14 26.96
N PRO K 89 -2.91 39.37 26.90
CA PRO K 89 -3.71 39.13 28.11
C PRO K 89 -2.98 38.38 29.20
N LEU K 90 -2.13 37.40 28.86
CA LEU K 90 -1.52 36.54 29.87
C LEU K 90 -0.72 37.35 30.88
N ALA K 91 0.06 38.33 30.41
CA ALA K 91 0.89 39.12 31.30
C ALA K 91 0.09 39.94 32.29
N ARG K 92 -1.22 40.10 32.08
CA ARG K 92 -2.06 40.80 33.03
C ARG K 92 -2.55 39.92 34.18
N THR K 93 -2.21 38.63 34.18
CA THR K 93 -2.77 37.70 35.15
C THR K 93 -1.75 37.18 36.16
N ILE K 94 -0.53 37.72 36.16
CA ILE K 94 0.52 37.21 37.04
C ILE K 94 1.12 38.38 37.80
N ARG K 95 2.14 38.06 38.62
CA ARG K 95 2.82 39.01 39.48
C ARG K 95 4.30 39.05 39.13
N PRO K 96 5.05 40.05 39.62
CA PRO K 96 6.48 40.13 39.25
C PRO K 96 7.32 38.94 39.70
N ASP K 97 6.86 38.16 40.66
CA ASP K 97 7.61 37.01 41.15
C ASP K 97 7.15 35.69 40.53
N GLU K 98 6.33 35.75 39.47
CA GLU K 98 5.83 34.56 38.81
C GLU K 98 6.10 34.64 37.31
N ARG K 99 5.93 33.50 36.66
CA ARG K 99 5.99 33.38 35.22
C ARG K 99 4.78 32.59 34.75
N ALA K 100 4.49 32.67 33.45
CA ALA K 100 3.39 31.92 32.85
C ALA K 100 3.99 30.95 31.83
N MET K 101 3.73 29.66 32.00
CA MET K 101 4.26 28.66 31.08
C MET K 101 3.21 27.60 30.77
N ALA K 102 3.31 27.00 29.59
CA ALA K 102 2.32 26.08 29.08
C ALA K 102 2.85 24.65 29.06
N ILE K 103 1.96 23.70 29.31
CA ILE K 103 2.26 22.27 29.28
C ILE K 103 1.22 21.57 28.42
N ALA K 104 1.58 20.39 27.92
CA ALA K 104 0.67 19.62 27.08
C ALA K 104 -0.22 18.72 27.93
N VAL K 105 -1.51 18.69 27.61
CA VAL K 105 -2.50 17.99 28.42
C VAL K 105 -3.35 17.09 27.54
N ASP K 106 -3.90 16.05 28.16
CA ASP K 106 -4.95 15.22 27.58
C ASP K 106 -6.02 15.03 28.64
N GLU K 107 -6.98 14.14 28.37
CA GLU K 107 -8.06 13.91 29.32
C GLU K 107 -7.56 13.23 30.59
N VAL K 108 -6.57 12.34 30.48
CA VAL K 108 -6.02 11.70 31.67
C VAL K 108 -5.22 12.70 32.50
N VAL K 109 -4.46 13.57 31.84
CA VAL K 109 -3.62 14.53 32.56
C VAL K 109 -4.45 15.58 33.26
N GLY K 110 -5.53 16.04 32.63
CA GLY K 110 -6.28 17.17 33.15
C GLY K 110 -7.60 16.83 33.81
N GLY K 111 -7.64 15.75 34.58
CA GLY K 111 -8.81 15.42 35.39
C GLY K 111 -10.09 15.17 34.63
N GLY K 112 -9.98 14.50 33.49
CA GLY K 112 -11.18 14.13 32.74
C GLY K 112 -11.91 15.28 32.10
N GLY K 113 -11.27 16.43 31.93
CA GLY K 113 -11.93 17.57 31.34
C GLY K 113 -12.81 18.36 32.27
N PHE K 114 -12.64 18.18 33.59
CA PHE K 114 -13.40 18.93 34.59
C PHE K 114 -12.55 19.97 35.29
N VAL K 115 -11.47 20.42 34.67
CA VAL K 115 -10.59 21.44 35.24
C VAL K 115 -10.86 22.75 34.51
N LEU K 116 -11.15 23.79 35.28
CA LEU K 116 -11.42 25.13 34.79
C LEU K 116 -10.36 26.10 35.27
N PRO K 117 -10.17 27.23 34.58
CA PRO K 117 -9.27 28.27 35.08
C PRO K 117 -9.74 28.77 36.45
N GLY K 118 -8.77 29.08 37.31
CA GLY K 118 -9.06 29.42 38.68
C GLY K 118 -8.87 28.30 39.66
N ASP K 119 -8.40 27.14 39.22
CA ASP K 119 -8.21 25.97 40.06
C ASP K 119 -6.75 25.86 40.47
N TYR K 120 -6.50 25.12 41.54
CA TYR K 120 -5.17 24.89 42.05
C TYR K 120 -4.82 23.40 41.94
N VAL K 121 -3.62 23.12 41.44
CA VAL K 121 -3.24 21.75 41.09
C VAL K 121 -1.89 21.42 41.67
N ASP K 122 -1.65 20.12 41.84
CA ASP K 122 -0.35 19.57 42.17
C ASP K 122 0.17 18.80 40.97
N VAL K 123 1.44 19.02 40.63
CA VAL K 123 2.05 18.41 39.46
C VAL K 123 2.87 17.21 39.89
N MET K 124 2.58 16.05 39.31
CA MET K 124 3.27 14.80 39.62
C MET K 124 3.96 14.28 38.38
N LEU K 125 5.14 13.68 38.58
CA LEU K 125 6.01 13.25 37.50
C LEU K 125 6.31 11.76 37.62
N PHE K 126 6.28 11.07 36.48
CA PHE K 126 6.74 9.70 36.36
C PHE K 126 7.91 9.67 35.38
N VAL K 127 9.03 9.09 35.82
CA VAL K 127 10.23 9.01 34.99
C VAL K 127 10.94 7.69 35.31
N ARG K 128 11.69 7.19 34.33
CA ARG K 128 12.52 6.00 34.49
C ARG K 128 13.97 6.42 34.46
N ASP K 129 14.56 6.59 35.65
CA ASP K 129 15.96 6.96 35.75
C ASP K 129 16.83 5.82 35.25
N GLU K 130 17.87 6.15 34.51
CA GLU K 130 18.72 5.15 33.85
C GLU K 130 20.19 5.28 34.26
N ARG K 131 20.45 5.67 35.49
CA ARG K 131 21.82 5.68 35.97
C ARG K 131 22.27 4.27 36.37
N ASP K 132 23.58 4.05 36.34
CA ASP K 132 24.20 2.80 36.78
C ASP K 132 23.76 1.61 35.92
N GLY K 133 23.35 1.90 34.68
CA GLY K 133 22.97 0.86 33.74
C GLY K 133 21.75 0.06 34.15
N GLU K 134 20.92 0.63 35.03
CA GLU K 134 19.69 -0.02 35.47
C GLU K 134 18.54 0.98 35.39
N SER K 135 17.38 0.49 34.97
CA SER K 135 16.18 1.31 34.79
C SER K 135 15.28 1.14 36.01
N THR K 136 14.92 2.25 36.63
CA THR K 136 14.10 2.23 37.85
C THR K 136 12.96 3.24 37.72
N PRO K 137 11.70 2.81 37.76
CA PRO K 137 10.60 3.77 37.73
C PRO K 137 10.47 4.50 39.05
N LEU K 138 10.07 5.77 38.98
CA LEU K 138 9.89 6.60 40.16
C LEU K 138 8.70 7.52 39.97
N ALA K 139 8.16 8.03 41.08
CA ALA K 139 7.10 9.02 41.09
C ALA K 139 7.40 10.06 42.14
N GLN K 140 7.13 11.32 41.83
CA GLN K 140 7.48 12.42 42.72
C GLN K 140 6.50 13.57 42.50
N LEU K 141 6.39 14.42 43.53
CA LEU K 141 5.63 15.66 43.46
C LEU K 141 6.62 16.76 43.09
N VAL K 142 6.34 17.47 41.98
CA VAL K 142 7.27 18.49 41.50
C VAL K 142 6.87 19.86 42.03
N LEU K 143 5.64 20.28 41.77
CA LEU K 143 5.18 21.61 42.16
C LEU K 143 3.83 21.52 42.86
N PRO K 144 3.73 22.04 44.09
CA PRO K 144 2.44 22.08 44.79
C PRO K 144 1.72 23.40 44.60
N GLY K 145 0.39 23.31 44.67
CA GLY K 145 -0.47 24.48 44.67
C GLY K 145 -0.21 25.51 43.60
N VAL K 146 -0.46 25.15 42.34
CA VAL K 146 -0.19 26.01 41.20
C VAL K 146 -1.52 26.43 40.59
N ARG K 147 -1.70 27.74 40.43
CA ARG K 147 -2.93 28.26 39.85
C ARG K 147 -2.96 28.00 38.35
N VAL K 148 -4.14 27.65 37.86
CA VAL K 148 -4.36 27.38 36.44
C VAL K 148 -4.84 28.68 35.80
N LEU K 149 -4.11 29.15 34.79
CA LEU K 149 -4.50 30.37 34.10
C LEU K 149 -5.35 30.09 32.86
N THR K 150 -4.96 29.13 32.03
CA THR K 150 -5.76 28.78 30.86
C THR K 150 -5.86 27.27 30.76
N TYR K 151 -7.00 26.79 30.26
CA TYR K 151 -7.21 25.38 29.93
C TYR K 151 -7.99 25.31 28.62
N GLY K 152 -7.26 25.10 27.53
CA GLY K 152 -7.88 24.83 26.24
C GLY K 152 -8.86 25.89 25.76
N GLU K 153 -8.35 27.07 25.40
CA GLU K 153 -9.10 28.20 24.85
C GLU K 153 -9.97 28.90 25.88
N ARG K 154 -9.77 28.65 27.17
CA ARG K 154 -10.53 29.31 28.22
C ARG K 154 -9.58 30.13 29.07
N ILE K 155 -9.88 31.41 29.25
CA ILE K 155 -9.01 32.33 29.97
C ILE K 155 -9.90 33.27 30.80
N ALA K 156 -9.42 33.61 31.99
CA ALA K 156 -10.18 34.45 32.91
C ALA K 156 -10.15 35.91 32.50
N VAL K 157 -8.95 36.49 32.46
CA VAL K 157 -8.79 37.88 32.08
C VAL K 157 -7.97 38.00 30.81
N PRO K 171 -16.00 22.42 18.81
CA PRO K 171 -15.67 21.86 20.12
C PRO K 171 -14.47 20.93 20.08
N ARG K 172 -13.33 21.46 19.61
CA ARG K 172 -12.14 20.63 19.52
C ARG K 172 -11.62 20.30 20.92
N PRO K 173 -11.04 19.12 21.11
CA PRO K 173 -10.50 18.76 22.43
C PRO K 173 -9.36 19.70 22.82
N PRO K 174 -9.26 20.03 24.11
CA PRO K 174 -8.15 20.87 24.56
C PRO K 174 -6.81 20.16 24.38
N ARG K 175 -5.77 20.94 24.08
CA ARG K 175 -4.45 20.39 23.85
C ARG K 175 -3.38 20.87 24.81
N THR K 176 -3.50 22.09 25.33
CA THR K 176 -2.51 22.66 26.24
C THR K 176 -3.22 23.44 27.34
N ALA K 177 -2.51 23.63 28.44
CA ALA K 177 -2.96 24.46 29.55
C ALA K 177 -1.80 25.32 30.02
N VAL K 178 -2.11 26.55 30.40
CA VAL K 178 -1.11 27.52 30.83
C VAL K 178 -1.24 27.72 32.34
N LEU K 179 -0.12 27.59 33.04
CA LEU K 179 -0.03 27.66 34.49
C LEU K 179 0.86 28.82 34.91
N ALA K 180 0.64 29.26 36.15
CA ALA K 180 1.42 30.32 36.78
C ALA K 180 2.41 29.68 37.75
N VAL K 181 3.70 29.83 37.46
CA VAL K 181 4.75 29.12 38.18
C VAL K 181 5.61 30.12 38.95
N PRO K 182 6.09 29.78 40.14
CA PRO K 182 7.11 30.61 40.79
C PRO K 182 8.38 30.65 39.96
N GLU K 183 9.13 31.75 40.10
CA GLU K 183 10.29 31.97 39.25
C GLU K 183 11.38 30.93 39.48
N ASP K 184 11.43 30.32 40.66
CA ASP K 184 12.45 29.31 40.91
C ASP K 184 12.07 27.95 40.32
N GLY K 185 10.82 27.76 39.91
CA GLY K 185 10.35 26.47 39.45
C GLY K 185 10.14 26.31 37.95
N VAL K 186 10.55 27.28 37.13
CA VAL K 186 10.36 27.14 35.69
C VAL K 186 11.26 26.04 35.12
N ALA K 187 12.54 26.02 35.53
CA ALA K 187 13.45 25.00 35.05
C ALA K 187 13.03 23.61 35.50
N ARG K 188 12.56 23.47 36.74
CA ARG K 188 12.09 22.18 37.22
C ARG K 188 10.89 21.69 36.39
N LEU K 189 9.95 22.58 36.10
CA LEU K 189 8.81 22.19 35.28
C LEU K 189 9.24 21.79 33.88
N MET K 190 10.18 22.54 33.28
CA MET K 190 10.67 22.19 31.95
C MET K 190 11.31 20.82 31.95
N LEU K 191 12.19 20.56 32.93
CA LEU K 191 12.85 19.26 33.01
C LEU K 191 11.85 18.13 33.20
N ALA K 192 10.88 18.34 34.09
CA ALA K 192 9.89 17.29 34.34
C ALA K 192 9.03 17.03 33.11
N SER K 193 8.64 18.10 32.42
CA SER K 193 7.77 17.94 31.26
C SER K 193 8.48 17.23 30.12
N GLN K 194 9.77 17.49 29.94
CA GLN K 194 10.48 16.88 28.82
C GLN K 194 11.13 15.54 29.16
N ALA K 195 11.29 15.21 30.44
CA ALA K 195 11.99 13.98 30.81
C ALA K 195 11.05 12.82 31.10
N GLY K 196 9.78 13.06 31.29
CA GLY K 196 8.86 11.98 31.61
C GLY K 196 7.43 12.36 31.37
N SER K 197 6.54 11.74 32.14
CA SER K 197 5.11 12.00 32.03
C SER K 197 4.63 12.81 33.23
N LEU K 198 3.65 13.68 32.96
CA LEU K 198 3.10 14.59 33.95
C LEU K 198 1.64 14.27 34.20
N ARG K 199 1.19 14.49 35.43
CA ARG K 199 -0.23 14.40 35.77
C ARG K 199 -0.58 15.47 36.79
N LEU K 200 -1.86 15.84 36.82
CA LEU K 200 -2.36 16.91 37.67
C LEU K 200 -3.32 16.36 38.69
N ALA K 201 -3.20 16.82 39.94
CA ALA K 201 -4.11 16.45 41.01
C ALA K 201 -4.80 17.71 41.51
N ILE K 202 -6.13 17.70 41.52
CA ILE K 202 -6.88 18.90 41.86
C ILE K 202 -7.02 19.04 43.37
N ARG K 203 -6.88 20.27 43.86
CA ARG K 203 -6.95 20.58 45.28
C ARG K 203 -8.32 21.13 45.63
N SER K 204 -8.69 20.98 46.91
CA SER K 204 -10.04 21.30 47.35
C SER K 204 -10.30 22.80 47.37
N LYS K 205 -11.57 23.17 47.19
CA LYS K 205 -11.98 24.56 47.29
C LYS K 205 -12.07 25.04 48.73
N ASP K 206 -12.19 24.12 49.70
CA ASP K 206 -12.31 24.50 51.09
C ASP K 206 -10.98 24.86 51.74
N GLU K 207 -9.86 24.63 51.04
CA GLU K 207 -8.56 25.03 51.55
C GLU K 207 -8.33 26.53 51.46
N GLU K 208 -9.07 27.21 50.57
CA GLU K 208 -9.00 28.67 50.42
C GLU K 208 -7.58 29.14 50.10
N LEU K 209 -7.05 28.65 48.99
CA LEU K 209 -5.73 29.06 48.53
C LEU K 209 -5.74 30.42 47.86
N TYR K 210 -6.88 30.86 47.32
CA TYR K 210 -6.96 32.19 46.73
C TYR K 210 -6.81 33.28 47.79
N ARG K 211 -7.45 33.11 48.94
CA ARG K 211 -7.34 34.11 50.00
C ARG K 211 -5.92 34.21 50.52
N ARG K 212 -5.23 33.09 50.71
CA ARG K 212 -3.85 33.14 51.17
C ARG K 212 -2.93 33.65 50.06
N GLU K 213 -3.30 33.45 48.80
CA GLU K 213 -2.56 34.06 47.70
C GLU K 213 -2.67 35.59 47.77
N GLN K 214 -3.86 36.09 48.08
CA GLN K 214 -4.02 37.53 48.27
C GLN K 214 -3.68 37.93 49.70
N GLU K 215 -2.49 37.53 50.15
CA GLU K 215 -1.99 37.80 51.50
C GLU K 215 -3.06 37.62 52.58
N SER K 227 10.22 14.09 51.51
CA SER K 227 9.18 13.47 50.71
C SER K 227 9.71 12.26 49.93
N ALA K 228 10.83 12.48 49.25
CA ALA K 228 11.52 11.44 48.49
C ALA K 228 10.68 10.95 47.32
N ALA K 229 11.22 10.04 46.53
CA ALA K 229 10.54 9.48 45.38
C ALA K 229 10.19 8.03 45.65
N LEU K 230 8.93 7.66 45.36
CA LEU K 230 8.50 6.29 45.56
C LEU K 230 8.94 5.42 44.38
N SER K 231 9.66 4.35 44.68
CA SER K 231 10.10 3.39 43.68
C SER K 231 9.24 2.14 43.76
N LEU K 232 9.41 1.28 42.74
CA LEU K 232 8.64 0.04 42.68
C LEU K 232 8.98 -0.90 43.82
N ASP K 233 10.19 -0.84 44.36
CA ASP K 233 10.57 -1.70 45.48
C ASP K 233 9.75 -1.37 46.72
N GLN K 234 9.54 -0.07 46.98
CA GLN K 234 8.79 0.32 48.17
C GLN K 234 7.30 0.05 47.99
N LEU K 235 6.82 0.02 46.75
CA LEU K 235 5.40 -0.27 46.52
C LEU K 235 5.12 -1.76 46.61
N LEU K 236 5.92 -2.58 45.91
CA LEU K 236 5.69 -4.02 45.88
C LEU K 236 5.99 -4.65 47.24
N GLU K 237 7.14 -4.32 47.81
CA GLU K 237 7.54 -4.91 49.09
C GLU K 237 7.96 -3.84 50.09
N GLU L 23 -43.65 36.04 50.47
CA GLU L 23 -43.07 37.10 49.67
C GLU L 23 -42.39 38.13 50.56
N ARG L 24 -41.86 37.68 51.69
CA ARG L 24 -41.26 38.61 52.65
C ARG L 24 -39.88 39.09 52.22
N LYS L 25 -39.10 38.22 51.56
CA LYS L 25 -37.73 38.61 51.31
C LYS L 25 -37.38 38.53 49.82
N PRO L 26 -36.61 39.50 49.30
CA PRO L 26 -36.19 39.44 47.90
C PRO L 26 -34.89 38.65 47.74
N VAL L 27 -34.78 37.91 46.64
CA VAL L 27 -33.62 37.08 46.35
C VAL L 27 -33.31 37.19 44.87
N LEU L 28 -32.03 37.30 44.54
CA LEU L 28 -31.59 37.42 43.15
C LEU L 28 -31.38 36.04 42.53
N VAL L 29 -31.88 35.87 41.31
CA VAL L 29 -31.76 34.62 40.57
C VAL L 29 -31.32 34.93 39.15
N ALA L 30 -30.84 33.90 38.47
CA ALA L 30 -30.36 34.02 37.10
C ALA L 30 -31.54 33.95 36.13
N SER L 31 -31.55 34.83 35.14
CA SER L 31 -32.61 34.86 34.14
C SER L 31 -32.28 34.05 32.90
N ARG L 32 -31.03 33.64 32.73
CA ARG L 32 -30.64 32.83 31.59
C ARG L 32 -29.36 32.09 31.95
N ASP L 33 -28.99 31.14 31.10
CA ASP L 33 -27.80 30.33 31.35
C ASP L 33 -26.55 31.18 31.21
N LEU L 34 -25.70 31.12 32.23
CA LEU L 34 -24.44 31.86 32.23
C LEU L 34 -23.28 30.88 32.09
N PRO L 35 -22.46 31.00 31.05
CA PRO L 35 -21.33 30.08 30.89
C PRO L 35 -20.29 30.30 31.97
N ALA L 36 -19.36 29.35 32.06
CA ALA L 36 -18.25 29.49 32.97
C ALA L 36 -17.37 30.67 32.56
N LEU L 37 -16.83 31.35 33.56
CA LEU L 37 -15.97 32.51 33.36
C LEU L 37 -16.70 33.61 32.59
N ALA L 38 -17.78 34.08 33.18
CA ALA L 38 -18.60 35.13 32.60
C ALA L 38 -18.76 36.27 33.61
N VAL L 39 -19.05 37.46 33.09
CA VAL L 39 -19.18 38.67 33.90
C VAL L 39 -20.64 39.08 33.91
N ILE L 40 -21.18 39.30 35.10
CA ILE L 40 -22.61 39.51 35.26
C ILE L 40 -22.98 40.92 34.84
N GLY L 41 -24.00 41.03 33.98
CA GLY L 41 -24.59 42.31 33.63
C GLY L 41 -26.00 42.41 34.20
N ARG L 42 -26.60 43.58 33.99
CA ARG L 42 -27.95 43.81 34.50
C ARG L 42 -29.02 43.05 33.73
N ASP L 43 -28.67 42.42 32.60
CA ASP L 43 -29.64 41.66 31.83
C ASP L 43 -29.65 40.17 32.18
N ASP L 44 -28.79 39.74 33.10
CA ASP L 44 -28.72 38.33 33.49
C ASP L 44 -29.36 38.06 34.85
N LEU L 45 -30.00 39.06 35.45
CA LEU L 45 -30.47 38.96 36.82
C LEU L 45 -31.98 39.20 36.90
N SER L 46 -32.62 38.57 37.89
CA SER L 46 -34.03 38.79 38.16
C SER L 46 -34.25 38.72 39.68
N VAL L 47 -35.33 39.34 40.13
CA VAL L 47 -35.64 39.43 41.56
C VAL L 47 -36.90 38.62 41.82
N GLU L 48 -36.85 37.74 42.82
CA GLU L 48 -37.98 36.93 43.20
C GLU L 48 -38.23 37.06 44.70
N LEU L 49 -39.50 37.10 45.09
CA LEU L 49 -39.89 37.28 46.47
C LEU L 49 -40.26 35.93 47.07
N LEU L 50 -39.54 35.53 48.11
CA LEU L 50 -39.70 34.23 48.74
C LEU L 50 -39.94 34.40 50.23
N ARG L 51 -40.36 33.30 50.87
CA ARG L 51 -40.58 33.32 52.31
C ARG L 51 -39.28 33.27 53.08
N THR L 52 -38.31 32.48 52.59
CA THR L 52 -37.03 32.30 53.26
C THR L 52 -35.89 32.59 52.30
N ALA L 53 -34.93 33.38 52.75
CA ALA L 53 -33.75 33.72 51.97
C ALA L 53 -32.58 32.86 52.40
N PRO L 54 -31.99 32.06 51.52
CA PRO L 54 -30.88 31.19 51.92
C PRO L 54 -29.65 31.99 52.32
N VAL L 55 -28.82 31.37 53.15
CA VAL L 55 -27.55 31.99 53.51
C VAL L 55 -26.64 32.03 52.29
N GLY L 56 -26.16 33.22 51.97
CA GLY L 56 -25.34 33.44 50.79
C GLY L 56 -26.03 34.19 49.67
N SER L 57 -27.33 34.38 49.75
CA SER L 57 -28.05 35.11 48.70
C SER L 57 -27.83 36.61 48.83
N TYR L 58 -28.19 37.32 47.77
CA TYR L 58 -28.02 38.77 47.70
C TYR L 58 -29.38 39.42 47.46
N ASP L 59 -29.55 40.63 47.97
CA ASP L 59 -30.86 41.29 47.91
C ASP L 59 -30.96 42.30 46.78
N ARG L 60 -29.89 43.04 46.51
CA ARG L 60 -29.96 44.08 45.48
C ARG L 60 -29.09 43.72 44.28
N PRO L 61 -29.51 44.12 43.07
CA PRO L 61 -28.73 43.80 41.88
C PRO L 61 -27.37 44.48 41.80
N GLU L 62 -27.12 45.51 42.59
CA GLU L 62 -25.88 46.26 42.48
C GLU L 62 -24.69 45.57 43.14
N ALA L 63 -24.94 44.59 44.00
CA ALA L 63 -23.83 43.86 44.60
C ALA L 63 -23.27 42.79 43.66
N LEU L 64 -24.02 42.45 42.62
CA LEU L 64 -23.66 41.36 41.71
C LEU L 64 -23.39 41.87 40.31
N LEU L 65 -22.91 43.11 40.19
CA LEU L 65 -22.63 43.73 38.90
C LEU L 65 -21.13 43.87 38.71
N GLY L 66 -20.61 43.25 37.66
CA GLY L 66 -19.20 43.29 37.36
C GLY L 66 -18.40 42.13 37.92
N LYS L 67 -19.00 41.31 38.79
CA LYS L 67 -18.31 40.16 39.33
C LYS L 67 -18.35 38.99 38.34
N ARG L 68 -17.49 38.01 38.57
CA ARG L 68 -17.34 36.88 37.67
C ARG L 68 -17.87 35.60 38.31
N VAL L 69 -18.63 34.83 37.55
CA VAL L 69 -19.07 33.50 37.96
C VAL L 69 -18.01 32.49 37.53
N TRP L 70 -17.45 31.77 38.50
CA TRP L 70 -16.35 30.87 38.24
C TRP L 70 -16.80 29.46 37.91
N VAL L 71 -18.11 29.23 37.79
CA VAL L 71 -18.65 27.94 37.38
C VAL L 71 -19.98 28.21 36.68
N ALA L 72 -20.40 27.26 35.85
CA ALA L 72 -21.59 27.46 35.05
C ALA L 72 -22.83 27.55 35.93
N VAL L 73 -23.73 28.46 35.56
CA VAL L 73 -24.96 28.70 36.32
C VAL L 73 -26.18 28.44 35.44
N PRO L 74 -26.93 27.38 35.70
CA PRO L 74 -28.14 27.12 34.92
C PRO L 74 -29.22 28.17 35.19
N ALA L 75 -30.15 28.27 34.24
CA ALA L 75 -31.20 29.28 34.33
C ALA L 75 -32.12 28.99 35.52
N GLY L 76 -32.48 30.05 36.24
CA GLY L 76 -33.35 29.96 37.38
C GLY L 76 -32.67 29.65 38.70
N SER L 77 -31.37 29.38 38.68
CA SER L 77 -30.66 29.06 39.91
C SER L 77 -30.54 30.29 40.81
N ILE L 78 -30.52 30.06 42.11
CA ILE L 78 -30.32 31.13 43.07
C ILE L 78 -28.84 31.47 43.11
N LEU L 79 -28.50 32.73 42.86
CA LEU L 79 -27.11 33.15 42.86
C LEU L 79 -26.56 33.10 44.28
N SER L 80 -25.39 32.51 44.45
CA SER L 80 -24.81 32.29 45.77
C SER L 80 -23.39 32.86 45.81
N ALA L 81 -22.93 33.13 47.03
CA ALA L 81 -21.60 33.70 47.21
C ALA L 81 -20.51 32.73 46.76
N ALA L 82 -20.68 31.43 47.04
CA ALA L 82 -19.68 30.46 46.65
C ALA L 82 -19.53 30.36 45.14
N THR L 83 -20.58 30.72 44.39
CA THR L 83 -20.46 30.73 42.94
C THR L 83 -19.52 31.84 42.47
N LEU L 84 -19.28 32.85 43.30
CA LEU L 84 -18.41 33.96 42.96
C LEU L 84 -16.99 33.77 43.48
N GLU L 85 -16.58 32.53 43.71
CA GLU L 85 -15.25 32.28 44.26
C GLU L 85 -14.50 31.30 43.38
N PRO L 86 -13.18 31.40 43.32
CA PRO L 86 -12.40 30.52 42.44
C PRO L 86 -12.57 29.05 42.80
N GLY L 87 -12.61 28.22 41.79
CA GLY L 87 -12.79 26.79 41.96
C GLY L 87 -13.46 26.19 40.75
N GLY L 88 -13.43 24.86 40.69
CA GLY L 88 -14.00 24.14 39.59
C GLY L 88 -15.02 23.12 40.04
N PRO L 89 -15.72 22.50 39.10
CA PRO L 89 -16.72 21.49 39.48
C PRO L 89 -16.14 20.30 40.24
N LEU L 90 -14.90 19.92 39.92
CA LEU L 90 -14.26 18.82 40.64
C LEU L 90 -13.76 19.23 42.01
N ALA L 91 -13.37 20.50 42.19
CA ALA L 91 -12.82 20.94 43.47
C ALA L 91 -13.89 21.17 44.53
N ARG L 92 -15.16 21.12 44.17
CA ARG L 92 -16.25 21.33 45.10
C ARG L 92 -16.86 20.04 45.62
N THR L 93 -16.26 18.89 45.31
CA THR L 93 -16.79 17.59 45.73
C THR L 93 -15.76 16.76 46.50
N ILE L 94 -14.74 17.39 47.06
CA ILE L 94 -13.72 16.69 47.83
C ILE L 94 -13.49 17.43 49.14
N ARG L 95 -12.53 16.93 49.92
CA ARG L 95 -12.22 17.42 51.25
C ARG L 95 -10.76 17.87 51.31
N PRO L 96 -10.39 18.72 52.27
CA PRO L 96 -9.03 19.31 52.25
C PRO L 96 -7.90 18.31 52.36
N ASP L 97 -8.14 17.10 52.87
CA ASP L 97 -7.11 16.09 52.97
C ASP L 97 -7.16 15.06 51.83
N GLU L 98 -7.85 15.39 50.73
CA GLU L 98 -7.93 14.51 49.59
C GLU L 98 -7.57 15.28 48.33
N ARG L 99 -7.18 14.52 47.30
CA ARG L 99 -6.93 15.03 45.97
C ARG L 99 -7.78 14.25 44.98
N ALA L 100 -7.94 14.81 43.78
CA ALA L 100 -8.70 14.17 42.72
C ALA L 100 -7.74 13.84 41.58
N MET L 101 -7.66 12.57 41.19
CA MET L 101 -6.76 12.16 40.13
C MET L 101 -7.46 11.20 39.17
N ALA L 102 -7.14 11.32 37.90
CA ALA L 102 -7.79 10.56 36.85
C ALA L 102 -6.92 9.40 36.38
N ILE L 103 -7.57 8.31 35.99
CA ILE L 103 -6.93 7.13 35.44
C ILE L 103 -7.68 6.70 34.19
N ALA L 104 -6.97 5.97 33.32
CA ALA L 104 -7.55 5.48 32.07
C ALA L 104 -8.35 4.21 32.32
N VAL L 105 -9.49 4.10 31.67
CA VAL L 105 -10.45 3.04 31.94
C VAL L 105 -10.95 2.46 30.62
N ASP L 106 -11.18 1.14 30.63
CA ASP L 106 -11.91 0.46 29.55
C ASP L 106 -13.02 -0.36 30.17
N GLU L 107 -13.68 -1.20 29.37
CA GLU L 107 -14.78 -2.00 29.89
C GLU L 107 -14.28 -3.08 30.86
N VAL L 108 -13.10 -3.64 30.61
CA VAL L 108 -12.57 -4.66 31.51
C VAL L 108 -12.14 -4.03 32.84
N VAL L 109 -11.51 -2.86 32.77
CA VAL L 109 -10.95 -2.24 33.98
C VAL L 109 -12.06 -1.86 34.95
N GLY L 110 -13.08 -1.15 34.47
CA GLY L 110 -14.14 -0.74 35.38
C GLY L 110 -15.44 -1.51 35.22
N GLY L 111 -15.63 -2.52 36.08
CA GLY L 111 -16.89 -3.22 36.27
C GLY L 111 -17.78 -3.44 35.07
N GLY L 112 -17.20 -3.77 33.92
CA GLY L 112 -17.99 -3.98 32.73
C GLY L 112 -18.79 -2.79 32.28
N GLY L 113 -18.40 -1.59 32.68
CA GLY L 113 -19.16 -0.39 32.37
C GLY L 113 -20.29 -0.09 33.32
N PHE L 114 -20.37 -0.79 34.45
CA PHE L 114 -21.45 -0.62 35.41
C PHE L 114 -21.07 0.18 36.64
N VAL L 115 -19.93 0.88 36.61
CA VAL L 115 -19.49 1.68 37.74
C VAL L 115 -20.06 3.09 37.60
N LEU L 116 -20.61 3.63 38.68
CA LEU L 116 -21.20 4.95 38.73
C LEU L 116 -20.60 5.75 39.87
N PRO L 117 -20.62 7.09 39.79
CA PRO L 117 -20.07 7.90 40.87
C PRO L 117 -20.78 7.61 42.20
N GLY L 118 -20.01 7.61 43.27
CA GLY L 118 -20.50 7.24 44.58
C GLY L 118 -20.09 5.86 45.05
N ASP L 119 -19.57 5.03 44.14
CA ASP L 119 -19.13 3.70 44.51
C ASP L 119 -17.79 3.75 45.22
N TYR L 120 -17.46 2.65 45.90
CA TYR L 120 -16.17 2.47 46.54
C TYR L 120 -15.47 1.27 45.91
N VAL L 121 -14.21 1.46 45.53
CA VAL L 121 -13.48 0.46 44.75
C VAL L 121 -12.14 0.19 45.38
N ASP L 122 -11.58 -0.96 45.04
CA ASP L 122 -10.22 -1.34 45.37
C ASP L 122 -9.42 -1.38 44.08
N VAL L 123 -8.18 -0.89 44.13
CA VAL L 123 -7.32 -0.81 42.96
C VAL L 123 -6.30 -1.94 43.04
N MET L 124 -6.28 -2.78 42.00
CA MET L 124 -5.34 -3.89 41.91
C MET L 124 -4.39 -3.66 40.74
N LEU L 125 -3.14 -4.09 40.94
CA LEU L 125 -2.05 -3.83 40.00
C LEU L 125 -1.43 -5.14 39.54
N PHE L 126 -1.17 -5.23 38.24
CA PHE L 126 -0.37 -6.31 37.65
C PHE L 126 0.88 -5.69 37.04
N VAL L 127 2.05 -6.11 37.52
CA VAL L 127 3.32 -5.62 37.04
C VAL L 127 4.23 -6.81 36.78
N ARG L 128 5.19 -6.62 35.89
CA ARG L 128 6.18 -7.65 35.55
C ARG L 128 7.54 -7.12 35.98
N ASP L 129 7.96 -7.52 37.18
CA ASP L 129 9.24 -7.07 37.72
C ASP L 129 10.39 -7.55 36.84
N GLU L 130 11.39 -6.69 36.68
CA GLU L 130 12.54 -6.97 35.83
C GLU L 130 13.83 -6.68 36.60
N ARG L 131 13.88 -7.16 37.83
CA ARG L 131 15.06 -7.03 38.67
C ARG L 131 15.78 -8.37 38.76
N ASP L 132 17.05 -8.32 39.15
CA ASP L 132 17.97 -9.45 39.33
C ASP L 132 18.17 -10.27 38.05
N GLY L 133 17.74 -9.76 36.90
CA GLY L 133 17.92 -10.48 35.65
C GLY L 133 16.87 -11.51 35.33
N GLU L 134 15.78 -11.57 36.10
CA GLU L 134 14.70 -12.52 35.87
C GLU L 134 13.37 -11.80 35.94
N SER L 135 12.46 -12.11 35.03
CA SER L 135 11.17 -11.45 34.99
C SER L 135 10.11 -12.29 35.72
N THR L 136 9.34 -11.65 36.58
CA THR L 136 8.36 -12.32 37.42
C THR L 136 7.04 -11.56 37.39
N PRO L 137 5.92 -12.19 37.02
CA PRO L 137 4.62 -11.53 37.17
C PRO L 137 4.19 -11.47 38.62
N LEU L 138 3.46 -10.41 38.97
CA LEU L 138 2.99 -10.20 40.34
C LEU L 138 1.61 -9.55 40.32
N ALA L 139 0.89 -9.72 41.42
CA ALA L 139 -0.40 -9.07 41.63
C ALA L 139 -0.46 -8.55 43.06
N GLN L 140 -0.98 -7.33 43.23
CA GLN L 140 -0.96 -6.66 44.52
C GLN L 140 -2.11 -5.68 44.61
N LEU L 141 -2.62 -5.50 45.83
CA LEU L 141 -3.63 -4.49 46.15
C LEU L 141 -2.90 -3.23 46.60
N VAL L 142 -3.15 -2.11 45.91
CA VAL L 142 -2.38 -0.89 46.16
C VAL L 142 -3.21 0.13 46.92
N LEU L 143 -4.49 0.26 46.59
CA LEU L 143 -5.32 1.30 47.18
C LEU L 143 -6.69 0.74 47.55
N PRO L 144 -7.02 0.62 48.84
CA PRO L 144 -8.33 0.11 49.24
C PRO L 144 -9.35 1.21 49.48
N GLY L 145 -10.63 0.92 49.21
CA GLY L 145 -11.73 1.80 49.57
C GLY L 145 -11.62 3.23 49.10
N VAL L 146 -11.72 3.45 47.79
CA VAL L 146 -11.57 4.78 47.21
C VAL L 146 -12.89 5.18 46.57
N ARG L 147 -13.37 6.38 46.88
CA ARG L 147 -14.60 6.87 46.29
C ARG L 147 -14.38 7.27 44.84
N VAL L 148 -15.39 7.00 44.01
CA VAL L 148 -15.35 7.33 42.59
C VAL L 148 -16.07 8.66 42.39
N LEU L 149 -15.39 9.62 41.78
CA LEU L 149 -15.96 10.94 41.55
C LEU L 149 -16.56 11.11 40.15
N THR L 150 -15.90 10.58 39.11
CA THR L 150 -16.44 10.65 37.77
C THR L 150 -16.29 9.30 37.09
N TYR L 151 -17.21 8.99 36.19
CA TYR L 151 -17.08 7.89 35.25
C TYR L 151 -17.66 8.36 33.92
N GLY L 152 -16.79 8.63 32.95
CA GLY L 152 -17.21 9.23 31.71
C GLY L 152 -17.60 10.68 31.89
N GLU L 153 -18.81 11.03 31.48
CA GLU L 153 -19.30 12.40 31.59
C GLU L 153 -20.25 12.59 32.77
N ARG L 154 -20.11 11.77 33.81
CA ARG L 154 -20.96 11.84 35.00
C ARG L 154 -20.11 12.21 36.19
N ILE L 155 -20.63 13.09 37.05
CA ILE L 155 -19.89 13.61 38.19
C ILE L 155 -20.72 13.42 39.45
N ALA L 156 -20.04 13.46 40.60
CA ALA L 156 -20.70 13.31 41.89
C ALA L 156 -21.39 14.61 42.28
N VAL L 157 -22.22 14.52 43.31
CA VAL L 157 -22.97 15.65 43.85
C VAL L 157 -22.29 16.06 45.14
N GLY L 158 -21.89 17.33 45.22
CA GLY L 158 -21.18 17.85 46.37
C GLY L 158 -22.10 18.47 47.40
N SER L 159 -21.49 19.20 48.33
CA SER L 159 -22.26 19.82 49.41
C SER L 159 -23.19 20.90 48.90
N ASP L 160 -22.90 21.48 47.73
CA ASP L 160 -23.76 22.51 47.18
C ASP L 160 -25.06 21.94 46.62
N GLY L 161 -25.14 20.63 46.43
CA GLY L 161 -26.37 20.03 45.95
C GLY L 161 -26.66 20.24 44.49
N GLN L 162 -25.64 20.40 43.66
CA GLN L 162 -25.81 20.62 42.23
C GLN L 162 -25.10 19.52 41.44
N ASP L 163 -25.76 19.05 40.38
CA ASP L 163 -25.20 18.03 39.50
C ASP L 163 -24.68 18.71 38.24
N ARG L 164 -23.38 18.57 38.00
CA ARG L 164 -22.73 19.18 36.84
C ARG L 164 -22.17 18.07 35.97
N SER L 165 -23.02 17.51 35.11
CA SER L 165 -22.67 16.40 34.24
C SER L 165 -22.85 16.82 32.80
N ASN L 166 -21.87 16.48 31.96
CA ASN L 166 -21.90 16.85 30.55
C ASN L 166 -22.92 15.99 29.82
N GLN L 167 -24.08 16.57 29.53
CA GLN L 167 -25.10 15.89 28.75
C GLN L 167 -24.84 16.11 27.27
N GLU L 168 -24.64 15.03 26.53
CA GLU L 168 -24.38 15.09 25.10
C GLU L 168 -25.22 14.04 24.40
N LYS L 169 -25.53 14.28 23.12
CA LYS L 169 -26.35 13.34 22.37
C LYS L 169 -25.59 12.06 22.05
N ASP L 170 -24.47 12.19 21.33
CA ASP L 170 -23.62 11.05 21.04
C ASP L 170 -22.92 10.54 22.30
N PRO L 171 -23.31 9.36 22.81
CA PRO L 171 -22.81 8.93 24.12
C PRO L 171 -21.32 8.72 24.18
N ARG L 172 -20.80 7.84 23.31
CA ARG L 172 -19.40 7.44 23.24
C ARG L 172 -19.00 6.64 24.48
N PRO L 173 -18.20 5.58 24.32
CA PRO L 173 -17.78 4.81 25.48
C PRO L 173 -16.90 5.64 26.39
N PRO L 174 -16.97 5.42 27.70
CA PRO L 174 -16.12 6.18 28.63
C PRO L 174 -14.65 5.85 28.44
N ARG L 175 -13.78 6.80 28.77
CA ARG L 175 -12.34 6.66 28.61
C ARG L 175 -11.53 7.00 29.85
N THR L 176 -12.11 7.69 30.82
CA THR L 176 -11.37 8.11 32.00
C THR L 176 -12.27 8.02 33.23
N ALA L 177 -11.64 7.92 34.40
CA ALA L 177 -12.36 7.93 35.66
C ALA L 177 -11.52 8.63 36.72
N VAL L 178 -12.15 9.51 37.50
CA VAL L 178 -11.47 10.30 38.52
C VAL L 178 -11.80 9.73 39.88
N LEU L 179 -10.76 9.56 40.71
CA LEU L 179 -10.86 9.02 42.04
C LEU L 179 -10.41 10.05 43.07
N ALA L 180 -10.97 9.93 44.27
CA ALA L 180 -10.63 10.77 45.41
C ALA L 180 -9.61 10.03 46.26
N VAL L 181 -8.35 10.43 46.13
CA VAL L 181 -7.22 9.73 46.76
C VAL L 181 -6.82 10.50 48.01
N PRO L 182 -6.43 9.82 49.09
CA PRO L 182 -5.80 10.54 50.21
C PRO L 182 -4.50 11.20 49.81
N GLU L 183 -4.01 12.13 50.63
CA GLU L 183 -2.81 12.88 50.27
C GLU L 183 -1.60 11.98 50.12
N ASP L 184 -1.43 11.01 51.02
CA ASP L 184 -0.23 10.19 51.05
C ASP L 184 -0.20 9.14 49.95
N GLY L 185 -1.31 8.89 49.25
CA GLY L 185 -1.37 7.85 48.26
C GLY L 185 -1.24 8.27 46.81
N VAL L 186 -1.26 9.57 46.52
CA VAL L 186 -1.29 10.04 45.15
C VAL L 186 -0.12 9.48 44.35
N ALA L 187 1.09 9.56 44.91
CA ALA L 187 2.26 9.04 44.22
C ALA L 187 2.10 7.55 43.93
N ARG L 188 1.57 6.79 44.89
CA ARG L 188 1.38 5.37 44.69
C ARG L 188 0.41 5.10 43.55
N LEU L 189 -0.53 6.02 43.30
CA LEU L 189 -1.44 5.84 42.18
C LEU L 189 -0.76 6.12 40.85
N MET L 190 0.25 6.99 40.84
CA MET L 190 0.97 7.27 39.60
C MET L 190 1.77 6.06 39.16
N LEU L 191 2.61 5.53 40.04
CA LEU L 191 3.50 4.42 39.70
C LEU L 191 2.70 3.25 39.14
N ALA L 192 1.70 2.79 39.89
CA ALA L 192 0.92 1.64 39.46
C ALA L 192 0.21 1.90 38.14
N SER L 193 -0.08 3.16 37.83
CA SER L 193 -0.77 3.48 36.58
C SER L 193 0.17 3.34 35.40
N GLN L 194 1.47 3.58 35.60
CA GLN L 194 2.39 3.58 34.49
C GLN L 194 3.32 2.36 34.51
N ALA L 195 3.54 1.77 35.68
CA ALA L 195 4.42 0.61 35.76
C ALA L 195 3.76 -0.65 35.22
N GLY L 196 2.45 -0.75 35.31
CA GLY L 196 1.74 -1.94 34.88
C GLY L 196 0.30 -1.66 34.52
N SER L 197 -0.55 -2.65 34.79
CA SER L 197 -1.98 -2.56 34.47
C SER L 197 -2.80 -2.49 35.76
N LEU L 198 -3.93 -1.81 35.68
CA LEU L 198 -4.80 -1.57 36.83
C LEU L 198 -6.18 -2.16 36.58
N ARG L 199 -6.81 -2.63 37.66
CA ARG L 199 -8.20 -3.05 37.62
C ARG L 199 -8.91 -2.61 38.89
N LEU L 200 -10.24 -2.46 38.79
CA LEU L 200 -11.06 -2.01 39.89
C LEU L 200 -11.97 -3.14 40.37
N ALA L 201 -12.02 -3.34 41.69
CA ALA L 201 -12.90 -4.32 42.31
C ALA L 201 -13.94 -3.56 43.14
N ILE L 202 -15.22 -3.83 42.86
CA ILE L 202 -16.30 -3.07 43.50
C ILE L 202 -16.64 -3.68 44.85
N ARG L 203 -16.84 -2.83 45.84
CA ARG L 203 -17.20 -3.22 47.19
C ARG L 203 -18.70 -3.11 47.40
N SER L 204 -19.20 -3.80 48.41
CA SER L 204 -20.64 -3.93 48.63
C SER L 204 -21.24 -2.65 49.20
N LYS L 205 -22.53 -2.46 48.94
CA LYS L 205 -23.26 -1.34 49.52
C LYS L 205 -23.59 -1.55 50.99
N ASP L 206 -23.76 -2.80 51.41
CA ASP L 206 -24.13 -3.10 52.79
C ASP L 206 -23.06 -2.74 53.80
N GLU L 207 -21.83 -2.46 53.36
CA GLU L 207 -20.79 -2.00 54.28
C GLU L 207 -21.01 -0.57 54.74
N GLU L 208 -21.83 0.20 54.03
CA GLU L 208 -22.19 1.56 54.43
C GLU L 208 -20.96 2.43 54.62
N LEU L 209 -20.02 2.34 53.68
CA LEU L 209 -18.83 3.18 53.75
C LEU L 209 -19.16 4.66 53.52
N TYR L 210 -20.15 4.93 52.66
CA TYR L 210 -20.56 6.31 52.41
C TYR L 210 -21.08 6.96 53.69
N ARG L 211 -21.92 6.24 54.43
CA ARG L 211 -22.46 6.76 55.68
C ARG L 211 -21.35 7.02 56.68
N ARG L 212 -20.40 6.09 56.79
CA ARG L 212 -19.29 6.27 57.71
C ARG L 212 -18.43 7.47 57.32
N GLU L 213 -18.25 7.70 56.01
CA GLU L 213 -17.50 8.87 55.57
C GLU L 213 -18.27 10.16 55.83
N GLN L 214 -19.60 10.10 55.86
CA GLN L 214 -20.39 11.29 56.13
C GLN L 214 -20.40 11.64 57.62
N GLU L 215 -19.83 10.77 58.45
CA GLU L 215 -19.63 11.08 59.85
C GLU L 215 -18.15 11.23 60.16
N SER L 227 -0.47 -5.23 51.47
CA SER L 227 -0.74 -6.65 51.26
C SER L 227 0.46 -7.34 50.62
N ALA L 228 0.68 -8.60 50.98
CA ALA L 228 1.77 -9.36 50.40
C ALA L 228 1.53 -9.63 48.93
N ALA L 229 2.57 -9.47 48.12
CA ALA L 229 2.45 -9.71 46.69
C ALA L 229 2.33 -11.20 46.39
N LEU L 230 1.57 -11.52 45.36
CA LEU L 230 1.32 -12.90 44.94
C LEU L 230 2.03 -13.17 43.62
N SER L 231 2.86 -14.20 43.59
CA SER L 231 3.61 -14.58 42.41
C SER L 231 3.04 -15.85 41.79
N LEU L 232 3.47 -16.13 40.57
CA LEU L 232 3.02 -17.33 39.87
C LEU L 232 3.50 -18.60 40.56
N ASP L 233 4.60 -18.54 41.30
CA ASP L 233 5.06 -19.70 42.05
C ASP L 233 4.06 -20.08 43.13
N GLN L 234 3.50 -19.09 43.82
CA GLN L 234 2.54 -19.37 44.88
C GLN L 234 1.17 -19.73 44.30
N LEU L 235 0.88 -19.29 43.08
CA LEU L 235 -0.37 -19.68 42.44
C LEU L 235 -0.28 -21.12 41.91
N LEU L 236 0.68 -21.37 41.02
CA LEU L 236 0.89 -22.70 40.46
C LEU L 236 1.54 -23.57 41.51
N GLU L 237 0.71 -24.31 42.24
CA GLU L 237 1.17 -25.26 43.27
C GLU L 237 2.24 -24.70 44.19
#